data_6QUR
# 
_entry.id   6QUR 
# 
_audit_conform.dict_name       mmcif_pdbx.dic 
_audit_conform.dict_version    5.398 
_audit_conform.dict_location   http://mmcif.pdb.org/dictionaries/ascii/mmcif_pdbx.dic 
# 
loop_
_database_2.database_id 
_database_2.database_code 
_database_2.pdbx_database_accession 
_database_2.pdbx_DOI 
PDB   6QUR         pdb_00006qur 10.2210/pdb6qur/pdb 
WWPDB D_1292100901 ?            ?                   
# 
loop_
_pdbx_audit_revision_history.ordinal 
_pdbx_audit_revision_history.data_content_type 
_pdbx_audit_revision_history.major_revision 
_pdbx_audit_revision_history.minor_revision 
_pdbx_audit_revision_history.revision_date 
1 'Structure model' 1 0 2019-06-05 
2 'Structure model' 1 1 2019-07-10 
3 'Structure model' 1 2 2019-09-25 
4 'Structure model' 1 3 2024-11-13 
# 
_pdbx_audit_revision_details.ordinal             1 
_pdbx_audit_revision_details.revision_ordinal    1 
_pdbx_audit_revision_details.data_content_type   'Structure model' 
_pdbx_audit_revision_details.provider            repository 
_pdbx_audit_revision_details.type                'Initial release' 
_pdbx_audit_revision_details.description         ? 
_pdbx_audit_revision_details.details             ? 
# 
loop_
_pdbx_audit_revision_group.ordinal 
_pdbx_audit_revision_group.revision_ordinal 
_pdbx_audit_revision_group.data_content_type 
_pdbx_audit_revision_group.group 
1 2 'Structure model' 'Data collection'     
2 2 'Structure model' 'Database references' 
3 3 'Structure model' 'Data collection'     
4 4 'Structure model' 'Data collection'     
5 4 'Structure model' 'Database references' 
6 4 'Structure model' 'Structure summary'   
# 
loop_
_pdbx_audit_revision_category.ordinal 
_pdbx_audit_revision_category.revision_ordinal 
_pdbx_audit_revision_category.data_content_type 
_pdbx_audit_revision_category.category 
1 2 'Structure model' citation                  
2 2 'Structure model' pdbx_database_proc        
3 3 'Structure model' reflns                    
4 4 'Structure model' chem_comp_atom            
5 4 'Structure model' chem_comp_bond            
6 4 'Structure model' database_2                
7 4 'Structure model' pdbx_entry_details        
8 4 'Structure model' pdbx_modification_feature 
# 
loop_
_pdbx_audit_revision_item.ordinal 
_pdbx_audit_revision_item.revision_ordinal 
_pdbx_audit_revision_item.data_content_type 
_pdbx_audit_revision_item.item 
1 2 'Structure model' '_citation.journal_volume'            
2 2 'Structure model' '_citation.page_first'                
3 2 'Structure model' '_citation.page_last'                 
4 3 'Structure model' '_reflns.pdbx_Rrim_I_all'             
5 4 'Structure model' '_database_2.pdbx_DOI'                
6 4 'Structure model' '_database_2.pdbx_database_accession' 
# 
_pdbx_database_status.status_code                     REL 
_pdbx_database_status.status_code_sf                  REL 
_pdbx_database_status.status_code_mr                  ? 
_pdbx_database_status.entry_id                        6QUR 
_pdbx_database_status.recvd_initial_deposition_date   2019-02-28 
_pdbx_database_status.SG_entry                        N 
_pdbx_database_status.deposit_site                    PDBE 
_pdbx_database_status.process_site                    PDBE 
_pdbx_database_status.status_code_cs                  ? 
_pdbx_database_status.methods_development_category    ? 
_pdbx_database_status.pdb_format_compatible           Y 
_pdbx_database_status.status_code_nmr_data            ? 
# 
loop_
_audit_author.name 
_audit_author.pdbx_ordinal 
_audit_author.identifier_ORCID 
'Semmelmann, F.' 1 ? 
'Straub, K.'     2 ? 
'Rajendran, C.'  3 ? 
'Nazet, J.'      4 ? 
# 
_citation.abstract                  ? 
_citation.abstract_id_CAS           ? 
_citation.book_id_ISBN              ? 
_citation.book_publisher            ? 
_citation.book_publisher_city       ? 
_citation.book_title                ? 
_citation.coordinate_linkage        ? 
_citation.country                   UK 
_citation.database_id_Medline       ? 
_citation.details                   ? 
_citation.id                        primary 
_citation.journal_abbrev            J.Mol.Biol. 
_citation.journal_id_ASTM           JMOBAK 
_citation.journal_id_CSD            0070 
_citation.journal_id_ISSN           1089-8638 
_citation.journal_full              ? 
_citation.journal_issue             ? 
_citation.journal_volume            431 
_citation.language                  ? 
_citation.page_first                2718 
_citation.page_last                 2728 
_citation.title                     'Mapping the Allosteric Communication Network of Aminodeoxychorismate Synthase.' 
_citation.year                      2019 
_citation.database_id_CSD           ? 
_citation.pdbx_database_id_DOI      10.1016/j.jmb.2019.05.021 
_citation.pdbx_database_id_PubMed   31121180 
_citation.unpublished_flag          ? 
# 
loop_
_citation_author.citation_id 
_citation_author.name 
_citation_author.ordinal 
_citation_author.identifier_ORCID 
primary 'Semmelmann, F.' 1 ? 
primary 'Straub, K.'     2 ? 
primary 'Nazet, J.'      3 ? 
primary 'Rajendran, C.'  4 ? 
primary 'Merkl, R.'      5 ? 
primary 'Sterner, R.'    6 ? 
# 
loop_
_entity.id 
_entity.type 
_entity.src_method 
_entity.pdbx_description 
_entity.formula_weight 
_entity.pdbx_number_of_molecules 
_entity.pdbx_ec 
_entity.pdbx_mutation 
_entity.pdbx_fragment 
_entity.details 
1 polymer man Glutaminase 22321.461 1   ? ? ? ? 
2 water   nat water       18.015    113 ? ? ? ? 
# 
_entity_poly.entity_id                      1 
_entity_poly.type                           'polypeptide(L)' 
_entity_poly.nstd_linkage                   no 
_entity_poly.nstd_monomer                   no 
_entity_poly.pdbx_seq_one_letter_code       
;MILMIDNYDSFTYNLVQYLGELGEEVVVYRNDEITIAEIEKLKPDHLVISPGPCTPNEAGISLEVIKHFAGKIPILGVCL
GHQSIGQAFGGKIVRAKQVMHGKTSEIYHNNKGVFKGLNNPFEATRYHSLVVERETLPDCLEITAWTETDEGEIMGIRHK
TLPIEGVQFHPESILTEQGHELLKNFLKELEHHHHHH
;
_entity_poly.pdbx_seq_one_letter_code_can   
;MILMIDNYDSFTYNLVQYLGELGEEVVVYRNDEITIAEIEKLKPDHLVISPGPCTPNEAGISLEVIKHFAGKIPILGVCL
GHQSIGQAFGGKIVRAKQVMHGKTSEIYHNNKGVFKGLNNPFEATRYHSLVVERETLPDCLEITAWTETDEGEIMGIRHK
TLPIEGVQFHPESILTEQGHELLKNFLKELEHHHHHH
;
_entity_poly.pdbx_strand_id                 A 
_entity_poly.pdbx_target_identifier         ? 
# 
_pdbx_entity_nonpoly.entity_id   2 
_pdbx_entity_nonpoly.name        water 
_pdbx_entity_nonpoly.comp_id     HOH 
# 
loop_
_entity_poly_seq.entity_id 
_entity_poly_seq.num 
_entity_poly_seq.mon_id 
_entity_poly_seq.hetero 
1 1   MET n 
1 2   ILE n 
1 3   LEU n 
1 4   MET n 
1 5   ILE n 
1 6   ASP n 
1 7   ASN n 
1 8   TYR n 
1 9   ASP n 
1 10  SER n 
1 11  PHE n 
1 12  THR n 
1 13  TYR n 
1 14  ASN n 
1 15  LEU n 
1 16  VAL n 
1 17  GLN n 
1 18  TYR n 
1 19  LEU n 
1 20  GLY n 
1 21  GLU n 
1 22  LEU n 
1 23  GLY n 
1 24  GLU n 
1 25  GLU n 
1 26  VAL n 
1 27  VAL n 
1 28  VAL n 
1 29  TYR n 
1 30  ARG n 
1 31  ASN n 
1 32  ASP n 
1 33  GLU n 
1 34  ILE n 
1 35  THR n 
1 36  ILE n 
1 37  ALA n 
1 38  GLU n 
1 39  ILE n 
1 40  GLU n 
1 41  LYS n 
1 42  LEU n 
1 43  LYS n 
1 44  PRO n 
1 45  ASP n 
1 46  HIS n 
1 47  LEU n 
1 48  VAL n 
1 49  ILE n 
1 50  SER n 
1 51  PRO n 
1 52  GLY n 
1 53  PRO n 
1 54  CYS n 
1 55  THR n 
1 56  PRO n 
1 57  ASN n 
1 58  GLU n 
1 59  ALA n 
1 60  GLY n 
1 61  ILE n 
1 62  SER n 
1 63  LEU n 
1 64  GLU n 
1 65  VAL n 
1 66  ILE n 
1 67  LYS n 
1 68  HIS n 
1 69  PHE n 
1 70  ALA n 
1 71  GLY n 
1 72  LYS n 
1 73  ILE n 
1 74  PRO n 
1 75  ILE n 
1 76  LEU n 
1 77  GLY n 
1 78  VAL n 
1 79  CYS n 
1 80  LEU n 
1 81  GLY n 
1 82  HIS n 
1 83  GLN n 
1 84  SER n 
1 85  ILE n 
1 86  GLY n 
1 87  GLN n 
1 88  ALA n 
1 89  PHE n 
1 90  GLY n 
1 91  GLY n 
1 92  LYS n 
1 93  ILE n 
1 94  VAL n 
1 95  ARG n 
1 96  ALA n 
1 97  LYS n 
1 98  GLN n 
1 99  VAL n 
1 100 MET n 
1 101 HIS n 
1 102 GLY n 
1 103 LYS n 
1 104 THR n 
1 105 SER n 
1 106 GLU n 
1 107 ILE n 
1 108 TYR n 
1 109 HIS n 
1 110 ASN n 
1 111 ASN n 
1 112 LYS n 
1 113 GLY n 
1 114 VAL n 
1 115 PHE n 
1 116 LYS n 
1 117 GLY n 
1 118 LEU n 
1 119 ASN n 
1 120 ASN n 
1 121 PRO n 
1 122 PHE n 
1 123 GLU n 
1 124 ALA n 
1 125 THR n 
1 126 ARG n 
1 127 TYR n 
1 128 HIS n 
1 129 SER n 
1 130 LEU n 
1 131 VAL n 
1 132 VAL n 
1 133 GLU n 
1 134 ARG n 
1 135 GLU n 
1 136 THR n 
1 137 LEU n 
1 138 PRO n 
1 139 ASP n 
1 140 CYS n 
1 141 LEU n 
1 142 GLU n 
1 143 ILE n 
1 144 THR n 
1 145 ALA n 
1 146 TRP n 
1 147 THR n 
1 148 GLU n 
1 149 THR n 
1 150 ASP n 
1 151 GLU n 
1 152 GLY n 
1 153 GLU n 
1 154 ILE n 
1 155 MET n 
1 156 GLY n 
1 157 ILE n 
1 158 ARG n 
1 159 HIS n 
1 160 LYS n 
1 161 THR n 
1 162 LEU n 
1 163 PRO n 
1 164 ILE n 
1 165 GLU n 
1 166 GLY n 
1 167 VAL n 
1 168 GLN n 
1 169 PHE n 
1 170 HIS n 
1 171 PRO n 
1 172 GLU n 
1 173 SER n 
1 174 ILE n 
1 175 LEU n 
1 176 THR n 
1 177 GLU n 
1 178 GLN n 
1 179 GLY n 
1 180 HIS n 
1 181 GLU n 
1 182 LEU n 
1 183 LEU n 
1 184 LYS n 
1 185 ASN n 
1 186 PHE n 
1 187 LEU n 
1 188 LYS n 
1 189 GLU n 
1 190 LEU n 
1 191 GLU n 
1 192 HIS n 
1 193 HIS n 
1 194 HIS n 
1 195 HIS n 
1 196 HIS n 
1 197 HIS n 
# 
_entity_src_gen.entity_id                          1 
_entity_src_gen.pdbx_src_id                        1 
_entity_src_gen.pdbx_alt_source_flag               sample 
_entity_src_gen.pdbx_seq_type                      'Biological sequence' 
_entity_src_gen.pdbx_beg_seq_num                   1 
_entity_src_gen.pdbx_end_seq_num                   197 
_entity_src_gen.gene_src_common_name               ? 
_entity_src_gen.gene_src_genus                     ? 
_entity_src_gen.pdbx_gene_src_gene                 ? 
_entity_src_gen.gene_src_species                   ? 
_entity_src_gen.gene_src_strain                    ? 
_entity_src_gen.gene_src_tissue                    ? 
_entity_src_gen.gene_src_tissue_fraction           ? 
_entity_src_gen.gene_src_details                   ? 
_entity_src_gen.pdbx_gene_src_fragment             ? 
_entity_src_gen.pdbx_gene_src_scientific_name      'synthetic construct' 
_entity_src_gen.pdbx_gene_src_ncbi_taxonomy_id     32630 
_entity_src_gen.pdbx_gene_src_variant              ? 
_entity_src_gen.pdbx_gene_src_cell_line            ? 
_entity_src_gen.pdbx_gene_src_atcc                 ? 
_entity_src_gen.pdbx_gene_src_organ                ? 
_entity_src_gen.pdbx_gene_src_organelle            ? 
_entity_src_gen.pdbx_gene_src_cell                 ? 
_entity_src_gen.pdbx_gene_src_cellular_location    ? 
_entity_src_gen.host_org_common_name               ? 
_entity_src_gen.pdbx_host_org_scientific_name      'Escherichia coli' 
_entity_src_gen.pdbx_host_org_ncbi_taxonomy_id     562 
_entity_src_gen.host_org_genus                     ? 
_entity_src_gen.pdbx_host_org_gene                 ? 
_entity_src_gen.pdbx_host_org_organ                ? 
_entity_src_gen.host_org_species                   ? 
_entity_src_gen.pdbx_host_org_tissue               ? 
_entity_src_gen.pdbx_host_org_tissue_fraction      ? 
_entity_src_gen.pdbx_host_org_strain               ? 
_entity_src_gen.pdbx_host_org_variant              ? 
_entity_src_gen.pdbx_host_org_cell_line            ? 
_entity_src_gen.pdbx_host_org_atcc                 ? 
_entity_src_gen.pdbx_host_org_culture_collection   ? 
_entity_src_gen.pdbx_host_org_cell                 ? 
_entity_src_gen.pdbx_host_org_organelle            ? 
_entity_src_gen.pdbx_host_org_cellular_location    ? 
_entity_src_gen.pdbx_host_org_vector_type          ? 
_entity_src_gen.pdbx_host_org_vector               ? 
_entity_src_gen.host_org_details                   ? 
_entity_src_gen.expression_system_id               ? 
_entity_src_gen.plasmid_name                       ? 
_entity_src_gen.plasmid_details                    ? 
_entity_src_gen.pdbx_description                   ? 
# 
loop_
_chem_comp.id 
_chem_comp.type 
_chem_comp.mon_nstd_flag 
_chem_comp.name 
_chem_comp.pdbx_synonyms 
_chem_comp.formula 
_chem_comp.formula_weight 
ALA 'L-peptide linking' y ALANINE         ? 'C3 H7 N O2'     89.093  
ARG 'L-peptide linking' y ARGININE        ? 'C6 H15 N4 O2 1' 175.209 
ASN 'L-peptide linking' y ASPARAGINE      ? 'C4 H8 N2 O3'    132.118 
ASP 'L-peptide linking' y 'ASPARTIC ACID' ? 'C4 H7 N O4'     133.103 
CYS 'L-peptide linking' y CYSTEINE        ? 'C3 H7 N O2 S'   121.158 
GLN 'L-peptide linking' y GLUTAMINE       ? 'C5 H10 N2 O3'   146.144 
GLU 'L-peptide linking' y 'GLUTAMIC ACID' ? 'C5 H9 N O4'     147.129 
GLY 'peptide linking'   y GLYCINE         ? 'C2 H5 N O2'     75.067  
HIS 'L-peptide linking' y HISTIDINE       ? 'C6 H10 N3 O2 1' 156.162 
HOH non-polymer         . WATER           ? 'H2 O'           18.015  
ILE 'L-peptide linking' y ISOLEUCINE      ? 'C6 H13 N O2'    131.173 
LEU 'L-peptide linking' y LEUCINE         ? 'C6 H13 N O2'    131.173 
LYS 'L-peptide linking' y LYSINE          ? 'C6 H15 N2 O2 1' 147.195 
MET 'L-peptide linking' y METHIONINE      ? 'C5 H11 N O2 S'  149.211 
PHE 'L-peptide linking' y PHENYLALANINE   ? 'C9 H11 N O2'    165.189 
PRO 'L-peptide linking' y PROLINE         ? 'C5 H9 N O2'     115.130 
SER 'L-peptide linking' y SERINE          ? 'C3 H7 N O3'     105.093 
THR 'L-peptide linking' y THREONINE       ? 'C4 H9 N O3'     119.119 
TRP 'L-peptide linking' y TRYPTOPHAN      ? 'C11 H12 N2 O2'  204.225 
TYR 'L-peptide linking' y TYROSINE        ? 'C9 H11 N O3'    181.189 
VAL 'L-peptide linking' y VALINE          ? 'C5 H11 N O2'    117.146 
# 
loop_
_pdbx_poly_seq_scheme.asym_id 
_pdbx_poly_seq_scheme.entity_id 
_pdbx_poly_seq_scheme.seq_id 
_pdbx_poly_seq_scheme.mon_id 
_pdbx_poly_seq_scheme.ndb_seq_num 
_pdbx_poly_seq_scheme.pdb_seq_num 
_pdbx_poly_seq_scheme.auth_seq_num 
_pdbx_poly_seq_scheme.pdb_mon_id 
_pdbx_poly_seq_scheme.auth_mon_id 
_pdbx_poly_seq_scheme.pdb_strand_id 
_pdbx_poly_seq_scheme.pdb_ins_code 
_pdbx_poly_seq_scheme.hetero 
A 1 1   MET 1   1   1   MET MET A . n 
A 1 2   ILE 2   2   2   ILE ILE A . n 
A 1 3   LEU 3   3   3   LEU LEU A . n 
A 1 4   MET 4   4   4   MET MET A . n 
A 1 5   ILE 5   5   5   ILE ILE A . n 
A 1 6   ASP 6   6   6   ASP ASP A . n 
A 1 7   ASN 7   7   7   ASN ASN A . n 
A 1 8   TYR 8   8   8   TYR TYR A . n 
A 1 9   ASP 9   9   9   ASP ASP A . n 
A 1 10  SER 10  10  10  SER SER A . n 
A 1 11  PHE 11  11  11  PHE PHE A . n 
A 1 12  THR 12  12  12  THR THR A . n 
A 1 13  TYR 13  13  13  TYR TYR A . n 
A 1 14  ASN 14  14  14  ASN ASN A . n 
A 1 15  LEU 15  15  15  LEU LEU A . n 
A 1 16  VAL 16  16  16  VAL VAL A . n 
A 1 17  GLN 17  17  17  GLN GLN A . n 
A 1 18  TYR 18  18  18  TYR TYR A . n 
A 1 19  LEU 19  19  19  LEU LEU A . n 
A 1 20  GLY 20  20  20  GLY GLY A . n 
A 1 21  GLU 21  21  21  GLU GLU A . n 
A 1 22  LEU 22  22  22  LEU LEU A . n 
A 1 23  GLY 23  23  23  GLY GLY A . n 
A 1 24  GLU 24  24  24  GLU GLU A . n 
A 1 25  GLU 25  25  25  GLU GLU A . n 
A 1 26  VAL 26  26  26  VAL VAL A . n 
A 1 27  VAL 27  27  27  VAL VAL A . n 
A 1 28  VAL 28  28  28  VAL VAL A . n 
A 1 29  TYR 29  29  29  TYR TYR A . n 
A 1 30  ARG 30  30  30  ARG ARG A . n 
A 1 31  ASN 31  31  31  ASN ASN A . n 
A 1 32  ASP 32  32  32  ASP ASP A . n 
A 1 33  GLU 33  33  33  GLU GLU A . n 
A 1 34  ILE 34  34  34  ILE ILE A . n 
A 1 35  THR 35  35  35  THR THR A . n 
A 1 36  ILE 36  36  36  ILE ILE A . n 
A 1 37  ALA 37  37  37  ALA ALA A . n 
A 1 38  GLU 38  38  38  GLU GLU A . n 
A 1 39  ILE 39  39  39  ILE ILE A . n 
A 1 40  GLU 40  40  40  GLU GLU A . n 
A 1 41  LYS 41  41  41  LYS LYS A . n 
A 1 42  LEU 42  42  42  LEU LEU A . n 
A 1 43  LYS 43  43  43  LYS LYS A . n 
A 1 44  PRO 44  44  44  PRO PRO A . n 
A 1 45  ASP 45  45  45  ASP ASP A . n 
A 1 46  HIS 46  46  46  HIS HIS A . n 
A 1 47  LEU 47  47  47  LEU LEU A . n 
A 1 48  VAL 48  48  48  VAL VAL A . n 
A 1 49  ILE 49  49  49  ILE ILE A . n 
A 1 50  SER 50  50  50  SER SER A . n 
A 1 51  PRO 51  51  51  PRO PRO A . n 
A 1 52  GLY 52  52  52  GLY GLY A . n 
A 1 53  PRO 53  53  53  PRO PRO A . n 
A 1 54  CYS 54  54  54  CYS CYS A . n 
A 1 55  THR 55  55  55  THR THR A . n 
A 1 56  PRO 56  56  56  PRO PRO A . n 
A 1 57  ASN 57  57  57  ASN ASN A . n 
A 1 58  GLU 58  58  58  GLU GLU A . n 
A 1 59  ALA 59  59  59  ALA ALA A . n 
A 1 60  GLY 60  60  60  GLY GLY A . n 
A 1 61  ILE 61  61  61  ILE ILE A . n 
A 1 62  SER 62  62  62  SER SER A . n 
A 1 63  LEU 63  63  63  LEU LEU A . n 
A 1 64  GLU 64  64  64  GLU GLU A . n 
A 1 65  VAL 65  65  65  VAL VAL A . n 
A 1 66  ILE 66  66  66  ILE ILE A . n 
A 1 67  LYS 67  67  67  LYS LYS A . n 
A 1 68  HIS 68  68  68  HIS HIS A . n 
A 1 69  PHE 69  69  69  PHE PHE A . n 
A 1 70  ALA 70  70  70  ALA ALA A . n 
A 1 71  GLY 71  71  71  GLY GLY A . n 
A 1 72  LYS 72  72  72  LYS LYS A . n 
A 1 73  ILE 73  73  73  ILE ILE A . n 
A 1 74  PRO 74  74  74  PRO PRO A . n 
A 1 75  ILE 75  75  75  ILE ILE A . n 
A 1 76  LEU 76  76  76  LEU LEU A . n 
A 1 77  GLY 77  77  77  GLY GLY A . n 
A 1 78  VAL 78  78  78  VAL VAL A . n 
A 1 79  CYS 79  79  79  CYS CYS A . n 
A 1 80  LEU 80  80  80  LEU LEU A . n 
A 1 81  GLY 81  81  81  GLY GLY A . n 
A 1 82  HIS 82  82  82  HIS HIS A . n 
A 1 83  GLN 83  83  83  GLN GLN A . n 
A 1 84  SER 84  84  84  SER SER A . n 
A 1 85  ILE 85  85  85  ILE ILE A . n 
A 1 86  GLY 86  86  86  GLY GLY A . n 
A 1 87  GLN 87  87  87  GLN GLN A . n 
A 1 88  ALA 88  88  88  ALA ALA A . n 
A 1 89  PHE 89  89  89  PHE PHE A . n 
A 1 90  GLY 90  90  90  GLY GLY A . n 
A 1 91  GLY 91  91  91  GLY GLY A . n 
A 1 92  LYS 92  92  92  LYS LYS A . n 
A 1 93  ILE 93  93  93  ILE ILE A . n 
A 1 94  VAL 94  94  94  VAL VAL A . n 
A 1 95  ARG 95  95  95  ARG ARG A . n 
A 1 96  ALA 96  96  96  ALA ALA A . n 
A 1 97  LYS 97  97  97  LYS LYS A . n 
A 1 98  GLN 98  98  98  GLN GLN A . n 
A 1 99  VAL 99  99  99  VAL VAL A . n 
A 1 100 MET 100 100 100 MET MET A . n 
A 1 101 HIS 101 101 101 HIS HIS A . n 
A 1 102 GLY 102 102 102 GLY GLY A . n 
A 1 103 LYS 103 103 103 LYS LYS A . n 
A 1 104 THR 104 104 104 THR THR A . n 
A 1 105 SER 105 105 105 SER SER A . n 
A 1 106 GLU 106 106 106 GLU GLU A . n 
A 1 107 ILE 107 107 107 ILE ILE A . n 
A 1 108 TYR 108 108 108 TYR TYR A . n 
A 1 109 HIS 109 109 109 HIS HIS A . n 
A 1 110 ASN 110 110 110 ASN ASN A . n 
A 1 111 ASN 111 111 111 ASN ASN A . n 
A 1 112 LYS 112 112 112 LYS LYS A . n 
A 1 113 GLY 113 113 113 GLY GLY A . n 
A 1 114 VAL 114 114 114 VAL VAL A . n 
A 1 115 PHE 115 115 115 PHE PHE A . n 
A 1 116 LYS 116 116 116 LYS LYS A . n 
A 1 117 GLY 117 117 117 GLY GLY A . n 
A 1 118 LEU 118 118 118 LEU LEU A . n 
A 1 119 ASN 119 119 119 ASN ASN A . n 
A 1 120 ASN 120 120 120 ASN ASN A . n 
A 1 121 PRO 121 121 121 PRO PRO A . n 
A 1 122 PHE 122 122 122 PHE PHE A . n 
A 1 123 GLU 123 123 123 GLU GLU A . n 
A 1 124 ALA 124 124 124 ALA ALA A . n 
A 1 125 THR 125 125 125 THR THR A . n 
A 1 126 ARG 126 126 126 ARG ARG A . n 
A 1 127 TYR 127 127 127 TYR TYR A . n 
A 1 128 HIS 128 128 128 HIS HIS A . n 
A 1 129 SER 129 129 129 SER SER A . n 
A 1 130 LEU 130 130 130 LEU LEU A . n 
A 1 131 VAL 131 131 131 VAL VAL A . n 
A 1 132 VAL 132 132 132 VAL VAL A . n 
A 1 133 GLU 133 133 133 GLU GLU A . n 
A 1 134 ARG 134 134 134 ARG ARG A . n 
A 1 135 GLU 135 135 135 GLU GLU A . n 
A 1 136 THR 136 136 136 THR THR A . n 
A 1 137 LEU 137 137 137 LEU LEU A . n 
A 1 138 PRO 138 138 138 PRO PRO A . n 
A 1 139 ASP 139 139 139 ASP ASP A . n 
A 1 140 CYS 140 140 140 CYS CYS A . n 
A 1 141 LEU 141 141 141 LEU LEU A . n 
A 1 142 GLU 142 142 142 GLU GLU A . n 
A 1 143 ILE 143 143 143 ILE ILE A . n 
A 1 144 THR 144 144 144 THR THR A . n 
A 1 145 ALA 145 145 145 ALA ALA A . n 
A 1 146 TRP 146 146 146 TRP TRP A . n 
A 1 147 THR 147 147 147 THR THR A . n 
A 1 148 GLU 148 148 148 GLU GLU A . n 
A 1 149 THR 149 149 149 THR THR A . n 
A 1 150 ASP 150 150 150 ASP ASP A . n 
A 1 151 GLU 151 151 151 GLU GLU A . n 
A 1 152 GLY 152 152 152 GLY GLY A . n 
A 1 153 GLU 153 153 153 GLU GLU A . n 
A 1 154 ILE 154 154 154 ILE ILE A . n 
A 1 155 MET 155 155 155 MET MET A . n 
A 1 156 GLY 156 156 156 GLY GLY A . n 
A 1 157 ILE 157 157 157 ILE ILE A . n 
A 1 158 ARG 158 158 158 ARG ARG A . n 
A 1 159 HIS 159 159 159 HIS HIS A . n 
A 1 160 LYS 160 160 160 LYS LYS A . n 
A 1 161 THR 161 161 161 THR THR A . n 
A 1 162 LEU 162 162 162 LEU LEU A . n 
A 1 163 PRO 163 163 163 PRO PRO A . n 
A 1 164 ILE 164 164 164 ILE ILE A . n 
A 1 165 GLU 165 165 165 GLU GLU A . n 
A 1 166 GLY 166 166 166 GLY GLY A . n 
A 1 167 VAL 167 167 167 VAL VAL A . n 
A 1 168 GLN 168 168 168 GLN GLN A . n 
A 1 169 PHE 169 169 169 PHE PHE A . n 
A 1 170 HIS 170 170 170 HIS HIS A . n 
A 1 171 PRO 171 171 171 PRO PRO A . n 
A 1 172 GLU 172 172 172 GLU GLU A . n 
A 1 173 SER 173 173 173 SER SER A . n 
A 1 174 ILE 174 174 174 ILE ILE A . n 
A 1 175 LEU 175 175 175 LEU LEU A . n 
A 1 176 THR 176 176 176 THR THR A . n 
A 1 177 GLU 177 177 177 GLU GLU A . n 
A 1 178 GLN 178 178 178 GLN GLN A . n 
A 1 179 GLY 179 179 179 GLY GLY A . n 
A 1 180 HIS 180 180 180 HIS HIS A . n 
A 1 181 GLU 181 181 181 GLU GLU A . n 
A 1 182 LEU 182 182 182 LEU LEU A . n 
A 1 183 LEU 183 183 183 LEU LEU A . n 
A 1 184 LYS 184 184 184 LYS LYS A . n 
A 1 185 ASN 185 185 185 ASN ASN A . n 
A 1 186 PHE 186 186 186 PHE PHE A . n 
A 1 187 LEU 187 187 187 LEU LEU A . n 
A 1 188 LYS 188 188 188 LYS LYS A . n 
A 1 189 GLU 189 189 189 GLU GLU A . n 
A 1 190 LEU 190 190 190 LEU LEU A . n 
A 1 191 GLU 191 191 191 GLU GLU A . n 
A 1 192 HIS 192 192 192 HIS HIS A . n 
A 1 193 HIS 193 193 193 HIS HIS A . n 
A 1 194 HIS 194 194 ?   ?   ?   A . n 
A 1 195 HIS 195 195 ?   ?   ?   A . n 
A 1 196 HIS 196 196 ?   ?   ?   A . n 
A 1 197 HIS 197 197 ?   ?   ?   A . n 
# 
loop_
_pdbx_nonpoly_scheme.asym_id 
_pdbx_nonpoly_scheme.entity_id 
_pdbx_nonpoly_scheme.mon_id 
_pdbx_nonpoly_scheme.ndb_seq_num 
_pdbx_nonpoly_scheme.pdb_seq_num 
_pdbx_nonpoly_scheme.auth_seq_num 
_pdbx_nonpoly_scheme.pdb_mon_id 
_pdbx_nonpoly_scheme.auth_mon_id 
_pdbx_nonpoly_scheme.pdb_strand_id 
_pdbx_nonpoly_scheme.pdb_ins_code 
B 2 HOH 1   201 70  HOH HOH A . 
B 2 HOH 2   202 79  HOH HOH A . 
B 2 HOH 3   203 91  HOH HOH A . 
B 2 HOH 4   204 55  HOH HOH A . 
B 2 HOH 5   205 136 HOH HOH A . 
B 2 HOH 6   206 69  HOH HOH A . 
B 2 HOH 7   207 26  HOH HOH A . 
B 2 HOH 8   208 89  HOH HOH A . 
B 2 HOH 9   209 56  HOH HOH A . 
B 2 HOH 10  210 5   HOH HOH A . 
B 2 HOH 11  211 1   HOH HOH A . 
B 2 HOH 12  212 105 HOH HOH A . 
B 2 HOH 13  213 48  HOH HOH A . 
B 2 HOH 14  214 32  HOH HOH A . 
B 2 HOH 15  215 64  HOH HOH A . 
B 2 HOH 16  216 74  HOH HOH A . 
B 2 HOH 17  217 94  HOH HOH A . 
B 2 HOH 18  218 66  HOH HOH A . 
B 2 HOH 19  219 12  HOH HOH A . 
B 2 HOH 20  220 33  HOH HOH A . 
B 2 HOH 21  221 3   HOH HOH A . 
B 2 HOH 22  222 61  HOH HOH A . 
B 2 HOH 23  223 8   HOH HOH A . 
B 2 HOH 24  224 11  HOH HOH A . 
B 2 HOH 25  225 36  HOH HOH A . 
B 2 HOH 26  226 92  HOH HOH A . 
B 2 HOH 27  227 27  HOH HOH A . 
B 2 HOH 28  228 20  HOH HOH A . 
B 2 HOH 29  229 16  HOH HOH A . 
B 2 HOH 30  230 110 HOH HOH A . 
B 2 HOH 31  231 24  HOH HOH A . 
B 2 HOH 32  232 68  HOH HOH A . 
B 2 HOH 33  233 23  HOH HOH A . 
B 2 HOH 34  234 108 HOH HOH A . 
B 2 HOH 35  235 34  HOH HOH A . 
B 2 HOH 36  236 95  HOH HOH A . 
B 2 HOH 37  237 19  HOH HOH A . 
B 2 HOH 38  238 93  HOH HOH A . 
B 2 HOH 39  239 47  HOH HOH A . 
B 2 HOH 40  240 4   HOH HOH A . 
B 2 HOH 41  241 38  HOH HOH A . 
B 2 HOH 42  242 18  HOH HOH A . 
B 2 HOH 43  243 62  HOH HOH A . 
B 2 HOH 44  244 72  HOH HOH A . 
B 2 HOH 45  245 25  HOH HOH A . 
B 2 HOH 46  246 31  HOH HOH A . 
B 2 HOH 47  247 117 HOH HOH A . 
B 2 HOH 48  248 78  HOH HOH A . 
B 2 HOH 49  249 63  HOH HOH A . 
B 2 HOH 50  250 81  HOH HOH A . 
B 2 HOH 51  251 134 HOH HOH A . 
B 2 HOH 52  252 15  HOH HOH A . 
B 2 HOH 53  253 82  HOH HOH A . 
B 2 HOH 54  254 67  HOH HOH A . 
B 2 HOH 55  255 2   HOH HOH A . 
B 2 HOH 56  256 103 HOH HOH A . 
B 2 HOH 57  257 128 HOH HOH A . 
B 2 HOH 58  258 123 HOH HOH A . 
B 2 HOH 59  259 121 HOH HOH A . 
B 2 HOH 60  260 133 HOH HOH A . 
B 2 HOH 61  261 41  HOH HOH A . 
B 2 HOH 62  262 50  HOH HOH A . 
B 2 HOH 63  263 10  HOH HOH A . 
B 2 HOH 64  264 130 HOH HOH A . 
B 2 HOH 65  265 132 HOH HOH A . 
B 2 HOH 66  266 49  HOH HOH A . 
B 2 HOH 67  267 101 HOH HOH A . 
B 2 HOH 68  268 80  HOH HOH A . 
B 2 HOH 69  269 73  HOH HOH A . 
B 2 HOH 70  270 75  HOH HOH A . 
B 2 HOH 71  271 35  HOH HOH A . 
B 2 HOH 72  272 54  HOH HOH A . 
B 2 HOH 73  273 90  HOH HOH A . 
B 2 HOH 74  274 127 HOH HOH A . 
B 2 HOH 75  275 122 HOH HOH A . 
B 2 HOH 76  276 28  HOH HOH A . 
B 2 HOH 77  277 52  HOH HOH A . 
B 2 HOH 78  278 120 HOH HOH A . 
B 2 HOH 79  279 111 HOH HOH A . 
B 2 HOH 80  280 39  HOH HOH A . 
B 2 HOH 81  281 124 HOH HOH A . 
B 2 HOH 82  282 114 HOH HOH A . 
B 2 HOH 83  283 53  HOH HOH A . 
B 2 HOH 84  284 42  HOH HOH A . 
B 2 HOH 85  285 113 HOH HOH A . 
B 2 HOH 86  286 77  HOH HOH A . 
B 2 HOH 87  287 107 HOH HOH A . 
B 2 HOH 88  288 21  HOH HOH A . 
B 2 HOH 89  289 17  HOH HOH A . 
B 2 HOH 90  290 116 HOH HOH A . 
B 2 HOH 91  291 57  HOH HOH A . 
B 2 HOH 92  292 126 HOH HOH A . 
B 2 HOH 93  293 118 HOH HOH A . 
B 2 HOH 94  294 60  HOH HOH A . 
B 2 HOH 95  295 71  HOH HOH A . 
B 2 HOH 96  296 85  HOH HOH A . 
B 2 HOH 97  297 43  HOH HOH A . 
B 2 HOH 98  298 29  HOH HOH A . 
B 2 HOH 99  299 125 HOH HOH A . 
B 2 HOH 100 300 135 HOH HOH A . 
B 2 HOH 101 301 96  HOH HOH A . 
B 2 HOH 102 302 87  HOH HOH A . 
B 2 HOH 103 303 97  HOH HOH A . 
B 2 HOH 104 304 76  HOH HOH A . 
B 2 HOH 105 305 83  HOH HOH A . 
B 2 HOH 106 306 129 HOH HOH A . 
B 2 HOH 107 307 46  HOH HOH A . 
B 2 HOH 108 308 84  HOH HOH A . 
B 2 HOH 109 309 115 HOH HOH A . 
B 2 HOH 110 310 88  HOH HOH A . 
B 2 HOH 111 311 65  HOH HOH A . 
B 2 HOH 112 312 131 HOH HOH A . 
B 2 HOH 113 313 109 HOH HOH A . 
# 
loop_
_pdbx_unobs_or_zero_occ_atoms.id 
_pdbx_unobs_or_zero_occ_atoms.PDB_model_num 
_pdbx_unobs_or_zero_occ_atoms.polymer_flag 
_pdbx_unobs_or_zero_occ_atoms.occupancy_flag 
_pdbx_unobs_or_zero_occ_atoms.auth_asym_id 
_pdbx_unobs_or_zero_occ_atoms.auth_comp_id 
_pdbx_unobs_or_zero_occ_atoms.auth_seq_id 
_pdbx_unobs_or_zero_occ_atoms.PDB_ins_code 
_pdbx_unobs_or_zero_occ_atoms.auth_atom_id 
_pdbx_unobs_or_zero_occ_atoms.label_alt_id 
_pdbx_unobs_or_zero_occ_atoms.label_asym_id 
_pdbx_unobs_or_zero_occ_atoms.label_comp_id 
_pdbx_unobs_or_zero_occ_atoms.label_seq_id 
_pdbx_unobs_or_zero_occ_atoms.label_atom_id 
1  1 Y 1 A GLU 58  ? CG  ? A GLU 58  CG  
2  1 Y 1 A GLU 58  ? CD  ? A GLU 58  CD  
3  1 Y 1 A GLU 58  ? OE1 ? A GLU 58  OE1 
4  1 Y 1 A GLU 58  ? OE2 ? A GLU 58  OE2 
5  1 Y 1 A ASP 150 ? CG  ? A ASP 150 CG  
6  1 Y 1 A ASP 150 ? OD1 ? A ASP 150 OD1 
7  1 Y 1 A ASP 150 ? OD2 ? A ASP 150 OD2 
8  1 Y 1 A GLU 191 ? CG  ? A GLU 191 CG  
9  1 Y 1 A GLU 191 ? CD  ? A GLU 191 CD  
10 1 Y 1 A GLU 191 ? OE1 ? A GLU 191 OE1 
11 1 Y 1 A GLU 191 ? OE2 ? A GLU 191 OE2 
# 
loop_
_software.citation_id 
_software.classification 
_software.compiler_name 
_software.compiler_version 
_software.contact_author 
_software.contact_author_email 
_software.date 
_software.description 
_software.dependencies 
_software.hardware 
_software.language 
_software.location 
_software.mods 
_software.name 
_software.os 
_software.os_version 
_software.type 
_software.version 
_software.pdbx_ordinal 
? refinement       ? ? ? ? ? ? ? ? ? ? ? PHENIX ? ? ? '(1.11.1_2575: ???)' 1 
? 'data reduction' ? ? ? ? ? ? ? ? ? ? ? XDS    ? ? ? .                    2 
? 'data scaling'   ? ? ? ? ? ? ? ? ? ? ? XSCALE ? ? ? .                    3 
? phasing          ? ? ? ? ? ? ? ? ? ? ? PHENIX ? ? ? .                    4 
# 
_cell.angle_alpha                  90.00 
_cell.angle_alpha_esd              ? 
_cell.angle_beta                   90.00 
_cell.angle_beta_esd               ? 
_cell.angle_gamma                  90.00 
_cell.angle_gamma_esd              ? 
_cell.entry_id                     6QUR 
_cell.details                      ? 
_cell.formula_units_Z              ? 
_cell.length_a                     47.755 
_cell.length_a_esd                 ? 
_cell.length_b                     58.390 
_cell.length_b_esd                 ? 
_cell.length_c                     71.583 
_cell.length_c_esd                 ? 
_cell.volume                       ? 
_cell.volume_esd                   ? 
_cell.Z_PDB                        4 
_cell.reciprocal_angle_alpha       ? 
_cell.reciprocal_angle_beta        ? 
_cell.reciprocal_angle_gamma       ? 
_cell.reciprocal_angle_alpha_esd   ? 
_cell.reciprocal_angle_beta_esd    ? 
_cell.reciprocal_angle_gamma_esd   ? 
_cell.reciprocal_length_a          ? 
_cell.reciprocal_length_b          ? 
_cell.reciprocal_length_c          ? 
_cell.reciprocal_length_a_esd      ? 
_cell.reciprocal_length_b_esd      ? 
_cell.reciprocal_length_c_esd      ? 
_cell.pdbx_unique_axis             ? 
# 
_symmetry.entry_id                         6QUR 
_symmetry.cell_setting                     ? 
_symmetry.Int_Tables_number                19 
_symmetry.space_group_name_Hall            ? 
_symmetry.space_group_name_H-M             'P 21 21 21' 
_symmetry.pdbx_full_space_group_name_H-M   ? 
# 
_exptl.absorpt_coefficient_mu     ? 
_exptl.absorpt_correction_T_max   ? 
_exptl.absorpt_correction_T_min   ? 
_exptl.absorpt_correction_type    ? 
_exptl.absorpt_process_details    ? 
_exptl.entry_id                   6QUR 
_exptl.crystals_number            1 
_exptl.details                    ? 
_exptl.method                     'X-RAY DIFFRACTION' 
_exptl.method_details             ? 
# 
_exptl_crystal.colour                      ? 
_exptl_crystal.density_diffrn              ? 
_exptl_crystal.density_Matthews            2.24 
_exptl_crystal.density_method              ? 
_exptl_crystal.density_percent_sol         44.98 
_exptl_crystal.description                 ? 
_exptl_crystal.F_000                       ? 
_exptl_crystal.id                          1 
_exptl_crystal.preparation                 ? 
_exptl_crystal.size_max                    ? 
_exptl_crystal.size_mid                    ? 
_exptl_crystal.size_min                    ? 
_exptl_crystal.size_rad                    ? 
_exptl_crystal.colour_lustre               ? 
_exptl_crystal.colour_modifier             ? 
_exptl_crystal.colour_primary              ? 
_exptl_crystal.density_meas                ? 
_exptl_crystal.density_meas_esd            ? 
_exptl_crystal.density_meas_gt             ? 
_exptl_crystal.density_meas_lt             ? 
_exptl_crystal.density_meas_temp           ? 
_exptl_crystal.density_meas_temp_esd       ? 
_exptl_crystal.density_meas_temp_gt        ? 
_exptl_crystal.density_meas_temp_lt        ? 
_exptl_crystal.pdbx_crystal_image_url      ? 
_exptl_crystal.pdbx_crystal_image_format   ? 
_exptl_crystal.pdbx_mosaicity              ? 
_exptl_crystal.pdbx_mosaicity_esd          ? 
# 
_exptl_crystal_grow.apparatus       ? 
_exptl_crystal_grow.atmosphere      ? 
_exptl_crystal_grow.crystal_id      1 
_exptl_crystal_grow.details         ? 
_exptl_crystal_grow.method          'VAPOR DIFFUSION' 
_exptl_crystal_grow.method_ref      ? 
_exptl_crystal_grow.pH              ? 
_exptl_crystal_grow.pressure        ? 
_exptl_crystal_grow.pressure_esd    ? 
_exptl_crystal_grow.seeding         ? 
_exptl_crystal_grow.seeding_ref     ? 
_exptl_crystal_grow.temp            291 
_exptl_crystal_grow.temp_details    ? 
_exptl_crystal_grow.temp_esd        ? 
_exptl_crystal_grow.time            ? 
_exptl_crystal_grow.pdbx_details    PEG 
_exptl_crystal_grow.pdbx_pH_range   ? 
# 
_diffrn.ambient_environment              ? 
_diffrn.ambient_temp                     100 
_diffrn.ambient_temp_details             ? 
_diffrn.ambient_temp_esd                 ? 
_diffrn.crystal_id                       1 
_diffrn.crystal_support                  ? 
_diffrn.crystal_treatment                ? 
_diffrn.details                          ? 
_diffrn.id                               1 
_diffrn.ambient_pressure                 ? 
_diffrn.ambient_pressure_esd             ? 
_diffrn.ambient_pressure_gt              ? 
_diffrn.ambient_pressure_lt              ? 
_diffrn.ambient_temp_gt                  ? 
_diffrn.ambient_temp_lt                  ? 
_diffrn.pdbx_serial_crystal_experiment   N 
# 
_diffrn_detector.details                      ? 
_diffrn_detector.detector                     PIXEL 
_diffrn_detector.diffrn_id                    1 
_diffrn_detector.type                         'DECTRIS EIGER X 16M' 
_diffrn_detector.area_resol_mean              ? 
_diffrn_detector.dtime                        ? 
_diffrn_detector.pdbx_frames_total            ? 
_diffrn_detector.pdbx_collection_time_total   ? 
_diffrn_detector.pdbx_collection_date         2017-07-24 
_diffrn_detector.pdbx_frequency               ? 
# 
_diffrn_radiation.collimation                      ? 
_diffrn_radiation.diffrn_id                        1 
_diffrn_radiation.filter_edge                      ? 
_diffrn_radiation.inhomogeneity                    ? 
_diffrn_radiation.monochromator                    ? 
_diffrn_radiation.polarisn_norm                    ? 
_diffrn_radiation.polarisn_ratio                   ? 
_diffrn_radiation.probe                            ? 
_diffrn_radiation.type                             ? 
_diffrn_radiation.xray_symbol                      ? 
_diffrn_radiation.wavelength_id                    1 
_diffrn_radiation.pdbx_monochromatic_or_laue_m_l   M 
_diffrn_radiation.pdbx_wavelength_list             ? 
_diffrn_radiation.pdbx_wavelength                  ? 
_diffrn_radiation.pdbx_diffrn_protocol             'SINGLE WAVELENGTH' 
_diffrn_radiation.pdbx_analyzer                    ? 
_diffrn_radiation.pdbx_scattering_type             x-ray 
# 
_diffrn_radiation_wavelength.id           1 
_diffrn_radiation_wavelength.wavelength   1 
_diffrn_radiation_wavelength.wt           1.0 
# 
_diffrn_source.current                     ? 
_diffrn_source.details                     ? 
_diffrn_source.diffrn_id                   1 
_diffrn_source.power                       ? 
_diffrn_source.size                        ? 
_diffrn_source.source                      SYNCHROTRON 
_diffrn_source.target                      ? 
_diffrn_source.type                        'SLS BEAMLINE X06DA' 
_diffrn_source.voltage                     ? 
_diffrn_source.take-off_angle              ? 
_diffrn_source.pdbx_wavelength_list        1 
_diffrn_source.pdbx_wavelength             ? 
_diffrn_source.pdbx_synchrotron_beamline   X06DA 
_diffrn_source.pdbx_synchrotron_site       SLS 
# 
_reflns.B_iso_Wilson_estimate            33.96 
_reflns.entry_id                         6QUR 
_reflns.data_reduction_details           ? 
_reflns.data_reduction_method            ? 
_reflns.d_resolution_high                1.792 
_reflns.d_resolution_low                 39.73 
_reflns.details                          ? 
_reflns.limit_h_max                      ? 
_reflns.limit_h_min                      ? 
_reflns.limit_k_max                      ? 
_reflns.limit_k_min                      ? 
_reflns.limit_l_max                      ? 
_reflns.limit_l_min                      ? 
_reflns.number_all                       ? 
_reflns.number_obs                       19372 
_reflns.observed_criterion               ? 
_reflns.observed_criterion_F_max         ? 
_reflns.observed_criterion_F_min         ? 
_reflns.observed_criterion_I_max         ? 
_reflns.observed_criterion_I_min         ? 
_reflns.observed_criterion_sigma_F       ? 
_reflns.observed_criterion_sigma_I       ? 
_reflns.percent_possible_obs             99.87 
_reflns.R_free_details                   ? 
_reflns.Rmerge_F_all                     ? 
_reflns.Rmerge_F_obs                     ? 
_reflns.Friedel_coverage                 ? 
_reflns.number_gt                        ? 
_reflns.threshold_expression             ? 
_reflns.pdbx_redundancy                  13.0 
_reflns.pdbx_Rmerge_I_obs                0.06472 
_reflns.pdbx_Rmerge_I_all                ? 
_reflns.pdbx_Rsym_value                  ? 
_reflns.pdbx_netI_over_av_sigmaI         ? 
_reflns.pdbx_netI_over_sigmaI            23.52 
_reflns.pdbx_res_netI_over_av_sigmaI_2   ? 
_reflns.pdbx_res_netI_over_sigmaI_2      ? 
_reflns.pdbx_chi_squared                 ? 
_reflns.pdbx_scaling_rejects             ? 
_reflns.pdbx_d_res_high_opt              ? 
_reflns.pdbx_d_res_low_opt               ? 
_reflns.pdbx_d_res_opt_method            ? 
_reflns.phase_calculation_details        ? 
_reflns.pdbx_Rrim_I_all                  0.06743 
_reflns.pdbx_Rpim_I_all                  0.01866 
_reflns.pdbx_d_opt                       ? 
_reflns.pdbx_number_measured_all         ? 
_reflns.pdbx_diffrn_id                   1 
_reflns.pdbx_ordinal                     1 
_reflns.pdbx_CC_half                     1.00 
_reflns.pdbx_R_split                     ? 
# 
_reflns_shell.d_res_high                  1.79 
_reflns_shell.d_res_low                   1.856 
_reflns_shell.meanI_over_sigI_all         ? 
_reflns_shell.meanI_over_sigI_obs         1.27 
_reflns_shell.number_measured_all         ? 
_reflns_shell.number_measured_obs         ? 
_reflns_shell.number_possible             ? 
_reflns_shell.number_unique_all           ? 
_reflns_shell.number_unique_obs           1880 
_reflns_shell.percent_possible_all        99.16 
_reflns_shell.percent_possible_obs        ? 
_reflns_shell.Rmerge_F_all                ? 
_reflns_shell.Rmerge_F_obs                ? 
_reflns_shell.Rmerge_I_all                ? 
_reflns_shell.Rmerge_I_obs                1.935 
_reflns_shell.meanI_over_sigI_gt          ? 
_reflns_shell.meanI_over_uI_all           ? 
_reflns_shell.meanI_over_uI_gt            ? 
_reflns_shell.number_measured_gt          ? 
_reflns_shell.number_unique_gt            ? 
_reflns_shell.percent_possible_gt         ? 
_reflns_shell.Rmerge_F_gt                 ? 
_reflns_shell.Rmerge_I_gt                 ? 
_reflns_shell.pdbx_redundancy             11.8 
_reflns_shell.pdbx_Rsym_value             ? 
_reflns_shell.pdbx_chi_squared            ? 
_reflns_shell.pdbx_netI_over_sigmaI_all   ? 
_reflns_shell.pdbx_netI_over_sigmaI_obs   ? 
_reflns_shell.pdbx_Rrim_I_all             2.023 
_reflns_shell.pdbx_Rpim_I_all             0.5803 
_reflns_shell.pdbx_rejects                ? 
_reflns_shell.pdbx_ordinal                1 
_reflns_shell.pdbx_diffrn_id              1 
_reflns_shell.pdbx_CC_half                0.866 
_reflns_shell.pdbx_R_split                ? 
# 
_refine.aniso_B[1][1]                            ? 
_refine.aniso_B[1][2]                            ? 
_refine.aniso_B[1][3]                            ? 
_refine.aniso_B[2][2]                            ? 
_refine.aniso_B[2][3]                            ? 
_refine.aniso_B[3][3]                            ? 
_refine.B_iso_max                                ? 
_refine.B_iso_mean                               ? 
_refine.B_iso_min                                ? 
_refine.correlation_coeff_Fo_to_Fc               ? 
_refine.correlation_coeff_Fo_to_Fc_free          ? 
_refine.details                                  ? 
_refine.diff_density_max                         ? 
_refine.diff_density_max_esd                     ? 
_refine.diff_density_min                         ? 
_refine.diff_density_min_esd                     ? 
_refine.diff_density_rms                         ? 
_refine.diff_density_rms_esd                     ? 
_refine.entry_id                                 6QUR 
_refine.pdbx_refine_id                           'X-RAY DIFFRACTION' 
_refine.ls_abs_structure_details                 ? 
_refine.ls_abs_structure_Flack                   ? 
_refine.ls_abs_structure_Flack_esd               ? 
_refine.ls_abs_structure_Rogers                  ? 
_refine.ls_abs_structure_Rogers_esd              ? 
_refine.ls_d_res_high                            1.792 
_refine.ls_d_res_low                             39.73 
_refine.ls_extinction_coef                       ? 
_refine.ls_extinction_coef_esd                   ? 
_refine.ls_extinction_expression                 ? 
_refine.ls_extinction_method                     ? 
_refine.ls_goodness_of_fit_all                   ? 
_refine.ls_goodness_of_fit_all_esd               ? 
_refine.ls_goodness_of_fit_obs                   ? 
_refine.ls_goodness_of_fit_obs_esd               ? 
_refine.ls_hydrogen_treatment                    ? 
_refine.ls_matrix_type                           ? 
_refine.ls_number_constraints                    ? 
_refine.ls_number_parameters                     ? 
_refine.ls_number_reflns_all                     ? 
_refine.ls_number_reflns_obs                     19366 
_refine.ls_number_reflns_R_free                  969 
_refine.ls_number_reflns_R_work                  ? 
_refine.ls_number_restraints                     ? 
_refine.ls_percent_reflns_obs                    99.88 
_refine.ls_percent_reflns_R_free                 5.00 
_refine.ls_R_factor_all                          ? 
_refine.ls_R_factor_obs                          0.2173 
_refine.ls_R_factor_R_free                       0.2671 
_refine.ls_R_factor_R_free_error                 ? 
_refine.ls_R_factor_R_free_error_details         ? 
_refine.ls_R_factor_R_work                       0.2147 
_refine.ls_R_Fsqd_factor_obs                     ? 
_refine.ls_R_I_factor_obs                        ? 
_refine.ls_redundancy_reflns_all                 ? 
_refine.ls_redundancy_reflns_obs                 ? 
_refine.ls_restrained_S_all                      ? 
_refine.ls_restrained_S_obs                      ? 
_refine.ls_shift_over_esd_max                    ? 
_refine.ls_shift_over_esd_mean                   ? 
_refine.ls_structure_factor_coef                 ? 
_refine.ls_weighting_details                     ? 
_refine.ls_weighting_scheme                      ? 
_refine.ls_wR_factor_all                         ? 
_refine.ls_wR_factor_obs                         ? 
_refine.ls_wR_factor_R_free                      ? 
_refine.ls_wR_factor_R_work                      ? 
_refine.occupancy_max                            ? 
_refine.occupancy_min                            ? 
_refine.solvent_model_details                    ? 
_refine.solvent_model_param_bsol                 ? 
_refine.solvent_model_param_ksol                 ? 
_refine.ls_R_factor_gt                           ? 
_refine.ls_goodness_of_fit_gt                    ? 
_refine.ls_goodness_of_fit_ref                   ? 
_refine.ls_shift_over_su_max                     ? 
_refine.ls_shift_over_su_max_lt                  ? 
_refine.ls_shift_over_su_mean                    ? 
_refine.ls_shift_over_su_mean_lt                 ? 
_refine.pdbx_ls_sigma_I                          ? 
_refine.pdbx_ls_sigma_F                          1.35 
_refine.pdbx_ls_sigma_Fsqd                       ? 
_refine.pdbx_data_cutoff_high_absF               ? 
_refine.pdbx_data_cutoff_high_rms_absF           ? 
_refine.pdbx_data_cutoff_low_absF                ? 
_refine.pdbx_isotropic_thermal_model             ? 
_refine.pdbx_ls_cross_valid_method               'FREE R-VALUE' 
_refine.pdbx_method_to_determine_struct          'MOLECULAR REPLACEMENT' 
_refine.pdbx_starting_model                      ? 
_refine.pdbx_stereochemistry_target_values       ? 
_refine.pdbx_R_Free_selection_details            ? 
_refine.pdbx_stereochem_target_val_spec_case     ? 
_refine.pdbx_overall_ESU_R                       ? 
_refine.pdbx_overall_ESU_R_Free                  ? 
_refine.pdbx_solvent_vdw_probe_radii             1.11 
_refine.pdbx_solvent_ion_probe_radii             ? 
_refine.pdbx_solvent_shrinkage_radii             0.90 
_refine.pdbx_real_space_R                        ? 
_refine.pdbx_density_correlation                 ? 
_refine.pdbx_pd_number_of_powder_patterns        ? 
_refine.pdbx_pd_number_of_points                 ? 
_refine.pdbx_pd_meas_number_of_points            ? 
_refine.pdbx_pd_proc_ls_prof_R_factor            ? 
_refine.pdbx_pd_proc_ls_prof_wR_factor           ? 
_refine.pdbx_pd_Marquardt_correlation_coeff      ? 
_refine.pdbx_pd_Fsqrd_R_factor                   ? 
_refine.pdbx_pd_ls_matrix_band_width             ? 
_refine.pdbx_overall_phase_error                 28.89 
_refine.pdbx_overall_SU_R_free_Cruickshank_DPI   ? 
_refine.pdbx_overall_SU_R_free_Blow_DPI          ? 
_refine.pdbx_overall_SU_R_Blow_DPI               ? 
_refine.pdbx_TLS_residual_ADP_flag               ? 
_refine.pdbx_diffrn_id                           1 
_refine.overall_SU_B                             ? 
_refine.overall_SU_ML                            0.25 
_refine.overall_SU_R_Cruickshank_DPI             ? 
_refine.overall_SU_R_free                        ? 
_refine.overall_FOM_free_R_set                   ? 
_refine.overall_FOM_work_R_set                   ? 
_refine.pdbx_average_fsc_overall                 ? 
_refine.pdbx_average_fsc_work                    ? 
_refine.pdbx_average_fsc_free                    ? 
# 
_refine_hist.pdbx_refine_id                   'X-RAY DIFFRACTION' 
_refine_hist.cycle_id                         LAST 
_refine_hist.pdbx_number_atoms_protein        1519 
_refine_hist.pdbx_number_atoms_nucleic_acid   0 
_refine_hist.pdbx_number_atoms_ligand         0 
_refine_hist.number_atoms_solvent             113 
_refine_hist.number_atoms_total               1632 
_refine_hist.d_res_high                       1.792 
_refine_hist.d_res_low                        39.73 
# 
loop_
_refine_ls_restr.pdbx_refine_id 
_refine_ls_restr.criterion 
_refine_ls_restr.dev_ideal 
_refine_ls_restr.dev_ideal_target 
_refine_ls_restr.number 
_refine_ls_restr.rejects 
_refine_ls_restr.type 
_refine_ls_restr.weight 
_refine_ls_restr.pdbx_restraint_function 
'X-RAY DIFFRACTION' ? 0.007 ? 1554 ? f_bond_d           ? ? 
'X-RAY DIFFRACTION' ? 0.886 ? 2105 ? f_angle_d          ? ? 
'X-RAY DIFFRACTION' ? 3.084 ? 926  ? f_dihedral_angle_d ? ? 
'X-RAY DIFFRACTION' ? 0.058 ? 237  ? f_chiral_restr     ? ? 
'X-RAY DIFFRACTION' ? 0.005 ? 271  ? f_plane_restr      ? ? 
# 
loop_
_refine_ls_shell.pdbx_refine_id 
_refine_ls_shell.d_res_high 
_refine_ls_shell.d_res_low 
_refine_ls_shell.number_reflns_all 
_refine_ls_shell.number_reflns_obs 
_refine_ls_shell.number_reflns_R_free 
_refine_ls_shell.number_reflns_R_work 
_refine_ls_shell.percent_reflns_obs 
_refine_ls_shell.percent_reflns_R_free 
_refine_ls_shell.R_factor_all 
_refine_ls_shell.R_factor_obs 
_refine_ls_shell.R_factor_R_free 
_refine_ls_shell.R_factor_R_free_error 
_refine_ls_shell.R_factor_R_work 
_refine_ls_shell.redundancy_reflns_all 
_refine_ls_shell.redundancy_reflns_obs 
_refine_ls_shell.wR_factor_all 
_refine_ls_shell.wR_factor_obs 
_refine_ls_shell.wR_factor_R_free 
_refine_ls_shell.wR_factor_R_work 
_refine_ls_shell.pdbx_total_number_of_bins_used 
_refine_ls_shell.pdbx_phase_error 
_refine_ls_shell.pdbx_fsc_work 
_refine_ls_shell.pdbx_fsc_free 
'X-RAY DIFFRACTION' 1.7923 1.8868  . . 136 2579 99.00  . . . 0.3533 . 0.3197 . . . . . . . . . . 
'X-RAY DIFFRACTION' 1.8868 2.0050  . . 135 2567 100.00 . . . 0.3205 . 0.2699 . . . . . . . . . . 
'X-RAY DIFFRACTION' 2.0050 2.1598  . . 136 2593 100.00 . . . 0.2884 . 0.2411 . . . . . . . . . . 
'X-RAY DIFFRACTION' 2.1598 2.3771  . . 138 2604 100.00 . . . 0.2719 . 0.2462 . . . . . . . . . . 
'X-RAY DIFFRACTION' 2.3771 2.7211  . . 138 2611 100.00 . . . 0.2803 . 0.2436 . . . . . . . . . . 
'X-RAY DIFFRACTION' 2.7211 3.4281  . . 140 2670 100.00 . . . 0.3163 . 0.2239 . . . . . . . . . . 
'X-RAY DIFFRACTION' 3.4281 45.2608 . . 146 2773 100.00 . . . 0.2237 . 0.1807 . . . . . . . . . . 
# 
_struct.entry_id                     6QUR 
_struct.title                        'Mapping the allosteric communication network of aminodeoxychorismate synthase' 
_struct.pdbx_model_details           ? 
_struct.pdbx_formula_weight          ? 
_struct.pdbx_formula_weight_method   ? 
_struct.pdbx_model_type_details      ? 
_struct.pdbx_CASP_flag               N 
# 
_struct_keywords.entry_id        6QUR 
_struct_keywords.text            
'allostery, ancestral sequence reconstruction, catalytic triad, glutamine amidotransferases, transferase' 
_struct_keywords.pdbx_keywords   TRANSFERASE 
# 
loop_
_struct_asym.id 
_struct_asym.pdbx_blank_PDB_chainid_flag 
_struct_asym.pdbx_modified 
_struct_asym.entity_id 
_struct_asym.details 
A N N 1 ? 
B N N 2 ? 
# 
_struct_ref.id                         1 
_struct_ref.db_name                    PDB 
_struct_ref.db_code                    6QUR 
_struct_ref.pdbx_db_accession          6QUR 
_struct_ref.pdbx_db_isoform            ? 
_struct_ref.entity_id                  1 
_struct_ref.pdbx_seq_one_letter_code   ? 
_struct_ref.pdbx_align_begin           1 
# 
_struct_ref_seq.align_id                      1 
_struct_ref_seq.ref_id                        1 
_struct_ref_seq.pdbx_PDB_id_code              6QUR 
_struct_ref_seq.pdbx_strand_id                A 
_struct_ref_seq.seq_align_beg                 1 
_struct_ref_seq.pdbx_seq_align_beg_ins_code   ? 
_struct_ref_seq.seq_align_end                 197 
_struct_ref_seq.pdbx_seq_align_end_ins_code   ? 
_struct_ref_seq.pdbx_db_accession             6QUR 
_struct_ref_seq.db_align_beg                  1 
_struct_ref_seq.pdbx_db_align_beg_ins_code    ? 
_struct_ref_seq.db_align_end                  197 
_struct_ref_seq.pdbx_db_align_end_ins_code    ? 
_struct_ref_seq.pdbx_auth_seq_align_beg       1 
_struct_ref_seq.pdbx_auth_seq_align_end       197 
# 
_pdbx_struct_assembly.id                   1 
_pdbx_struct_assembly.details              author_and_software_defined_assembly 
_pdbx_struct_assembly.method_details       PISA 
_pdbx_struct_assembly.oligomeric_details   monomeric 
_pdbx_struct_assembly.oligomeric_count     1 
# 
loop_
_pdbx_struct_assembly_prop.biol_id 
_pdbx_struct_assembly_prop.type 
_pdbx_struct_assembly_prop.value 
_pdbx_struct_assembly_prop.details 
1 'ABSA (A^2)' 0    ? 
1 MORE         0    ? 
1 'SSA (A^2)'  9110 ? 
# 
_pdbx_struct_assembly_gen.assembly_id       1 
_pdbx_struct_assembly_gen.oper_expression   1 
_pdbx_struct_assembly_gen.asym_id_list      A,B 
# 
_pdbx_struct_assembly_auth_evidence.id                     1 
_pdbx_struct_assembly_auth_evidence.assembly_id            1 
_pdbx_struct_assembly_auth_evidence.experimental_support   none 
_pdbx_struct_assembly_auth_evidence.details                ? 
# 
_pdbx_struct_oper_list.id                   1 
_pdbx_struct_oper_list.type                 'identity operation' 
_pdbx_struct_oper_list.name                 1_555 
_pdbx_struct_oper_list.symmetry_operation   x,y,z 
_pdbx_struct_oper_list.matrix[1][1]         1.0000000000 
_pdbx_struct_oper_list.matrix[1][2]         0.0000000000 
_pdbx_struct_oper_list.matrix[1][3]         0.0000000000 
_pdbx_struct_oper_list.vector[1]            0.0000000000 
_pdbx_struct_oper_list.matrix[2][1]         0.0000000000 
_pdbx_struct_oper_list.matrix[2][2]         1.0000000000 
_pdbx_struct_oper_list.matrix[2][3]         0.0000000000 
_pdbx_struct_oper_list.vector[2]            0.0000000000 
_pdbx_struct_oper_list.matrix[3][1]         0.0000000000 
_pdbx_struct_oper_list.matrix[3][2]         0.0000000000 
_pdbx_struct_oper_list.matrix[3][3]         1.0000000000 
_pdbx_struct_oper_list.vector[3]            0.0000000000 
# 
loop_
_struct_conf.conf_type_id 
_struct_conf.id 
_struct_conf.pdbx_PDB_helix_id 
_struct_conf.beg_label_comp_id 
_struct_conf.beg_label_asym_id 
_struct_conf.beg_label_seq_id 
_struct_conf.pdbx_beg_PDB_ins_code 
_struct_conf.end_label_comp_id 
_struct_conf.end_label_asym_id 
_struct_conf.end_label_seq_id 
_struct_conf.pdbx_end_PDB_ins_code 
_struct_conf.beg_auth_comp_id 
_struct_conf.beg_auth_asym_id 
_struct_conf.beg_auth_seq_id 
_struct_conf.end_auth_comp_id 
_struct_conf.end_auth_asym_id 
_struct_conf.end_auth_seq_id 
_struct_conf.pdbx_PDB_helix_class 
_struct_conf.details 
_struct_conf.pdbx_PDB_helix_length 
HELX_P HELX_P1 AA1 PHE A 11  ? LEU A 22  ? PHE A 11  LEU A 22  1 ? 12 
HELX_P HELX_P2 AA2 ASP A 32  ? ILE A 34  ? ASP A 32  ILE A 34  5 ? 3  
HELX_P HELX_P3 AA3 THR A 35  ? LYS A 43  ? THR A 35  LYS A 43  1 ? 9  
HELX_P HELX_P4 AA4 SER A 62  ? ALA A 70  ? SER A 62  ALA A 70  1 ? 9  
HELX_P HELX_P5 AA5 LEU A 80  ? PHE A 89  ? LEU A 80  PHE A 89  1 ? 10 
HELX_P HELX_P6 AA6 LYS A 112 ? LYS A 116 ? LYS A 112 LYS A 116 5 ? 5  
HELX_P HELX_P7 AA7 HIS A 170 ? LEU A 175 ? HIS A 170 LEU A 175 5 ? 6  
HELX_P HELX_P8 AA8 THR A 176 ? GLU A 189 ? THR A 176 GLU A 189 1 ? 14 
# 
_struct_conf_type.id          HELX_P 
_struct_conf_type.criteria    ? 
_struct_conf_type.reference   ? 
# 
_struct_conn.id                            disulf1 
_struct_conn.conn_type_id                  disulf 
_struct_conn.pdbx_leaving_atom_flag        ? 
_struct_conn.pdbx_PDB_id                   ? 
_struct_conn.ptnr1_label_asym_id           A 
_struct_conn.ptnr1_label_comp_id           CYS 
_struct_conn.ptnr1_label_seq_id            54 
_struct_conn.ptnr1_label_atom_id           SG 
_struct_conn.pdbx_ptnr1_label_alt_id       ? 
_struct_conn.pdbx_ptnr1_PDB_ins_code       ? 
_struct_conn.pdbx_ptnr1_standard_comp_id   ? 
_struct_conn.ptnr1_symmetry                1_555 
_struct_conn.ptnr2_label_asym_id           A 
_struct_conn.ptnr2_label_comp_id           CYS 
_struct_conn.ptnr2_label_seq_id            79 
_struct_conn.ptnr2_label_atom_id           SG 
_struct_conn.pdbx_ptnr2_label_alt_id       ? 
_struct_conn.pdbx_ptnr2_PDB_ins_code       ? 
_struct_conn.ptnr1_auth_asym_id            A 
_struct_conn.ptnr1_auth_comp_id            CYS 
_struct_conn.ptnr1_auth_seq_id             54 
_struct_conn.ptnr2_auth_asym_id            A 
_struct_conn.ptnr2_auth_comp_id            CYS 
_struct_conn.ptnr2_auth_seq_id             79 
_struct_conn.ptnr2_symmetry                1_555 
_struct_conn.pdbx_ptnr3_label_atom_id      ? 
_struct_conn.pdbx_ptnr3_label_seq_id       ? 
_struct_conn.pdbx_ptnr3_label_comp_id      ? 
_struct_conn.pdbx_ptnr3_label_asym_id      ? 
_struct_conn.pdbx_ptnr3_label_alt_id       ? 
_struct_conn.pdbx_ptnr3_PDB_ins_code       ? 
_struct_conn.details                       ? 
_struct_conn.pdbx_dist_value               2.050 
_struct_conn.pdbx_value_order              ? 
_struct_conn.pdbx_role                     ? 
# 
_struct_conn_type.id          disulf 
_struct_conn_type.criteria    ? 
_struct_conn_type.reference   ? 
# 
_pdbx_modification_feature.ordinal                            1 
_pdbx_modification_feature.label_comp_id                      CYS 
_pdbx_modification_feature.label_asym_id                      A 
_pdbx_modification_feature.label_seq_id                       54 
_pdbx_modification_feature.label_alt_id                       ? 
_pdbx_modification_feature.modified_residue_label_comp_id     CYS 
_pdbx_modification_feature.modified_residue_label_asym_id     A 
_pdbx_modification_feature.modified_residue_label_seq_id      79 
_pdbx_modification_feature.modified_residue_label_alt_id      ? 
_pdbx_modification_feature.auth_comp_id                       CYS 
_pdbx_modification_feature.auth_asym_id                       A 
_pdbx_modification_feature.auth_seq_id                        54 
_pdbx_modification_feature.PDB_ins_code                       ? 
_pdbx_modification_feature.symmetry                           1_555 
_pdbx_modification_feature.modified_residue_auth_comp_id      CYS 
_pdbx_modification_feature.modified_residue_auth_asym_id      A 
_pdbx_modification_feature.modified_residue_auth_seq_id       79 
_pdbx_modification_feature.modified_residue_PDB_ins_code      ? 
_pdbx_modification_feature.modified_residue_symmetry          1_555 
_pdbx_modification_feature.comp_id_linking_atom               SG 
_pdbx_modification_feature.modified_residue_id_linking_atom   SG 
_pdbx_modification_feature.modified_residue_id                . 
_pdbx_modification_feature.ref_pcm_id                         . 
_pdbx_modification_feature.ref_comp_id                        . 
_pdbx_modification_feature.type                               None 
_pdbx_modification_feature.category                           'Disulfide bridge' 
# 
loop_
_struct_mon_prot_cis.pdbx_id 
_struct_mon_prot_cis.label_comp_id 
_struct_mon_prot_cis.label_seq_id 
_struct_mon_prot_cis.label_asym_id 
_struct_mon_prot_cis.label_alt_id 
_struct_mon_prot_cis.pdbx_PDB_ins_code 
_struct_mon_prot_cis.auth_comp_id 
_struct_mon_prot_cis.auth_seq_id 
_struct_mon_prot_cis.auth_asym_id 
_struct_mon_prot_cis.pdbx_label_comp_id_2 
_struct_mon_prot_cis.pdbx_label_seq_id_2 
_struct_mon_prot_cis.pdbx_label_asym_id_2 
_struct_mon_prot_cis.pdbx_PDB_ins_code_2 
_struct_mon_prot_cis.pdbx_auth_comp_id_2 
_struct_mon_prot_cis.pdbx_auth_seq_id_2 
_struct_mon_prot_cis.pdbx_auth_asym_id_2 
_struct_mon_prot_cis.pdbx_PDB_model_num 
_struct_mon_prot_cis.pdbx_omega_angle 
1 GLY 52  A . ? GLY 52  A PRO 53  A ? PRO 53  A 1 2.30 
2 ASN 120 A . ? ASN 120 A PRO 121 A ? PRO 121 A 1 5.37 
# 
loop_
_struct_sheet.id 
_struct_sheet.type 
_struct_sheet.number_strands 
_struct_sheet.details 
AA1 ? 9 ? 
AA2 ? 2 ? 
# 
loop_
_struct_sheet_order.sheet_id 
_struct_sheet_order.range_id_1 
_struct_sheet_order.range_id_2 
_struct_sheet_order.offset 
_struct_sheet_order.sense 
AA1 1 2 ? parallel      
AA1 2 3 ? parallel      
AA1 3 4 ? parallel      
AA1 4 5 ? parallel      
AA1 5 6 ? anti-parallel 
AA1 6 7 ? anti-parallel 
AA1 7 8 ? anti-parallel 
AA1 8 9 ? anti-parallel 
AA2 1 2 ? anti-parallel 
# 
loop_
_struct_sheet_range.sheet_id 
_struct_sheet_range.id 
_struct_sheet_range.beg_label_comp_id 
_struct_sheet_range.beg_label_asym_id 
_struct_sheet_range.beg_label_seq_id 
_struct_sheet_range.pdbx_beg_PDB_ins_code 
_struct_sheet_range.end_label_comp_id 
_struct_sheet_range.end_label_asym_id 
_struct_sheet_range.end_label_seq_id 
_struct_sheet_range.pdbx_end_PDB_ins_code 
_struct_sheet_range.beg_auth_comp_id 
_struct_sheet_range.beg_auth_asym_id 
_struct_sheet_range.beg_auth_seq_id 
_struct_sheet_range.end_auth_comp_id 
_struct_sheet_range.end_auth_asym_id 
_struct_sheet_range.end_auth_seq_id 
AA1 1 VAL A 26  ? ARG A 30  ? VAL A 26  ARG A 30  
AA1 2 ILE A 2   ? ASP A 6   ? ILE A 2   ASP A 6   
AA1 3 HIS A 46  ? ILE A 49  ? HIS A 46  ILE A 49  
AA1 4 ILE A 75  ? GLY A 77  ? ILE A 75  GLY A 77  
AA1 5 ILE A 164 ? VAL A 167 ? ILE A 164 VAL A 167 
AA1 6 ILE A 154 ? HIS A 159 ? ILE A 154 HIS A 159 
AA1 7 LEU A 141 ? TRP A 146 ? LEU A 141 TRP A 146 
AA1 8 THR A 104 ? HIS A 109 ? THR A 104 HIS A 109 
AA1 9 PHE A 122 ? THR A 125 ? PHE A 122 THR A 125 
AA2 1 ILE A 93  ? VAL A 94  ? ILE A 93  VAL A 94  
AA2 2 VAL A 131 ? VAL A 132 ? VAL A 131 VAL A 132 
# 
loop_
_pdbx_struct_sheet_hbond.sheet_id 
_pdbx_struct_sheet_hbond.range_id_1 
_pdbx_struct_sheet_hbond.range_id_2 
_pdbx_struct_sheet_hbond.range_1_label_atom_id 
_pdbx_struct_sheet_hbond.range_1_label_comp_id 
_pdbx_struct_sheet_hbond.range_1_label_asym_id 
_pdbx_struct_sheet_hbond.range_1_label_seq_id 
_pdbx_struct_sheet_hbond.range_1_PDB_ins_code 
_pdbx_struct_sheet_hbond.range_1_auth_atom_id 
_pdbx_struct_sheet_hbond.range_1_auth_comp_id 
_pdbx_struct_sheet_hbond.range_1_auth_asym_id 
_pdbx_struct_sheet_hbond.range_1_auth_seq_id 
_pdbx_struct_sheet_hbond.range_2_label_atom_id 
_pdbx_struct_sheet_hbond.range_2_label_comp_id 
_pdbx_struct_sheet_hbond.range_2_label_asym_id 
_pdbx_struct_sheet_hbond.range_2_label_seq_id 
_pdbx_struct_sheet_hbond.range_2_PDB_ins_code 
_pdbx_struct_sheet_hbond.range_2_auth_atom_id 
_pdbx_struct_sheet_hbond.range_2_auth_comp_id 
_pdbx_struct_sheet_hbond.range_2_auth_asym_id 
_pdbx_struct_sheet_hbond.range_2_auth_seq_id 
AA1 1 2 O VAL A 27  ? O VAL A 27  N MET A 4   ? N MET A 4   
AA1 2 3 N ILE A 5   ? N ILE A 5   O VAL A 48  ? O VAL A 48  
AA1 3 4 N ILE A 49  ? N ILE A 49  O LEU A 76  ? O LEU A 76  
AA1 4 5 N GLY A 77  ? N GLY A 77  O GLU A 165 ? O GLU A 165 
AA1 5 6 O GLY A 166 ? O GLY A 166 N ILE A 157 ? N ILE A 157 
AA1 6 7 O MET A 155 ? O MET A 155 N ALA A 145 ? N ALA A 145 
AA1 7 8 O TRP A 146 ? O TRP A 146 N TYR A 108 ? N TYR A 108 
AA1 8 9 N ILE A 107 ? N ILE A 107 O PHE A 122 ? O PHE A 122 
AA2 1 2 N VAL A 94  ? N VAL A 94  O VAL A 131 ? O VAL A 131 
# 
_pdbx_entry_details.entry_id                   6QUR 
_pdbx_entry_details.compound_details           ? 
_pdbx_entry_details.source_details             ? 
_pdbx_entry_details.nonpolymer_details         ? 
_pdbx_entry_details.sequence_details           ? 
_pdbx_entry_details.has_ligand_of_interest     ? 
_pdbx_entry_details.has_protein_modification   Y 
# 
loop_
_pdbx_validate_close_contact.id 
_pdbx_validate_close_contact.PDB_model_num 
_pdbx_validate_close_contact.auth_atom_id_1 
_pdbx_validate_close_contact.auth_asym_id_1 
_pdbx_validate_close_contact.auth_comp_id_1 
_pdbx_validate_close_contact.auth_seq_id_1 
_pdbx_validate_close_contact.PDB_ins_code_1 
_pdbx_validate_close_contact.label_alt_id_1 
_pdbx_validate_close_contact.auth_atom_id_2 
_pdbx_validate_close_contact.auth_asym_id_2 
_pdbx_validate_close_contact.auth_comp_id_2 
_pdbx_validate_close_contact.auth_seq_id_2 
_pdbx_validate_close_contact.PDB_ins_code_2 
_pdbx_validate_close_contact.label_alt_id_2 
_pdbx_validate_close_contact.dist 
1 1 OE2 A GLU 172 ? ? O A HOH 201 ? ? 2.10 
2 1 O   A HOH 262 ? ? O A HOH 287 ? ? 2.10 
3 1 O   A HOH 294 ? ? O A HOH 305 ? ? 2.16 
4 1 O   A HOH 286 ? ? O A HOH 298 ? ? 2.18 
5 1 O   A HOH 206 ? ? O A HOH 303 ? ? 2.18 
# 
loop_
_pdbx_validate_torsion.id 
_pdbx_validate_torsion.PDB_model_num 
_pdbx_validate_torsion.auth_comp_id 
_pdbx_validate_torsion.auth_asym_id 
_pdbx_validate_torsion.auth_seq_id 
_pdbx_validate_torsion.PDB_ins_code 
_pdbx_validate_torsion.label_alt_id 
_pdbx_validate_torsion.phi 
_pdbx_validate_torsion.psi 
1 1 CYS A 79  ? ? 54.15 -131.96 
2 1 ASP A 150 ? ? 64.21 -146.59 
# 
loop_
_pdbx_unobs_or_zero_occ_residues.id 
_pdbx_unobs_or_zero_occ_residues.PDB_model_num 
_pdbx_unobs_or_zero_occ_residues.polymer_flag 
_pdbx_unobs_or_zero_occ_residues.occupancy_flag 
_pdbx_unobs_or_zero_occ_residues.auth_asym_id 
_pdbx_unobs_or_zero_occ_residues.auth_comp_id 
_pdbx_unobs_or_zero_occ_residues.auth_seq_id 
_pdbx_unobs_or_zero_occ_residues.PDB_ins_code 
_pdbx_unobs_or_zero_occ_residues.label_asym_id 
_pdbx_unobs_or_zero_occ_residues.label_comp_id 
_pdbx_unobs_or_zero_occ_residues.label_seq_id 
1 1 Y 1 A HIS 194 ? A HIS 194 
2 1 Y 1 A HIS 195 ? A HIS 195 
3 1 Y 1 A HIS 196 ? A HIS 196 
4 1 Y 1 A HIS 197 ? A HIS 197 
# 
loop_
_chem_comp_atom.comp_id 
_chem_comp_atom.atom_id 
_chem_comp_atom.type_symbol 
_chem_comp_atom.pdbx_aromatic_flag 
_chem_comp_atom.pdbx_stereo_config 
_chem_comp_atom.pdbx_ordinal 
ALA N    N N N 1   
ALA CA   C N S 2   
ALA C    C N N 3   
ALA O    O N N 4   
ALA CB   C N N 5   
ALA OXT  O N N 6   
ALA H    H N N 7   
ALA H2   H N N 8   
ALA HA   H N N 9   
ALA HB1  H N N 10  
ALA HB2  H N N 11  
ALA HB3  H N N 12  
ALA HXT  H N N 13  
ARG N    N N N 14  
ARG CA   C N S 15  
ARG C    C N N 16  
ARG O    O N N 17  
ARG CB   C N N 18  
ARG CG   C N N 19  
ARG CD   C N N 20  
ARG NE   N N N 21  
ARG CZ   C N N 22  
ARG NH1  N N N 23  
ARG NH2  N N N 24  
ARG OXT  O N N 25  
ARG H    H N N 26  
ARG H2   H N N 27  
ARG HA   H N N 28  
ARG HB2  H N N 29  
ARG HB3  H N N 30  
ARG HG2  H N N 31  
ARG HG3  H N N 32  
ARG HD2  H N N 33  
ARG HD3  H N N 34  
ARG HE   H N N 35  
ARG HH11 H N N 36  
ARG HH12 H N N 37  
ARG HH21 H N N 38  
ARG HH22 H N N 39  
ARG HXT  H N N 40  
ASN N    N N N 41  
ASN CA   C N S 42  
ASN C    C N N 43  
ASN O    O N N 44  
ASN CB   C N N 45  
ASN CG   C N N 46  
ASN OD1  O N N 47  
ASN ND2  N N N 48  
ASN OXT  O N N 49  
ASN H    H N N 50  
ASN H2   H N N 51  
ASN HA   H N N 52  
ASN HB2  H N N 53  
ASN HB3  H N N 54  
ASN HD21 H N N 55  
ASN HD22 H N N 56  
ASN HXT  H N N 57  
ASP N    N N N 58  
ASP CA   C N S 59  
ASP C    C N N 60  
ASP O    O N N 61  
ASP CB   C N N 62  
ASP CG   C N N 63  
ASP OD1  O N N 64  
ASP OD2  O N N 65  
ASP OXT  O N N 66  
ASP H    H N N 67  
ASP H2   H N N 68  
ASP HA   H N N 69  
ASP HB2  H N N 70  
ASP HB3  H N N 71  
ASP HD2  H N N 72  
ASP HXT  H N N 73  
CYS N    N N N 74  
CYS CA   C N R 75  
CYS C    C N N 76  
CYS O    O N N 77  
CYS CB   C N N 78  
CYS SG   S N N 79  
CYS OXT  O N N 80  
CYS H    H N N 81  
CYS H2   H N N 82  
CYS HA   H N N 83  
CYS HB2  H N N 84  
CYS HB3  H N N 85  
CYS HG   H N N 86  
CYS HXT  H N N 87  
GLN N    N N N 88  
GLN CA   C N S 89  
GLN C    C N N 90  
GLN O    O N N 91  
GLN CB   C N N 92  
GLN CG   C N N 93  
GLN CD   C N N 94  
GLN OE1  O N N 95  
GLN NE2  N N N 96  
GLN OXT  O N N 97  
GLN H    H N N 98  
GLN H2   H N N 99  
GLN HA   H N N 100 
GLN HB2  H N N 101 
GLN HB3  H N N 102 
GLN HG2  H N N 103 
GLN HG3  H N N 104 
GLN HE21 H N N 105 
GLN HE22 H N N 106 
GLN HXT  H N N 107 
GLU N    N N N 108 
GLU CA   C N S 109 
GLU C    C N N 110 
GLU O    O N N 111 
GLU CB   C N N 112 
GLU CG   C N N 113 
GLU CD   C N N 114 
GLU OE1  O N N 115 
GLU OE2  O N N 116 
GLU OXT  O N N 117 
GLU H    H N N 118 
GLU H2   H N N 119 
GLU HA   H N N 120 
GLU HB2  H N N 121 
GLU HB3  H N N 122 
GLU HG2  H N N 123 
GLU HG3  H N N 124 
GLU HE2  H N N 125 
GLU HXT  H N N 126 
GLY N    N N N 127 
GLY CA   C N N 128 
GLY C    C N N 129 
GLY O    O N N 130 
GLY OXT  O N N 131 
GLY H    H N N 132 
GLY H2   H N N 133 
GLY HA2  H N N 134 
GLY HA3  H N N 135 
GLY HXT  H N N 136 
HIS N    N N N 137 
HIS CA   C N S 138 
HIS C    C N N 139 
HIS O    O N N 140 
HIS CB   C N N 141 
HIS CG   C Y N 142 
HIS ND1  N Y N 143 
HIS CD2  C Y N 144 
HIS CE1  C Y N 145 
HIS NE2  N Y N 146 
HIS OXT  O N N 147 
HIS H    H N N 148 
HIS H2   H N N 149 
HIS HA   H N N 150 
HIS HB2  H N N 151 
HIS HB3  H N N 152 
HIS HD1  H N N 153 
HIS HD2  H N N 154 
HIS HE1  H N N 155 
HIS HE2  H N N 156 
HIS HXT  H N N 157 
HOH O    O N N 158 
HOH H1   H N N 159 
HOH H2   H N N 160 
ILE N    N N N 161 
ILE CA   C N S 162 
ILE C    C N N 163 
ILE O    O N N 164 
ILE CB   C N S 165 
ILE CG1  C N N 166 
ILE CG2  C N N 167 
ILE CD1  C N N 168 
ILE OXT  O N N 169 
ILE H    H N N 170 
ILE H2   H N N 171 
ILE HA   H N N 172 
ILE HB   H N N 173 
ILE HG12 H N N 174 
ILE HG13 H N N 175 
ILE HG21 H N N 176 
ILE HG22 H N N 177 
ILE HG23 H N N 178 
ILE HD11 H N N 179 
ILE HD12 H N N 180 
ILE HD13 H N N 181 
ILE HXT  H N N 182 
LEU N    N N N 183 
LEU CA   C N S 184 
LEU C    C N N 185 
LEU O    O N N 186 
LEU CB   C N N 187 
LEU CG   C N N 188 
LEU CD1  C N N 189 
LEU CD2  C N N 190 
LEU OXT  O N N 191 
LEU H    H N N 192 
LEU H2   H N N 193 
LEU HA   H N N 194 
LEU HB2  H N N 195 
LEU HB3  H N N 196 
LEU HG   H N N 197 
LEU HD11 H N N 198 
LEU HD12 H N N 199 
LEU HD13 H N N 200 
LEU HD21 H N N 201 
LEU HD22 H N N 202 
LEU HD23 H N N 203 
LEU HXT  H N N 204 
LYS N    N N N 205 
LYS CA   C N S 206 
LYS C    C N N 207 
LYS O    O N N 208 
LYS CB   C N N 209 
LYS CG   C N N 210 
LYS CD   C N N 211 
LYS CE   C N N 212 
LYS NZ   N N N 213 
LYS OXT  O N N 214 
LYS H    H N N 215 
LYS H2   H N N 216 
LYS HA   H N N 217 
LYS HB2  H N N 218 
LYS HB3  H N N 219 
LYS HG2  H N N 220 
LYS HG3  H N N 221 
LYS HD2  H N N 222 
LYS HD3  H N N 223 
LYS HE2  H N N 224 
LYS HE3  H N N 225 
LYS HZ1  H N N 226 
LYS HZ2  H N N 227 
LYS HZ3  H N N 228 
LYS HXT  H N N 229 
MET N    N N N 230 
MET CA   C N S 231 
MET C    C N N 232 
MET O    O N N 233 
MET CB   C N N 234 
MET CG   C N N 235 
MET SD   S N N 236 
MET CE   C N N 237 
MET OXT  O N N 238 
MET H    H N N 239 
MET H2   H N N 240 
MET HA   H N N 241 
MET HB2  H N N 242 
MET HB3  H N N 243 
MET HG2  H N N 244 
MET HG3  H N N 245 
MET HE1  H N N 246 
MET HE2  H N N 247 
MET HE3  H N N 248 
MET HXT  H N N 249 
PHE N    N N N 250 
PHE CA   C N S 251 
PHE C    C N N 252 
PHE O    O N N 253 
PHE CB   C N N 254 
PHE CG   C Y N 255 
PHE CD1  C Y N 256 
PHE CD2  C Y N 257 
PHE CE1  C Y N 258 
PHE CE2  C Y N 259 
PHE CZ   C Y N 260 
PHE OXT  O N N 261 
PHE H    H N N 262 
PHE H2   H N N 263 
PHE HA   H N N 264 
PHE HB2  H N N 265 
PHE HB3  H N N 266 
PHE HD1  H N N 267 
PHE HD2  H N N 268 
PHE HE1  H N N 269 
PHE HE2  H N N 270 
PHE HZ   H N N 271 
PHE HXT  H N N 272 
PRO N    N N N 273 
PRO CA   C N S 274 
PRO C    C N N 275 
PRO O    O N N 276 
PRO CB   C N N 277 
PRO CG   C N N 278 
PRO CD   C N N 279 
PRO OXT  O N N 280 
PRO H    H N N 281 
PRO HA   H N N 282 
PRO HB2  H N N 283 
PRO HB3  H N N 284 
PRO HG2  H N N 285 
PRO HG3  H N N 286 
PRO HD2  H N N 287 
PRO HD3  H N N 288 
PRO HXT  H N N 289 
SER N    N N N 290 
SER CA   C N S 291 
SER C    C N N 292 
SER O    O N N 293 
SER CB   C N N 294 
SER OG   O N N 295 
SER OXT  O N N 296 
SER H    H N N 297 
SER H2   H N N 298 
SER HA   H N N 299 
SER HB2  H N N 300 
SER HB3  H N N 301 
SER HG   H N N 302 
SER HXT  H N N 303 
THR N    N N N 304 
THR CA   C N S 305 
THR C    C N N 306 
THR O    O N N 307 
THR CB   C N R 308 
THR OG1  O N N 309 
THR CG2  C N N 310 
THR OXT  O N N 311 
THR H    H N N 312 
THR H2   H N N 313 
THR HA   H N N 314 
THR HB   H N N 315 
THR HG1  H N N 316 
THR HG21 H N N 317 
THR HG22 H N N 318 
THR HG23 H N N 319 
THR HXT  H N N 320 
TRP N    N N N 321 
TRP CA   C N S 322 
TRP C    C N N 323 
TRP O    O N N 324 
TRP CB   C N N 325 
TRP CG   C Y N 326 
TRP CD1  C Y N 327 
TRP CD2  C Y N 328 
TRP NE1  N Y N 329 
TRP CE2  C Y N 330 
TRP CE3  C Y N 331 
TRP CZ2  C Y N 332 
TRP CZ3  C Y N 333 
TRP CH2  C Y N 334 
TRP OXT  O N N 335 
TRP H    H N N 336 
TRP H2   H N N 337 
TRP HA   H N N 338 
TRP HB2  H N N 339 
TRP HB3  H N N 340 
TRP HD1  H N N 341 
TRP HE1  H N N 342 
TRP HE3  H N N 343 
TRP HZ2  H N N 344 
TRP HZ3  H N N 345 
TRP HH2  H N N 346 
TRP HXT  H N N 347 
TYR N    N N N 348 
TYR CA   C N S 349 
TYR C    C N N 350 
TYR O    O N N 351 
TYR CB   C N N 352 
TYR CG   C Y N 353 
TYR CD1  C Y N 354 
TYR CD2  C Y N 355 
TYR CE1  C Y N 356 
TYR CE2  C Y N 357 
TYR CZ   C Y N 358 
TYR OH   O N N 359 
TYR OXT  O N N 360 
TYR H    H N N 361 
TYR H2   H N N 362 
TYR HA   H N N 363 
TYR HB2  H N N 364 
TYR HB3  H N N 365 
TYR HD1  H N N 366 
TYR HD2  H N N 367 
TYR HE1  H N N 368 
TYR HE2  H N N 369 
TYR HH   H N N 370 
TYR HXT  H N N 371 
VAL N    N N N 372 
VAL CA   C N S 373 
VAL C    C N N 374 
VAL O    O N N 375 
VAL CB   C N N 376 
VAL CG1  C N N 377 
VAL CG2  C N N 378 
VAL OXT  O N N 379 
VAL H    H N N 380 
VAL H2   H N N 381 
VAL HA   H N N 382 
VAL HB   H N N 383 
VAL HG11 H N N 384 
VAL HG12 H N N 385 
VAL HG13 H N N 386 
VAL HG21 H N N 387 
VAL HG22 H N N 388 
VAL HG23 H N N 389 
VAL HXT  H N N 390 
# 
loop_
_chem_comp_bond.comp_id 
_chem_comp_bond.atom_id_1 
_chem_comp_bond.atom_id_2 
_chem_comp_bond.value_order 
_chem_comp_bond.pdbx_aromatic_flag 
_chem_comp_bond.pdbx_stereo_config 
_chem_comp_bond.pdbx_ordinal 
ALA N   CA   sing N N 1   
ALA N   H    sing N N 2   
ALA N   H2   sing N N 3   
ALA CA  C    sing N N 4   
ALA CA  CB   sing N N 5   
ALA CA  HA   sing N N 6   
ALA C   O    doub N N 7   
ALA C   OXT  sing N N 8   
ALA CB  HB1  sing N N 9   
ALA CB  HB2  sing N N 10  
ALA CB  HB3  sing N N 11  
ALA OXT HXT  sing N N 12  
ARG N   CA   sing N N 13  
ARG N   H    sing N N 14  
ARG N   H2   sing N N 15  
ARG CA  C    sing N N 16  
ARG CA  CB   sing N N 17  
ARG CA  HA   sing N N 18  
ARG C   O    doub N N 19  
ARG C   OXT  sing N N 20  
ARG CB  CG   sing N N 21  
ARG CB  HB2  sing N N 22  
ARG CB  HB3  sing N N 23  
ARG CG  CD   sing N N 24  
ARG CG  HG2  sing N N 25  
ARG CG  HG3  sing N N 26  
ARG CD  NE   sing N N 27  
ARG CD  HD2  sing N N 28  
ARG CD  HD3  sing N N 29  
ARG NE  CZ   sing N N 30  
ARG NE  HE   sing N N 31  
ARG CZ  NH1  sing N N 32  
ARG CZ  NH2  doub N N 33  
ARG NH1 HH11 sing N N 34  
ARG NH1 HH12 sing N N 35  
ARG NH2 HH21 sing N N 36  
ARG NH2 HH22 sing N N 37  
ARG OXT HXT  sing N N 38  
ASN N   CA   sing N N 39  
ASN N   H    sing N N 40  
ASN N   H2   sing N N 41  
ASN CA  C    sing N N 42  
ASN CA  CB   sing N N 43  
ASN CA  HA   sing N N 44  
ASN C   O    doub N N 45  
ASN C   OXT  sing N N 46  
ASN CB  CG   sing N N 47  
ASN CB  HB2  sing N N 48  
ASN CB  HB3  sing N N 49  
ASN CG  OD1  doub N N 50  
ASN CG  ND2  sing N N 51  
ASN ND2 HD21 sing N N 52  
ASN ND2 HD22 sing N N 53  
ASN OXT HXT  sing N N 54  
ASP N   CA   sing N N 55  
ASP N   H    sing N N 56  
ASP N   H2   sing N N 57  
ASP CA  C    sing N N 58  
ASP CA  CB   sing N N 59  
ASP CA  HA   sing N N 60  
ASP C   O    doub N N 61  
ASP C   OXT  sing N N 62  
ASP CB  CG   sing N N 63  
ASP CB  HB2  sing N N 64  
ASP CB  HB3  sing N N 65  
ASP CG  OD1  doub N N 66  
ASP CG  OD2  sing N N 67  
ASP OD2 HD2  sing N N 68  
ASP OXT HXT  sing N N 69  
CYS N   CA   sing N N 70  
CYS N   H    sing N N 71  
CYS N   H2   sing N N 72  
CYS CA  C    sing N N 73  
CYS CA  CB   sing N N 74  
CYS CA  HA   sing N N 75  
CYS C   O    doub N N 76  
CYS C   OXT  sing N N 77  
CYS CB  SG   sing N N 78  
CYS CB  HB2  sing N N 79  
CYS CB  HB3  sing N N 80  
CYS SG  HG   sing N N 81  
CYS OXT HXT  sing N N 82  
GLN N   CA   sing N N 83  
GLN N   H    sing N N 84  
GLN N   H2   sing N N 85  
GLN CA  C    sing N N 86  
GLN CA  CB   sing N N 87  
GLN CA  HA   sing N N 88  
GLN C   O    doub N N 89  
GLN C   OXT  sing N N 90  
GLN CB  CG   sing N N 91  
GLN CB  HB2  sing N N 92  
GLN CB  HB3  sing N N 93  
GLN CG  CD   sing N N 94  
GLN CG  HG2  sing N N 95  
GLN CG  HG3  sing N N 96  
GLN CD  OE1  doub N N 97  
GLN CD  NE2  sing N N 98  
GLN NE2 HE21 sing N N 99  
GLN NE2 HE22 sing N N 100 
GLN OXT HXT  sing N N 101 
GLU N   CA   sing N N 102 
GLU N   H    sing N N 103 
GLU N   H2   sing N N 104 
GLU CA  C    sing N N 105 
GLU CA  CB   sing N N 106 
GLU CA  HA   sing N N 107 
GLU C   O    doub N N 108 
GLU C   OXT  sing N N 109 
GLU CB  CG   sing N N 110 
GLU CB  HB2  sing N N 111 
GLU CB  HB3  sing N N 112 
GLU CG  CD   sing N N 113 
GLU CG  HG2  sing N N 114 
GLU CG  HG3  sing N N 115 
GLU CD  OE1  doub N N 116 
GLU CD  OE2  sing N N 117 
GLU OE2 HE2  sing N N 118 
GLU OXT HXT  sing N N 119 
GLY N   CA   sing N N 120 
GLY N   H    sing N N 121 
GLY N   H2   sing N N 122 
GLY CA  C    sing N N 123 
GLY CA  HA2  sing N N 124 
GLY CA  HA3  sing N N 125 
GLY C   O    doub N N 126 
GLY C   OXT  sing N N 127 
GLY OXT HXT  sing N N 128 
HIS N   CA   sing N N 129 
HIS N   H    sing N N 130 
HIS N   H2   sing N N 131 
HIS CA  C    sing N N 132 
HIS CA  CB   sing N N 133 
HIS CA  HA   sing N N 134 
HIS C   O    doub N N 135 
HIS C   OXT  sing N N 136 
HIS CB  CG   sing N N 137 
HIS CB  HB2  sing N N 138 
HIS CB  HB3  sing N N 139 
HIS CG  ND1  sing Y N 140 
HIS CG  CD2  doub Y N 141 
HIS ND1 CE1  doub Y N 142 
HIS ND1 HD1  sing N N 143 
HIS CD2 NE2  sing Y N 144 
HIS CD2 HD2  sing N N 145 
HIS CE1 NE2  sing Y N 146 
HIS CE1 HE1  sing N N 147 
HIS NE2 HE2  sing N N 148 
HIS OXT HXT  sing N N 149 
HOH O   H1   sing N N 150 
HOH O   H2   sing N N 151 
ILE N   CA   sing N N 152 
ILE N   H    sing N N 153 
ILE N   H2   sing N N 154 
ILE CA  C    sing N N 155 
ILE CA  CB   sing N N 156 
ILE CA  HA   sing N N 157 
ILE C   O    doub N N 158 
ILE C   OXT  sing N N 159 
ILE CB  CG1  sing N N 160 
ILE CB  CG2  sing N N 161 
ILE CB  HB   sing N N 162 
ILE CG1 CD1  sing N N 163 
ILE CG1 HG12 sing N N 164 
ILE CG1 HG13 sing N N 165 
ILE CG2 HG21 sing N N 166 
ILE CG2 HG22 sing N N 167 
ILE CG2 HG23 sing N N 168 
ILE CD1 HD11 sing N N 169 
ILE CD1 HD12 sing N N 170 
ILE CD1 HD13 sing N N 171 
ILE OXT HXT  sing N N 172 
LEU N   CA   sing N N 173 
LEU N   H    sing N N 174 
LEU N   H2   sing N N 175 
LEU CA  C    sing N N 176 
LEU CA  CB   sing N N 177 
LEU CA  HA   sing N N 178 
LEU C   O    doub N N 179 
LEU C   OXT  sing N N 180 
LEU CB  CG   sing N N 181 
LEU CB  HB2  sing N N 182 
LEU CB  HB3  sing N N 183 
LEU CG  CD1  sing N N 184 
LEU CG  CD2  sing N N 185 
LEU CG  HG   sing N N 186 
LEU CD1 HD11 sing N N 187 
LEU CD1 HD12 sing N N 188 
LEU CD1 HD13 sing N N 189 
LEU CD2 HD21 sing N N 190 
LEU CD2 HD22 sing N N 191 
LEU CD2 HD23 sing N N 192 
LEU OXT HXT  sing N N 193 
LYS N   CA   sing N N 194 
LYS N   H    sing N N 195 
LYS N   H2   sing N N 196 
LYS CA  C    sing N N 197 
LYS CA  CB   sing N N 198 
LYS CA  HA   sing N N 199 
LYS C   O    doub N N 200 
LYS C   OXT  sing N N 201 
LYS CB  CG   sing N N 202 
LYS CB  HB2  sing N N 203 
LYS CB  HB3  sing N N 204 
LYS CG  CD   sing N N 205 
LYS CG  HG2  sing N N 206 
LYS CG  HG3  sing N N 207 
LYS CD  CE   sing N N 208 
LYS CD  HD2  sing N N 209 
LYS CD  HD3  sing N N 210 
LYS CE  NZ   sing N N 211 
LYS CE  HE2  sing N N 212 
LYS CE  HE3  sing N N 213 
LYS NZ  HZ1  sing N N 214 
LYS NZ  HZ2  sing N N 215 
LYS NZ  HZ3  sing N N 216 
LYS OXT HXT  sing N N 217 
MET N   CA   sing N N 218 
MET N   H    sing N N 219 
MET N   H2   sing N N 220 
MET CA  C    sing N N 221 
MET CA  CB   sing N N 222 
MET CA  HA   sing N N 223 
MET C   O    doub N N 224 
MET C   OXT  sing N N 225 
MET CB  CG   sing N N 226 
MET CB  HB2  sing N N 227 
MET CB  HB3  sing N N 228 
MET CG  SD   sing N N 229 
MET CG  HG2  sing N N 230 
MET CG  HG3  sing N N 231 
MET SD  CE   sing N N 232 
MET CE  HE1  sing N N 233 
MET CE  HE2  sing N N 234 
MET CE  HE3  sing N N 235 
MET OXT HXT  sing N N 236 
PHE N   CA   sing N N 237 
PHE N   H    sing N N 238 
PHE N   H2   sing N N 239 
PHE CA  C    sing N N 240 
PHE CA  CB   sing N N 241 
PHE CA  HA   sing N N 242 
PHE C   O    doub N N 243 
PHE C   OXT  sing N N 244 
PHE CB  CG   sing N N 245 
PHE CB  HB2  sing N N 246 
PHE CB  HB3  sing N N 247 
PHE CG  CD1  doub Y N 248 
PHE CG  CD2  sing Y N 249 
PHE CD1 CE1  sing Y N 250 
PHE CD1 HD1  sing N N 251 
PHE CD2 CE2  doub Y N 252 
PHE CD2 HD2  sing N N 253 
PHE CE1 CZ   doub Y N 254 
PHE CE1 HE1  sing N N 255 
PHE CE2 CZ   sing Y N 256 
PHE CE2 HE2  sing N N 257 
PHE CZ  HZ   sing N N 258 
PHE OXT HXT  sing N N 259 
PRO N   CA   sing N N 260 
PRO N   CD   sing N N 261 
PRO N   H    sing N N 262 
PRO CA  C    sing N N 263 
PRO CA  CB   sing N N 264 
PRO CA  HA   sing N N 265 
PRO C   O    doub N N 266 
PRO C   OXT  sing N N 267 
PRO CB  CG   sing N N 268 
PRO CB  HB2  sing N N 269 
PRO CB  HB3  sing N N 270 
PRO CG  CD   sing N N 271 
PRO CG  HG2  sing N N 272 
PRO CG  HG3  sing N N 273 
PRO CD  HD2  sing N N 274 
PRO CD  HD3  sing N N 275 
PRO OXT HXT  sing N N 276 
SER N   CA   sing N N 277 
SER N   H    sing N N 278 
SER N   H2   sing N N 279 
SER CA  C    sing N N 280 
SER CA  CB   sing N N 281 
SER CA  HA   sing N N 282 
SER C   O    doub N N 283 
SER C   OXT  sing N N 284 
SER CB  OG   sing N N 285 
SER CB  HB2  sing N N 286 
SER CB  HB3  sing N N 287 
SER OG  HG   sing N N 288 
SER OXT HXT  sing N N 289 
THR N   CA   sing N N 290 
THR N   H    sing N N 291 
THR N   H2   sing N N 292 
THR CA  C    sing N N 293 
THR CA  CB   sing N N 294 
THR CA  HA   sing N N 295 
THR C   O    doub N N 296 
THR C   OXT  sing N N 297 
THR CB  OG1  sing N N 298 
THR CB  CG2  sing N N 299 
THR CB  HB   sing N N 300 
THR OG1 HG1  sing N N 301 
THR CG2 HG21 sing N N 302 
THR CG2 HG22 sing N N 303 
THR CG2 HG23 sing N N 304 
THR OXT HXT  sing N N 305 
TRP N   CA   sing N N 306 
TRP N   H    sing N N 307 
TRP N   H2   sing N N 308 
TRP CA  C    sing N N 309 
TRP CA  CB   sing N N 310 
TRP CA  HA   sing N N 311 
TRP C   O    doub N N 312 
TRP C   OXT  sing N N 313 
TRP CB  CG   sing N N 314 
TRP CB  HB2  sing N N 315 
TRP CB  HB3  sing N N 316 
TRP CG  CD1  doub Y N 317 
TRP CG  CD2  sing Y N 318 
TRP CD1 NE1  sing Y N 319 
TRP CD1 HD1  sing N N 320 
TRP CD2 CE2  doub Y N 321 
TRP CD2 CE3  sing Y N 322 
TRP NE1 CE2  sing Y N 323 
TRP NE1 HE1  sing N N 324 
TRP CE2 CZ2  sing Y N 325 
TRP CE3 CZ3  doub Y N 326 
TRP CE3 HE3  sing N N 327 
TRP CZ2 CH2  doub Y N 328 
TRP CZ2 HZ2  sing N N 329 
TRP CZ3 CH2  sing Y N 330 
TRP CZ3 HZ3  sing N N 331 
TRP CH2 HH2  sing N N 332 
TRP OXT HXT  sing N N 333 
TYR N   CA   sing N N 334 
TYR N   H    sing N N 335 
TYR N   H2   sing N N 336 
TYR CA  C    sing N N 337 
TYR CA  CB   sing N N 338 
TYR CA  HA   sing N N 339 
TYR C   O    doub N N 340 
TYR C   OXT  sing N N 341 
TYR CB  CG   sing N N 342 
TYR CB  HB2  sing N N 343 
TYR CB  HB3  sing N N 344 
TYR CG  CD1  doub Y N 345 
TYR CG  CD2  sing Y N 346 
TYR CD1 CE1  sing Y N 347 
TYR CD1 HD1  sing N N 348 
TYR CD2 CE2  doub Y N 349 
TYR CD2 HD2  sing N N 350 
TYR CE1 CZ   doub Y N 351 
TYR CE1 HE1  sing N N 352 
TYR CE2 CZ   sing Y N 353 
TYR CE2 HE2  sing N N 354 
TYR CZ  OH   sing N N 355 
TYR OH  HH   sing N N 356 
TYR OXT HXT  sing N N 357 
VAL N   CA   sing N N 358 
VAL N   H    sing N N 359 
VAL N   H2   sing N N 360 
VAL CA  C    sing N N 361 
VAL CA  CB   sing N N 362 
VAL CA  HA   sing N N 363 
VAL C   O    doub N N 364 
VAL C   OXT  sing N N 365 
VAL CB  CG1  sing N N 366 
VAL CB  CG2  sing N N 367 
VAL CB  HB   sing N N 368 
VAL CG1 HG11 sing N N 369 
VAL CG1 HG12 sing N N 370 
VAL CG1 HG13 sing N N 371 
VAL CG2 HG21 sing N N 372 
VAL CG2 HG22 sing N N 373 
VAL CG2 HG23 sing N N 374 
VAL OXT HXT  sing N N 375 
# 
_pdbx_audit_support.funding_organization   ? 
_pdbx_audit_support.country                Germany 
_pdbx_audit_support.grant_number           ? 
_pdbx_audit_support.ordinal                1 
# 
_atom_sites.entry_id                    6QUR 
_atom_sites.fract_transf_matrix[1][1]   0.00824686 
_atom_sites.fract_transf_matrix[1][2]   -0.00545032 
_atom_sites.fract_transf_matrix[1][3]   0.01845987 
_atom_sites.fract_transf_matrix[2][1]   -0.01484376 
_atom_sites.fract_transf_matrix[2][2]   -0.00726963 
_atom_sites.fract_transf_matrix[2][3]   0.00448500 
_atom_sites.fract_transf_matrix[3][1]   0.00427538 
_atom_sites.fract_transf_matrix[3][2]   -0.01211506 
_atom_sites.fract_transf_matrix[3][3]   -0.00548701 
_atom_sites.fract_transf_vector[1]      -0.232645 
_atom_sites.fract_transf_vector[2]      0.262602 
_atom_sites.fract_transf_vector[3]      -0.200801 
# 
loop_
_atom_type.symbol 
C 
N 
O 
S 
# 
loop_
_atom_site.group_PDB 
_atom_site.id 
_atom_site.type_symbol 
_atom_site.label_atom_id 
_atom_site.label_alt_id 
_atom_site.label_comp_id 
_atom_site.label_asym_id 
_atom_site.label_entity_id 
_atom_site.label_seq_id 
_atom_site.pdbx_PDB_ins_code 
_atom_site.Cartn_x 
_atom_site.Cartn_y 
_atom_site.Cartn_z 
_atom_site.occupancy 
_atom_site.B_iso_or_equiv 
_atom_site.pdbx_formal_charge 
_atom_site.auth_seq_id 
_atom_site.auth_comp_id 
_atom_site.auth_asym_id 
_atom_site.auth_atom_id 
_atom_site.pdbx_PDB_model_num 
ATOM   1    N N   . MET A 1 1   ? -14.390 -9.398  5.776   1.00 42.07 ? 1   MET A N   1 
ATOM   2    C CA  . MET A 1 1   ? -13.230 -9.581  6.648   1.00 43.42 ? 1   MET A CA  1 
ATOM   3    C C   . MET A 1 1   ? -11.937 -9.172  5.929   1.00 35.65 ? 1   MET A C   1 
ATOM   4    O O   . MET A 1 1   ? -11.797 -9.393  4.732   1.00 37.23 ? 1   MET A O   1 
ATOM   5    C CB  . MET A 1 1   ? -13.138 -11.033 7.129   1.00 44.87 ? 1   MET A CB  1 
ATOM   6    C CG  . MET A 1 1   ? -11.996 -11.306 8.103   1.00 39.77 ? 1   MET A CG  1 
ATOM   7    S SD  . MET A 1 1   ? -10.524 -11.805 7.173   1.00 53.77 ? 1   MET A SD  1 
ATOM   8    C CE  . MET A 1 1   ? -10.952 -13.493 6.744   1.00 45.98 ? 1   MET A CE  1 
ATOM   9    N N   . ILE A 1 2   ? -11.012 -8.582  6.679   1.00 32.57 ? 2   ILE A N   1 
ATOM   10   C CA  . ILE A 1 2   ? -9.734  -8.092  6.162   1.00 32.46 ? 2   ILE A CA  1 
ATOM   11   C C   . ILE A 1 2   ? -8.630  -8.966  6.734   1.00 30.71 ? 2   ILE A C   1 
ATOM   12   O O   . ILE A 1 2   ? -8.534  -9.142  7.954   1.00 33.01 ? 2   ILE A O   1 
ATOM   13   C CB  . ILE A 1 2   ? -9.500  -6.617  6.529   1.00 35.69 ? 2   ILE A CB  1 
ATOM   14   C CG1 . ILE A 1 2   ? -10.591 -5.723  5.931   1.00 34.81 ? 2   ILE A CG1 1 
ATOM   15   C CG2 . ILE A 1 2   ? -8.101  -6.136  6.059   1.00 26.45 ? 2   ILE A CG2 1 
ATOM   16   C CD1 . ILE A 1 2   ? -10.659 -4.371  6.607   1.00 40.32 ? 2   ILE A CD1 1 
ATOM   17   N N   . LEU A 1 3   ? -7.800  -9.523  5.865   1.00 28.83 ? 3   LEU A N   1 
ATOM   18   C CA  . LEU A 1 3   ? -6.599  -10.219 6.305   1.00 24.68 ? 3   LEU A CA  1 
ATOM   19   C C   . LEU A 1 3   ? -5.422  -9.280  6.096   1.00 27.61 ? 3   LEU A C   1 
ATOM   20   O O   . LEU A 1 3   ? -5.241  -8.745  5.000   1.00 26.15 ? 3   LEU A O   1 
ATOM   21   C CB  . LEU A 1 3   ? -6.406  -11.526 5.540   1.00 29.36 ? 3   LEU A CB  1 
ATOM   22   C CG  . LEU A 1 3   ? -5.233  -12.360 6.054   1.00 35.16 ? 3   LEU A CG  1 
ATOM   23   C CD1 . LEU A 1 3   ? -5.700  -13.720 6.504   1.00 35.96 ? 3   LEU A CD1 1 
ATOM   24   C CD2 . LEU A 1 3   ? -4.173  -12.490 4.977   1.00 33.93 ? 3   LEU A CD2 1 
ATOM   25   N N   . MET A 1 4   ? -4.645  -9.063  7.154   1.00 26.53 ? 4   MET A N   1 
ATOM   26   C CA  . MET A 1 4   ? -3.582  -8.070  7.168   1.00 27.05 ? 4   MET A CA  1 
ATOM   27   C C   . MET A 1 4   ? -2.273  -8.777  7.456   1.00 30.64 ? 4   MET A C   1 
ATOM   28   O O   . MET A 1 4   ? -2.168  -9.519  8.437   1.00 30.01 ? 4   MET A O   1 
ATOM   29   C CB  . MET A 1 4   ? -3.892  -6.993  8.212   1.00 29.17 ? 4   MET A CB  1 
ATOM   30   C CG  . MET A 1 4   ? -2.777  -6.034  8.581   1.00 33.52 ? 4   MET A CG  1 
ATOM   31   S SD  . MET A 1 4   ? -3.396  -4.399  9.004   1.00 56.45 ? 4   MET A SD  1 
ATOM   32   C CE  . MET A 1 4   ? -3.805  -4.529  10.690  1.00 44.70 ? 4   MET A CE  1 
ATOM   33   N N   . ILE A 1 5   ? -1.283  -8.571  6.591   1.00 28.35 ? 5   ILE A N   1 
ATOM   34   C CA  . ILE A 1 5   ? 0.022   -9.187  6.768   1.00 30.36 ? 5   ILE A CA  1 
ATOM   35   C C   . ILE A 1 5   ? 0.975   -8.078  7.170   1.00 30.48 ? 5   ILE A C   1 
ATOM   36   O O   . ILE A 1 5   ? 1.113   -7.090  6.451   1.00 29.97 ? 5   ILE A O   1 
ATOM   37   C CB  . ILE A 1 5   ? 0.472   -9.924  5.499   1.00 33.44 ? 5   ILE A CB  1 
ATOM   38   C CG1 . ILE A 1 5   ? -0.537  -11.046 5.184   1.00 35.07 ? 5   ILE A CG1 1 
ATOM   39   C CG2 . ILE A 1 5   ? 1.910   -10.452 5.670   1.00 38.51 ? 5   ILE A CG2 1 
ATOM   40   C CD1 . ILE A 1 5   ? -0.327  -11.757 3.858   1.00 36.27 ? 5   ILE A CD1 1 
ATOM   41   N N   . ASP A 1 6   ? 1.568   -8.192  8.355   1.00 29.13 ? 6   ASP A N   1 
ATOM   42   C CA  . ASP A 1 6   ? 2.505   -7.186  8.841   1.00 30.33 ? 6   ASP A CA  1 
ATOM   43   C C   . ASP A 1 6   ? 3.744   -7.926  9.347   1.00 30.30 ? 6   ASP A C   1 
ATOM   44   O O   . ASP A 1 6   ? 3.957   -9.110  9.058   1.00 31.17 ? 6   ASP A O   1 
ATOM   45   C CB  . ASP A 1 6   ? 1.855   -6.285  9.911   1.00 27.67 ? 6   ASP A CB  1 
ATOM   46   C CG  . ASP A 1 6   ? 1.949   -6.864  11.337  1.00 30.56 ? 6   ASP A CG  1 
ATOM   47   O OD1 . ASP A 1 6   ? 2.056   -8.092  11.511  1.00 32.66 ? 6   ASP A OD1 1 
ATOM   48   O OD2 . ASP A 1 6   ? 1.934   -6.063  12.289  1.00 31.67 ? 6   ASP A OD2 1 
ATOM   49   N N   . ASN A 1 7   ? 4.585   -7.232  10.102  1.00 32.06 ? 7   ASN A N   1 
ATOM   50   C CA  . ASN A 1 7   ? 5.745   -7.847  10.742  1.00 33.16 ? 7   ASN A CA  1 
ATOM   51   C C   . ASN A 1 7   ? 5.800   -7.453  12.224  1.00 35.28 ? 7   ASN A C   1 
ATOM   52   O O   . ASN A 1 7   ? 6.832   -7.018  12.742  1.00 38.99 ? 7   ASN A O   1 
ATOM   53   C CB  . ASN A 1 7   ? 7.034   -7.461  10.014  1.00 31.00 ? 7   ASN A CB  1 
ATOM   54   C CG  . ASN A 1 7   ? 8.223   -8.287  10.469  1.00 38.51 ? 7   ASN A CG  1 
ATOM   55   O OD1 . ASN A 1 7   ? 8.057   -9.419  10.923  1.00 37.84 ? 7   ASN A OD1 1 
ATOM   56   N ND2 . ASN A 1 7   ? 9.426   -7.728  10.349  1.00 35.70 ? 7   ASN A ND2 1 
ATOM   57   N N   . TYR A 1 8   ? 4.669   -7.613  12.925  1.00 35.87 ? 8   TYR A N   1 
ATOM   58   C CA  . TYR A 1 8   ? 4.502   -7.153  14.309  1.00 37.78 ? 8   TYR A CA  1 
ATOM   59   C C   . TYR A 1 8   ? 4.917   -5.691  14.459  1.00 39.55 ? 8   TYR A C   1 
ATOM   60   O O   . TYR A 1 8   ? 5.735   -5.339  15.307  1.00 36.53 ? 8   TYR A O   1 
ATOM   61   C CB  . TYR A 1 8   ? 5.273   -8.041  15.293  1.00 36.14 ? 8   TYR A CB  1 
ATOM   62   C CG  . TYR A 1 8   ? 4.657   -9.419  15.439  1.00 34.56 ? 8   TYR A CG  1 
ATOM   63   C CD1 . TYR A 1 8   ? 5.079   -10.479 14.639  1.00 37.77 ? 8   TYR A CD1 1 
ATOM   64   C CD2 . TYR A 1 8   ? 3.641   -9.653  16.355  1.00 38.45 ? 8   TYR A CD2 1 
ATOM   65   C CE1 . TYR A 1 8   ? 4.514   -11.732 14.755  1.00 37.41 ? 8   TYR A CE1 1 
ATOM   66   C CE2 . TYR A 1 8   ? 3.070   -10.904 16.479  1.00 39.03 ? 8   TYR A CE2 1 
ATOM   67   C CZ  . TYR A 1 8   ? 3.516   -11.939 15.682  1.00 37.61 ? 8   TYR A CZ  1 
ATOM   68   O OH  . TYR A 1 8   ? 2.945   -13.194 15.799  1.00 38.46 ? 8   TYR A OH  1 
ATOM   69   N N   . ASP A 1 9   ? 4.324   -4.831  13.628  1.00 35.36 ? 9   ASP A N   1 
ATOM   70   C CA  . ASP A 1 9   ? 4.749   -3.443  13.502  1.00 36.62 ? 9   ASP A CA  1 
ATOM   71   C C   . ASP A 1 9   ? 3.999   -2.542  14.474  1.00 36.10 ? 9   ASP A C   1 
ATOM   72   O O   . ASP A 1 9   ? 2.855   -2.815  14.844  1.00 39.00 ? 9   ASP A O   1 
ATOM   73   C CB  . ASP A 1 9   ? 4.530   -2.948  12.061  1.00 34.02 ? 9   ASP A CB  1 
ATOM   74   C CG  . ASP A 1 9   ? 5.500   -3.577  11.087  1.00 33.39 ? 9   ASP A CG  1 
ATOM   75   O OD1 . ASP A 1 9   ? 5.143   -4.582  10.448  1.00 35.57 ? 9   ASP A OD1 1 
ATOM   76   O OD2 . ASP A 1 9   ? 6.640   -3.084  10.978  1.00 36.19 ? 9   ASP A OD2 1 
ATOM   77   N N   . SER A 1 10  ? 4.647   -1.433  14.852  1.00 37.85 ? 10  SER A N   1 
ATOM   78   C CA  . SER A 1 10  ? 4.103   -0.549  15.885  1.00 42.46 ? 10  SER A CA  1 
ATOM   79   C C   . SER A 1 10  ? 2.849   0.176   15.422  1.00 41.78 ? 10  SER A C   1 
ATOM   80   O O   . SER A 1 10  ? 2.002   0.540   16.247  1.00 42.28 ? 10  SER A O   1 
ATOM   81   C CB  . SER A 1 10  ? 5.168   0.468   16.321  1.00 45.30 ? 10  SER A CB  1 
ATOM   82   O OG  . SER A 1 10  ? 5.856   0.984   15.192  1.00 53.18 ? 10  SER A OG  1 
ATOM   83   N N   . PHE A 1 11  ? 2.701   0.391   14.116  1.00 38.41 ? 11  PHE A N   1 
ATOM   84   C CA  . PHE A 1 11  ? 1.549   1.114   13.599  1.00 38.92 ? 11  PHE A CA  1 
ATOM   85   C C   . PHE A 1 11  ? 0.315   0.239   13.455  1.00 38.47 ? 11  PHE A C   1 
ATOM   86   O O   . PHE A 1 11  ? -0.790  0.767   13.281  1.00 41.61 ? 11  PHE A O   1 
ATOM   87   C CB  . PHE A 1 11  ? 1.897   1.731   12.247  1.00 38.85 ? 11  PHE A CB  1 
ATOM   88   C CG  . PHE A 1 11  ? 2.588   0.782   11.304  1.00 38.61 ? 11  PHE A CG  1 
ATOM   89   C CD1 . PHE A 1 11  ? 1.871   -0.221  10.651  1.00 37.06 ? 11  PHE A CD1 1 
ATOM   90   C CD2 . PHE A 1 11  ? 3.953   0.907   11.051  1.00 38.97 ? 11  PHE A CD2 1 
ATOM   91   C CE1 . PHE A 1 11  ? 2.506   -1.078  9.759   1.00 35.41 ? 11  PHE A CE1 1 
ATOM   92   C CE2 . PHE A 1 11  ? 4.593   0.051   10.163  1.00 35.82 ? 11  PHE A CE2 1 
ATOM   93   C CZ  . PHE A 1 11  ? 3.874   -0.939  9.515   1.00 29.36 ? 11  PHE A CZ  1 
ATOM   94   N N   . THR A 1 12  ? 0.478   -1.079  13.536  1.00 37.06 ? 12  THR A N   1 
ATOM   95   C CA  . THR A 1 12  ? -0.625  -1.993  13.261  1.00 35.60 ? 12  THR A CA  1 
ATOM   96   C C   . THR A 1 12  ? -1.794  -1.787  14.221  1.00 40.77 ? 12  THR A C   1 
ATOM   97   O O   . THR A 1 12  ? -2.958  -1.887  13.818  1.00 38.50 ? 12  THR A O   1 
ATOM   98   C CB  . THR A 1 12  ? -0.099  -3.428  13.317  1.00 36.21 ? 12  THR A CB  1 
ATOM   99   O OG1 . THR A 1 12  ? 0.796   -3.636  12.215  1.00 38.63 ? 12  THR A OG1 1 
ATOM   100  C CG2 . THR A 1 12  ? -1.233  -4.458  13.249  1.00 32.19 ? 12  THR A CG2 1 
ATOM   101  N N   . TYR A 1 13  ? -1.512  -1.501  15.494  1.00 44.12 ? 13  TYR A N   1 
ATOM   102  C CA  . TYR A 1 13  ? -2.597  -1.372  16.467  1.00 45.89 ? 13  TYR A CA  1 
ATOM   103  C C   . TYR A 1 13  ? -3.565  -0.267  16.065  1.00 45.64 ? 13  TYR A C   1 
ATOM   104  O O   . TYR A 1 13  ? -4.790  -0.445  16.113  1.00 46.84 ? 13  TYR A O   1 
ATOM   105  C CB  . TYR A 1 13  ? -2.032  -1.111  17.868  1.00 49.02 ? 13  TYR A CB  1 
ATOM   106  C CG  . TYR A 1 13  ? -3.058  -0.504  18.801  1.00 55.40 ? 13  TYR A CG  1 
ATOM   107  C CD1 . TYR A 1 13  ? -3.950  -1.313  19.505  1.00 53.83 ? 13  TYR A CD1 1 
ATOM   108  C CD2 . TYR A 1 13  ? -3.152  0.881   18.967  1.00 56.13 ? 13  TYR A CD2 1 
ATOM   109  C CE1 . TYR A 1 13  ? -4.901  -0.763  20.353  1.00 56.86 ? 13  TYR A CE1 1 
ATOM   110  C CE2 . TYR A 1 13  ? -4.104  1.441   19.806  1.00 57.07 ? 13  TYR A CE2 1 
ATOM   111  C CZ  . TYR A 1 13  ? -4.973  0.614   20.503  1.00 58.69 ? 13  TYR A CZ  1 
ATOM   112  O OH  . TYR A 1 13  ? -5.919  1.160   21.344  1.00 62.51 ? 13  TYR A OH  1 
ATOM   113  N N   . ASN A 1 14  ? -3.030  0.887   15.662  1.00 45.98 ? 14  ASN A N   1 
ATOM   114  C CA  . ASN A 1 14  ? -3.888  2.016   15.321  1.00 45.32 ? 14  ASN A CA  1 
ATOM   115  C C   . ASN A 1 14  ? -4.772  1.693   14.124  1.00 41.39 ? 14  ASN A C   1 
ATOM   116  O O   . ASN A 1 14  ? -5.952  2.069   14.091  1.00 41.60 ? 14  ASN A O   1 
ATOM   117  C CB  . ASN A 1 14  ? -3.032  3.252   15.052  1.00 42.80 ? 14  ASN A CB  1 
ATOM   118  C CG  . ASN A 1 14  ? -2.412  3.814   16.312  1.00 49.36 ? 14  ASN A CG  1 
ATOM   119  O OD1 . ASN A 1 14  ? -2.871  3.538   17.415  1.00 53.05 ? 14  ASN A OD1 1 
ATOM   120  N ND2 . ASN A 1 14  ? -1.357  4.603   16.155  1.00 44.71 ? 14  ASN A ND2 1 
ATOM   121  N N   . LEU A 1 15  ? -4.224  0.989   13.135  1.00 41.56 ? 15  LEU A N   1 
ATOM   122  C CA  . LEU A 1 15  ? -5.014  0.641   11.962  1.00 39.63 ? 15  LEU A CA  1 
ATOM   123  C C   . LEU A 1 15  ? -6.106  -0.361  12.320  1.00 41.21 ? 15  LEU A C   1 
ATOM   124  O O   . LEU A 1 15  ? -7.244  -0.234  11.850  1.00 40.44 ? 15  LEU A O   1 
ATOM   125  C CB  . LEU A 1 15  ? -4.097  0.098   10.873  1.00 41.58 ? 15  LEU A CB  1 
ATOM   126  C CG  . LEU A 1 15  ? -4.623  -0.149  9.466   1.00 48.69 ? 15  LEU A CG  1 
ATOM   127  C CD1 . LEU A 1 15  ? -5.487  1.009   8.976   1.00 45.63 ? 15  LEU A CD1 1 
ATOM   128  C CD2 . LEU A 1 15  ? -3.430  -0.347  8.546   1.00 48.53 ? 15  LEU A CD2 1 
ATOM   129  N N   . VAL A 1 16  ? -5.777  -1.355  13.158  1.00 40.84 ? 16  VAL A N   1 
ATOM   130  C CA  . VAL A 1 16  ? -6.768  -2.340  13.597  1.00 42.17 ? 16  VAL A CA  1 
ATOM   131  C C   . VAL A 1 16  ? -7.931  -1.656  14.302  1.00 43.93 ? 16  VAL A C   1 
ATOM   132  O O   . VAL A 1 16  ? -9.101  -1.998  14.082  1.00 42.59 ? 16  VAL A O   1 
ATOM   133  C CB  . VAL A 1 16  ? -6.129  -3.393  14.521  1.00 42.78 ? 16  VAL A CB  1 
ATOM   134  C CG1 . VAL A 1 16  ? -7.192  -4.319  15.083  1.00 42.33 ? 16  VAL A CG1 1 
ATOM   135  C CG2 . VAL A 1 16  ? -5.173  -4.215  13.800  1.00 40.56 ? 16  VAL A CG2 1 
ATOM   136  N N   . GLN A 1 17  ? -7.627  -0.699  15.181  1.00 43.45 ? 17  GLN A N   1 
ATOM   137  C CA  . GLN A 1 17  ? -8.680  -0.049  15.951  1.00 45.81 ? 17  GLN A CA  1 
ATOM   138  C C   . GLN A 1 17  ? -9.609  0.738   15.046  1.00 47.06 ? 17  GLN A C   1 
ATOM   139  O O   . GLN A 1 17  ? -10.836 0.670   15.189  1.00 44.28 ? 17  GLN A O   1 
ATOM   140  C CB  . GLN A 1 17  ? -8.078  0.861   17.017  1.00 49.72 ? 17  GLN A CB  1 
ATOM   141  C CG  . GLN A 1 17  ? -9.109  1.456   17.962  1.00 50.61 ? 17  GLN A CG  1 
ATOM   142  C CD  . GLN A 1 17  ? -8.495  2.449   18.924  1.00 57.60 ? 17  GLN A CD  1 
ATOM   143  O OE1 . GLN A 1 17  ? -7.969  2.074   19.976  1.00 60.68 ? 17  GLN A OE1 1 
ATOM   144  N NE2 . GLN A 1 17  ? -8.542  3.728   18.561  1.00 60.57 ? 17  GLN A NE2 1 
ATOM   145  N N   . TYR A 1 18  ? -9.049  1.496   14.099  1.00 42.36 ? 18  TYR A N   1 
ATOM   146  C CA  . TYR A 1 18  ? -9.922  2.260   13.215  1.00 43.14 ? 18  TYR A CA  1 
ATOM   147  C C   . TYR A 1 18  ? -10.754 1.348   12.326  1.00 43.90 ? 18  TYR A C   1 
ATOM   148  O O   . TYR A 1 18  ? -11.912 1.667   12.026  1.00 46.44 ? 18  TYR A O   1 
ATOM   149  C CB  . TYR A 1 18  ? -9.110  3.246   12.366  1.00 44.58 ? 18  TYR A CB  1 
ATOM   150  C CG  . TYR A 1 18  ? -9.964  3.983   11.357  1.00 46.04 ? 18  TYR A CG  1 
ATOM   151  C CD1 . TYR A 1 18  ? -9.778  3.805   9.993   1.00 45.71 ? 18  TYR A CD1 1 
ATOM   152  C CD2 . TYR A 1 18  ? -10.975 4.843   11.772  1.00 47.83 ? 18  TYR A CD2 1 
ATOM   153  C CE1 . TYR A 1 18  ? -10.574 4.478   9.063   1.00 44.87 ? 18  TYR A CE1 1 
ATOM   154  C CE2 . TYR A 1 18  ? -11.773 5.517   10.853  1.00 47.85 ? 18  TYR A CE2 1 
ATOM   155  C CZ  . TYR A 1 18  ? -11.568 5.331   9.507   1.00 46.26 ? 18  TYR A CZ  1 
ATOM   156  O OH  . TYR A 1 18  ? -12.366 5.998   8.599   1.00 47.97 ? 18  TYR A OH  1 
ATOM   157  N N   . LEU A 1 19  ? -10.201 0.206   11.905  1.00 42.81 ? 19  LEU A N   1 
ATOM   158  C CA  . LEU A 1 19  ? -10.965 -0.685  11.036  1.00 42.53 ? 19  LEU A CA  1 
ATOM   159  C C   . LEU A 1 19  ? -12.160 -1.289  11.763  1.00 44.14 ? 19  LEU A C   1 
ATOM   160  O O   . LEU A 1 19  ? -13.186 -1.580  11.134  1.00 47.67 ? 19  LEU A O   1 
ATOM   161  C CB  . LEU A 1 19  ? -10.065 -1.787  10.493  1.00 42.57 ? 19  LEU A CB  1 
ATOM   162  C CG  . LEU A 1 19  ? -9.190  -1.367  9.308   1.00 35.88 ? 19  LEU A CG  1 
ATOM   163  C CD1 . LEU A 1 19  ? -8.130  -2.425  9.056   1.00 37.54 ? 19  LEU A CD1 1 
ATOM   164  C CD2 . LEU A 1 19  ? -10.042 -1.100  8.063   1.00 39.33 ? 19  LEU A CD2 1 
ATOM   165  N N   . GLY A 1 20  ? -12.049 -1.479  13.077  1.00 43.91 ? 20  GLY A N   1 
ATOM   166  C CA  . GLY A 1 20  ? -13.194 -1.938  13.848  1.00 45.34 ? 20  GLY A CA  1 
ATOM   167  C C   . GLY A 1 20  ? -14.268 -0.876  13.948  1.00 47.81 ? 20  GLY A C   1 
ATOM   168  O O   . GLY A 1 20  ? -15.463 -1.179  13.880  1.00 46.62 ? 20  GLY A O   1 
ATOM   169  N N   . GLU A 1 21  ? -13.858 0.388   14.086  1.00 47.88 ? 21  GLU A N   1 
ATOM   170  C CA  . GLU A 1 21  ? -14.808 1.494   14.039  1.00 48.56 ? 21  GLU A CA  1 
ATOM   171  C C   . GLU A 1 21  ? -15.545 1.576   12.701  1.00 50.14 ? 21  GLU A C   1 
ATOM   172  O O   . GLU A 1 21  ? -16.658 2.111   12.653  1.00 50.38 ? 21  GLU A O   1 
ATOM   173  C CB  . GLU A 1 21  ? -14.080 2.804   14.354  1.00 48.09 ? 21  GLU A CB  1 
ATOM   174  C CG  . GLU A 1 21  ? -13.400 2.798   15.726  1.00 48.73 ? 21  GLU A CG  1 
ATOM   175  C CD  . GLU A 1 21  ? -12.482 3.992   15.955  1.00 53.93 ? 21  GLU A CD  1 
ATOM   176  O OE1 . GLU A 1 21  ? -12.485 4.930   15.118  1.00 51.85 ? 21  GLU A OE1 1 
ATOM   177  O OE2 . GLU A 1 21  ? -11.752 3.984   16.977  1.00 54.12 ? 21  GLU A OE2 1 
ATOM   178  N N   . LEU A 1 22  ? -14.976 1.050   11.619  1.00 44.98 ? 22  LEU A N   1 
ATOM   179  C CA  . LEU A 1 22  ? -15.708 0.931   10.364  1.00 48.98 ? 22  LEU A CA  1 
ATOM   180  C C   . LEU A 1 22  ? -16.520 -0.362  10.274  1.00 46.71 ? 22  LEU A C   1 
ATOM   181  O O   . LEU A 1 22  ? -17.017 -0.690  9.193   1.00 50.64 ? 22  LEU A O   1 
ATOM   182  C CB  . LEU A 1 22  ? -14.748 1.017   9.172   1.00 47.38 ? 22  LEU A CB  1 
ATOM   183  C CG  . LEU A 1 22  ? -13.967 2.321   8.992   1.00 49.75 ? 22  LEU A CG  1 
ATOM   184  C CD1 . LEU A 1 22  ? -13.022 2.224   7.801   1.00 47.49 ? 22  LEU A CD1 1 
ATOM   185  C CD2 . LEU A 1 22  ? -14.903 3.511   8.830   1.00 47.80 ? 22  LEU A CD2 1 
ATOM   186  N N   . GLY A 1 23  ? -16.648 -1.105  11.367  1.00 48.56 ? 23  GLY A N   1 
ATOM   187  C CA  . GLY A 1 23  ? -17.368 -2.369  11.327  1.00 49.48 ? 23  GLY A CA  1 
ATOM   188  C C   . GLY A 1 23  ? -16.696 -3.474  10.538  1.00 51.03 ? 23  GLY A C   1 
ATOM   189  O O   . GLY A 1 23  ? -17.383 -4.350  9.999   1.00 48.01 ? 23  GLY A O   1 
ATOM   190  N N   . GLU A 1 24  ? -15.370 -3.460  10.443  1.00 46.13 ? 24  GLU A N   1 
ATOM   191  C CA  . GLU A 1 24  ? -14.624 -4.504  9.758   1.00 47.54 ? 24  GLU A CA  1 
ATOM   192  C C   . GLU A 1 24  ? -13.877 -5.353  10.779  1.00 44.03 ? 24  GLU A C   1 
ATOM   193  O O   . GLU A 1 24  ? -13.317 -4.827  11.745  1.00 48.32 ? 24  GLU A O   1 
ATOM   194  C CB  . GLU A 1 24  ? -13.633 -3.903  8.750   1.00 46.70 ? 24  GLU A CB  1 
ATOM   195  C CG  . GLU A 1 24  ? -14.284 -3.084  7.647   1.00 46.27 ? 24  GLU A CG  1 
ATOM   196  C CD  . GLU A 1 24  ? -14.645 -3.925  6.445   1.00 47.59 ? 24  GLU A CD  1 
ATOM   197  O OE1 . GLU A 1 24  ? -15.270 -3.386  5.506   1.00 53.36 ? 24  GLU A OE1 1 
ATOM   198  O OE2 . GLU A 1 24  ? -14.296 -5.129  6.440   1.00 49.15 ? 24  GLU A OE2 1 
ATOM   199  N N   . GLU A 1 25  ? -13.878 -6.668  10.576  1.00 44.41 ? 25  GLU A N   1 
ATOM   200  C CA  . GLU A 1 25  ? -13.070 -7.569  11.388  1.00 45.54 ? 25  GLU A CA  1 
ATOM   201  C C   . GLU A 1 25  ? -11.740 -7.835  10.691  1.00 39.78 ? 25  GLU A C   1 
ATOM   202  O O   . GLU A 1 25  ? -11.692 -8.054  9.477   1.00 40.31 ? 25  GLU A O   1 
ATOM   203  C CB  . GLU A 1 25  ? -13.799 -8.891  11.652  1.00 49.64 ? 25  GLU A CB  1 
ATOM   204  C CG  . GLU A 1 25  ? -14.118 -9.675  10.388  1.00 51.65 ? 25  GLU A CG  1 
ATOM   205  C CD  . GLU A 1 25  ? -14.955 -10.929 10.629  1.00 62.70 ? 25  GLU A CD  1 
ATOM   206  O OE1 . GLU A 1 25  ? -16.087 -10.806 11.149  1.00 65.41 ? 25  GLU A OE1 1 
ATOM   207  O OE2 . GLU A 1 25  ? -14.484 -12.037 10.276  1.00 61.72 ? 25  GLU A OE2 1 
ATOM   208  N N   . VAL A 1 26  ? -10.662 -7.817  11.467  1.00 37.75 ? 26  VAL A N   1 
ATOM   209  C CA  . VAL A 1 26  ? -9.310  -7.967  10.943  1.00 37.44 ? 26  VAL A CA  1 
ATOM   210  C C   . VAL A 1 26  ? -8.658  -9.179  11.581  1.00 40.09 ? 26  VAL A C   1 
ATOM   211  O O   . VAL A 1 26  ? -8.817  -9.424  12.784  1.00 38.46 ? 26  VAL A O   1 
ATOM   212  C CB  . VAL A 1 26  ? -8.454  -6.714  11.214  1.00 37.86 ? 26  VAL A CB  1 
ATOM   213  C CG1 . VAL A 1 26  ? -7.182  -6.750  10.369  1.00 38.83 ? 26  VAL A CG1 1 
ATOM   214  C CG2 . VAL A 1 26  ? -9.241  -5.448  10.961  1.00 39.64 ? 26  VAL A CG2 1 
ATOM   215  N N   . VAL A 1 27  ? -7.905  -9.931  10.786  1.00 34.63 ? 27  VAL A N   1 
ATOM   216  C CA  . VAL A 1 27  ? -7.014  -10.944 11.330  1.00 32.55 ? 27  VAL A CA  1 
ATOM   217  C C   . VAL A 1 27  ? -5.613  -10.664 10.794  1.00 32.07 ? 27  VAL A C   1 
ATOM   218  O O   . VAL A 1 27  ? -5.436  -10.416 9.593   1.00 34.68 ? 27  VAL A O   1 
ATOM   219  C CB  . VAL A 1 27  ? -7.481  -12.374 11.008  1.00 36.95 ? 27  VAL A CB  1 
ATOM   220  C CG1 . VAL A 1 27  ? -7.565  -12.625 9.508   1.00 40.70 ? 27  VAL A CG1 1 
ATOM   221  C CG2 . VAL A 1 27  ? -6.610  -13.391 11.727  1.00 39.51 ? 27  VAL A CG2 1 
ATOM   222  N N   . VAL A 1 28  ? -4.645  -10.630 11.702  1.00 32.11 ? 28  VAL A N   1 
ATOM   223  C CA  . VAL A 1 28  ? -3.282  -10.183 11.422  1.00 30.03 ? 28  VAL A CA  1 
ATOM   224  C C   . VAL A 1 28  ? -2.376  -11.401 11.431  1.00 31.92 ? 28  VAL A C   1 
ATOM   225  O O   . VAL A 1 28  ? -2.486  -12.265 12.312  1.00 35.57 ? 28  VAL A O   1 
ATOM   226  C CB  . VAL A 1 28  ? -2.781  -9.147  12.449  1.00 30.22 ? 28  VAL A CB  1 
ATOM   227  C CG1 . VAL A 1 28  ? -1.433  -8.584  12.021  1.00 31.72 ? 28  VAL A CG1 1 
ATOM   228  C CG2 . VAL A 1 28  ? -3.781  -8.032  12.637  1.00 33.74 ? 28  VAL A CG2 1 
ATOM   229  N N   . TYR A 1 29  ? -1.478  -11.465 10.455  1.00 29.65 ? 29  TYR A N   1 
ATOM   230  C CA  . TYR A 1 29  ? -0.435  -12.468 10.428  1.00 32.66 ? 29  TYR A CA  1 
ATOM   231  C C   . TYR A 1 29  ? 0.867   -11.826 9.997   1.00 33.74 ? 29  TYR A C   1 
ATOM   232  O O   . TYR A 1 29  ? 0.869   -10.862 9.232   1.00 28.05 ? 29  TYR A O   1 
ATOM   233  C CB  . TYR A 1 29  ? -0.748  -13.590 9.453   1.00 28.79 ? 29  TYR A CB  1 
ATOM   234  C CG  . TYR A 1 29  ? -1.939  -14.405 9.845   1.00 33.42 ? 29  TYR A CG  1 
ATOM   235  C CD1 . TYR A 1 29  ? -3.193  -14.116 9.329   1.00 32.56 ? 29  TYR A CD1 1 
ATOM   236  C CD2 . TYR A 1 29  ? -1.817  -15.459 10.743  1.00 36.56 ? 29  TYR A CD2 1 
ATOM   237  C CE1 . TYR A 1 29  ? -4.290  -14.863 9.680   1.00 34.36 ? 29  TYR A CE1 1 
ATOM   238  C CE2 . TYR A 1 29  ? -2.918  -16.209 11.104  1.00 36.62 ? 29  TYR A CE2 1 
ATOM   239  C CZ  . TYR A 1 29  ? -4.149  -15.903 10.569  1.00 36.02 ? 29  TYR A CZ  1 
ATOM   240  O OH  . TYR A 1 29  ? -5.258  -16.642 10.931  1.00 40.99 ? 29  TYR A OH  1 
ATOM   241  N N   . ARG A 1 30  ? 1.972   -12.366 10.508  1.00 30.99 ? 30  ARG A N   1 
ATOM   242  C CA  . ARG A 1 30  ? 3.256   -12.212 9.843   1.00 30.22 ? 30  ARG A CA  1 
ATOM   243  C C   . ARG A 1 30  ? 3.307   -13.164 8.642   1.00 34.04 ? 30  ARG A C   1 
ATOM   244  O O   . ARG A 1 30  ? 2.553   -14.144 8.563   1.00 34.51 ? 30  ARG A O   1 
ATOM   245  C CB  . ARG A 1 30  ? 4.383   -12.494 10.850  1.00 33.70 ? 30  ARG A CB  1 
ATOM   246  C CG  . ARG A 1 30  ? 5.774   -12.084 10.408  1.00 37.12 ? 30  ARG A CG  1 
ATOM   247  C CD  . ARG A 1 30  ? 6.759   -12.162 11.585  1.00 42.10 ? 30  ARG A CD  1 
ATOM   248  N NE  . ARG A 1 30  ? 6.729   -13.471 12.244  1.00 41.37 ? 30  ARG A NE  1 
ATOM   249  C CZ  . ARG A 1 30  ? 7.212   -13.710 13.463  1.00 47.03 ? 30  ARG A CZ  1 
ATOM   250  N NH1 . ARG A 1 30  ? 7.758   -12.728 14.169  1.00 40.03 ? 30  ARG A NH1 1 
ATOM   251  N NH2 . ARG A 1 30  ? 7.140   -14.933 13.981  1.00 46.92 ? 30  ARG A NH2 1 
ATOM   252  N N   . ASN A 1 31  ? 4.179   -12.856 7.673   1.00 36.70 ? 31  ASN A N   1 
ATOM   253  C CA  . ASN A 1 31  ? 4.227   -13.660 6.452   1.00 38.12 ? 31  ASN A CA  1 
ATOM   254  C C   . ASN A 1 31  ? 4.516   -15.136 6.728   1.00 40.32 ? 31  ASN A C   1 
ATOM   255  O O   . ASN A 1 31  ? 4.044   -16.006 5.986   1.00 42.67 ? 31  ASN A O   1 
ATOM   256  C CB  . ASN A 1 31  ? 5.276   -13.103 5.488   1.00 43.39 ? 31  ASN A CB  1 
ATOM   257  C CG  . ASN A 1 31  ? 5.275   -13.823 4.149   1.00 48.03 ? 31  ASN A CG  1 
ATOM   258  O OD1 . ASN A 1 31  ? 4.378   -13.621 3.320   1.00 49.70 ? 31  ASN A OD1 1 
ATOM   259  N ND2 . ASN A 1 31  ? 6.277   -14.681 3.936   1.00 47.06 ? 31  ASN A ND2 1 
ATOM   260  N N   . ASP A 1 32  ? 5.286   -15.449 7.768   1.00 40.04 ? 32  ASP A N   1 
ATOM   261  C CA  . ASP A 1 32  ? 5.586   -16.858 7.999   1.00 44.18 ? 32  ASP A CA  1 
ATOM   262  C C   . ASP A 1 32  ? 4.451   -17.603 8.691   1.00 43.27 ? 32  ASP A C   1 
ATOM   263  O O   . ASP A 1 32  ? 4.490   -18.839 8.753   1.00 44.23 ? 32  ASP A O   1 
ATOM   264  C CB  . ASP A 1 32  ? 6.894   -17.020 8.798   1.00 41.62 ? 32  ASP A CB  1 
ATOM   265  C CG  . ASP A 1 32  ? 6.983   -16.109 10.019  1.00 46.18 ? 32  ASP A CG  1 
ATOM   266  O OD1 . ASP A 1 32  ? 5.949   -15.602 10.505  1.00 46.70 ? 32  ASP A OD1 1 
ATOM   267  O OD2 . ASP A 1 32  ? 8.123   -15.907 10.509  1.00 51.34 ? 32  ASP A OD2 1 
ATOM   268  N N   . GLU A 1 33  ? 3.417   -16.896 9.153   1.00 40.67 ? 33  GLU A N   1 
ATOM   269  C CA  . GLU A 1 33  ? 2.409   -17.487 10.027  1.00 41.58 ? 33  GLU A CA  1 
ATOM   270  C C   . GLU A 1 33  ? 1.157   -17.987 9.303   1.00 42.17 ? 33  GLU A C   1 
ATOM   271  O O   . GLU A 1 33  ? 0.320   -18.643 9.939   1.00 37.90 ? 33  GLU A O   1 
ATOM   272  C CB  . GLU A 1 33  ? 2.012   -16.474 11.112  1.00 39.15 ? 33  GLU A CB  1 
ATOM   273  C CG  . GLU A 1 33  ? 3.111   -16.158 12.137  1.00 36.25 ? 33  GLU A CG  1 
ATOM   274  C CD  . GLU A 1 33  ? 2.717   -15.020 13.058  1.00 40.22 ? 33  GLU A CD  1 
ATOM   275  O OE1 . GLU A 1 33  ? 1.788   -14.276 12.692  1.00 39.35 ? 33  GLU A OE1 1 
ATOM   276  O OE2 . GLU A 1 33  ? 3.314   -14.865 14.152  1.00 37.72 ? 33  GLU A OE2 1 
ATOM   277  N N   . ILE A 1 34  ? 0.996   -17.720 8.006   1.00 40.29 ? 34  ILE A N   1 
ATOM   278  C CA  . ILE A 1 34  ? -0.142  -18.275 7.272   1.00 37.84 ? 34  ILE A CA  1 
ATOM   279  C C   . ILE A 1 34  ? 0.270   -18.541 5.828   1.00 39.92 ? 34  ILE A C   1 
ATOM   280  O O   . ILE A 1 34  ? 1.085   -17.814 5.255   1.00 40.56 ? 34  ILE A O   1 
ATOM   281  C CB  . ILE A 1 34  ? -1.381  -17.350 7.363   1.00 40.01 ? 34  ILE A CB  1 
ATOM   282  C CG1 . ILE A 1 34  ? -2.626  -18.091 6.866   1.00 43.16 ? 34  ILE A CG1 1 
ATOM   283  C CG2 . ILE A 1 34  ? -1.165  -16.056 6.603   1.00 37.82 ? 34  ILE A CG2 1 
ATOM   284  C CD1 . ILE A 1 34  ? -3.897  -17.254 6.850   1.00 40.83 ? 34  ILE A CD1 1 
ATOM   285  N N   . THR A 1 35  ? -0.281  -19.602 5.246   1.00 39.04 ? 35  THR A N   1 
ATOM   286  C CA  . THR A 1 35  ? 0.034   -19.985 3.878   1.00 41.38 ? 35  THR A CA  1 
ATOM   287  C C   . THR A 1 35  ? -1.054  -19.509 2.924   1.00 42.28 ? 35  THR A C   1 
ATOM   288  O O   . THR A 1 35  ? -2.163  -19.146 3.333   1.00 39.13 ? 35  THR A O   1 
ATOM   289  C CB  . THR A 1 35  ? 0.192   -21.502 3.732   1.00 44.82 ? 35  THR A CB  1 
ATOM   290  O OG1 . THR A 1 35  ? -1.102  -22.132 3.735   1.00 44.96 ? 35  THR A OG1 1 
ATOM   291  C CG2 . THR A 1 35  ? 1.059   -22.074 4.857   1.00 40.55 ? 35  THR A CG2 1 
ATOM   292  N N   . ILE A 1 36  ? -0.719  -19.528 1.631   1.00 41.94 ? 36  ILE A N   1 
ATOM   293  C CA  . ILE A 1 36  ? -1.699  -19.226 0.592   1.00 37.84 ? 36  ILE A CA  1 
ATOM   294  C C   . ILE A 1 36  ? -2.919  -20.129 0.733   1.00 44.53 ? 36  ILE A C   1 
ATOM   295  O O   . ILE A 1 36  ? -4.065  -19.688 0.568   1.00 40.88 ? 36  ILE A O   1 
ATOM   296  C CB  . ILE A 1 36  ? -1.065  -19.364 -0.806  1.00 41.10 ? 36  ILE A CB  1 
ATOM   297  C CG1 . ILE A 1 36  ? -0.128  -18.198 -1.111  1.00 42.47 ? 36  ILE A CG1 1 
ATOM   298  C CG2 . ILE A 1 36  ? -2.135  -19.423 -1.881  1.00 40.10 ? 36  ILE A CG2 1 
ATOM   299  C CD1 . ILE A 1 36  ? 0.537   -18.331 -2.469  1.00 42.26 ? 36  ILE A CD1 1 
ATOM   300  N N   . ALA A 1 37  ? -2.691  -21.408 1.037   1.00 41.25 ? 37  ALA A N   1 
ATOM   301  C CA  . ALA A 1 37  ? -3.802  -22.340 1.202   1.00 45.74 ? 37  ALA A CA  1 
ATOM   302  C C   . ALA A 1 37  ? -4.739  -21.879 2.308   1.00 42.15 ? 37  ALA A C   1 
ATOM   303  O O   . ALA A 1 37  ? -5.963  -21.847 2.128   1.00 46.81 ? 37  ALA A O   1 
ATOM   304  C CB  . ALA A 1 37  ? -3.270  -23.742 1.494   1.00 47.81 ? 37  ALA A CB  1 
ATOM   305  N N   . GLU A 1 38  ? -4.178  -21.492 3.456   1.00 46.57 ? 38  GLU A N   1 
ATOM   306  C CA  . GLU A 1 38  ? -5.014  -21.110 4.591   1.00 43.67 ? 38  GLU A CA  1 
ATOM   307  C C   . GLU A 1 38  ? -5.641  -19.739 4.391   1.00 45.04 ? 38  GLU A C   1 
ATOM   308  O O   . GLU A 1 38  ? -6.728  -19.480 4.916   1.00 41.07 ? 38  GLU A O   1 
ATOM   309  C CB  . GLU A 1 38  ? -4.194  -21.183 5.886   1.00 46.26 ? 38  GLU A CB  1 
ATOM   310  C CG  . GLU A 1 38  ? -3.194  -22.353 5.863   1.00 48.53 ? 38  GLU A CG  1 
ATOM   311  C CD  . GLU A 1 38  ? -2.253  -22.421 7.067   1.00 52.51 ? 38  GLU A CD  1 
ATOM   312  O OE1 . GLU A 1 38  ? -1.451  -21.483 7.245   1.00 51.38 ? 38  GLU A OE1 1 
ATOM   313  O OE2 . GLU A 1 38  ? -2.263  -23.437 7.807   1.00 55.81 ? 38  GLU A OE2 1 
ATOM   314  N N   . ILE A 1 39  ? -4.996  -18.853 3.626   1.00 42.06 ? 39  ILE A N   1 
ATOM   315  C CA  . ILE A 1 39  ? -5.660  -17.602 3.273   1.00 39.99 ? 39  ILE A CA  1 
ATOM   316  C C   . ILE A 1 39  ? -6.901  -17.884 2.432   1.00 42.85 ? 39  ILE A C   1 
ATOM   317  O O   . ILE A 1 39  ? -7.975  -17.316 2.668   1.00 42.82 ? 39  ILE A O   1 
ATOM   318  C CB  . ILE A 1 39  ? -4.687  -16.644 2.555   1.00 35.33 ? 39  ILE A CB  1 
ATOM   319  C CG1 . ILE A 1 39  ? -3.546  -16.201 3.480   1.00 39.54 ? 39  ILE A CG1 1 
ATOM   320  C CG2 . ILE A 1 39  ? -5.426  -15.412 2.088   1.00 37.67 ? 39  ILE A CG2 1 
ATOM   321  C CD1 . ILE A 1 39  ? -2.450  -15.368 2.751   1.00 31.51 ? 39  ILE A CD1 1 
ATOM   322  N N   . GLU A 1 40  ? -6.787  -18.795 1.463   1.00 42.36 ? 40  GLU A N   1 
ATOM   323  C CA  . GLU A 1 40  ? -7.938  -19.108 0.620   1.00 44.15 ? 40  GLU A CA  1 
ATOM   324  C C   . GLU A 1 40  ? -9.071  -19.706 1.441   1.00 46.16 ? 40  GLU A C   1 
ATOM   325  O O   . GLU A 1 40  ? -10.248 -19.415 1.196   1.00 46.62 ? 40  GLU A O   1 
ATOM   326  C CB  . GLU A 1 40  ? -7.535  -20.066 -0.496  1.00 45.22 ? 40  GLU A CB  1 
ATOM   327  C CG  . GLU A 1 40  ? -6.633  -19.439 -1.533  1.00 47.39 ? 40  GLU A CG  1 
ATOM   328  C CD  . GLU A 1 40  ? -6.639  -20.188 -2.847  1.00 53.98 ? 40  GLU A CD  1 
ATOM   329  O OE1 . GLU A 1 40  ? -6.688  -19.527 -3.914  1.00 52.57 ? 40  GLU A OE1 1 
ATOM   330  O OE2 . GLU A 1 40  ? -6.585  -21.438 -2.810  1.00 59.21 ? 40  GLU A OE2 1 
ATOM   331  N N   . LYS A 1 41  ? -8.734  -20.534 2.431   1.00 45.85 ? 41  LYS A N   1 
ATOM   332  C CA  . LYS A 1 41  ? -9.762  -21.140 3.264   1.00 50.41 ? 41  LYS A CA  1 
ATOM   333  C C   . LYS A 1 41  ? -10.503 -20.085 4.074   1.00 51.27 ? 41  LYS A C   1 
ATOM   334  O O   . LYS A 1 41  ? -11.717 -20.203 4.293   1.00 50.26 ? 41  LYS A O   1 
ATOM   335  C CB  . LYS A 1 41  ? -9.134  -22.189 4.181   1.00 48.76 ? 41  LYS A CB  1 
ATOM   336  C CG  . LYS A 1 41  ? -10.130 -23.188 4.745   1.00 56.98 ? 41  LYS A CG  1 
ATOM   337  C CD  . LYS A 1 41  ? -9.485  -24.548 5.007   1.00 60.58 ? 41  LYS A CD  1 
ATOM   338  C CE  . LYS A 1 41  ? -9.101  -25.242 3.701   1.00 60.81 ? 41  LYS A CE  1 
ATOM   339  N NZ  . LYS A 1 41  ? -8.121  -26.348 3.913   1.00 58.02 ? 41  LYS A NZ  1 
ATOM   340  N N   . LEU A 1 42  ? -9.798  -19.041 4.521   1.00 43.75 ? 42  LEU A N   1 
ATOM   341  C CA  . LEU A 1 42  ? -10.439 -17.989 5.298   1.00 44.26 ? 42  LEU A CA  1 
ATOM   342  C C   . LEU A 1 42  ? -11.305 -17.074 4.442   1.00 42.66 ? 42  LEU A C   1 
ATOM   343  O O   . LEU A 1 42  ? -12.188 -16.405 4.985   1.00 45.16 ? 42  LEU A O   1 
ATOM   344  C CB  . LEU A 1 42  ? -9.390  -17.167 6.057   1.00 40.92 ? 42  LEU A CB  1 
ATOM   345  C CG  . LEU A 1 42  ? -8.726  -17.861 7.264   1.00 47.11 ? 42  LEU A CG  1 
ATOM   346  C CD1 . LEU A 1 42  ? -7.499  -17.096 7.792   1.00 42.31 ? 42  LEU A CD1 1 
ATOM   347  C CD2 . LEU A 1 42  ? -9.732  -18.104 8.393   1.00 50.06 ? 42  LEU A CD2 1 
ATOM   348  N N   . LYS A 1 43  ? -11.091 -17.051 3.131   1.00 43.58 ? 43  LYS A N   1 
ATOM   349  C CA  . LYS A 1 43  ? -11.876 -16.239 2.206   1.00 41.86 ? 43  LYS A CA  1 
ATOM   350  C C   . LYS A 1 43  ? -11.999 -14.775 2.644   1.00 40.00 ? 43  LYS A C   1 
ATOM   351  O O   . LYS A 1 43  ? -13.111 -14.264 2.821   1.00 39.63 ? 43  LYS A O   1 
ATOM   352  C CB  . LYS A 1 43  ? -13.254 -16.857 2.010   1.00 45.82 ? 43  LYS A CB  1 
ATOM   353  C CG  . LYS A 1 43  ? -13.226 -18.318 1.551   1.00 48.07 ? 43  LYS A CG  1 
ATOM   354  C CD  . LYS A 1 43  ? -14.592 -18.995 1.711   1.00 52.35 ? 43  LYS A CD  1 
ATOM   355  C CE  . LYS A 1 43  ? -14.464 -20.521 1.797   1.00 54.50 ? 43  LYS A CE  1 
ATOM   356  N NZ  . LYS A 1 43  ? -13.783 -20.980 3.054   1.00 59.38 ? 43  LYS A NZ  1 
ATOM   357  N N   . PRO A 1 44  ? -10.886 -14.073 2.839   1.00 37.40 ? 44  PRO A N   1 
ATOM   358  C CA  . PRO A 1 44  ? -10.986 -12.659 3.205   1.00 33.84 ? 44  PRO A CA  1 
ATOM   359  C C   . PRO A 1 44  ? -11.512 -11.840 2.034   1.00 30.93 ? 44  PRO A C   1 
ATOM   360  O O   . PRO A 1 44  ? -11.401 -12.224 0.872   1.00 35.64 ? 44  PRO A O   1 
ATOM   361  C CB  . PRO A 1 44  ? -9.543  -12.272 3.566   1.00 34.98 ? 44  PRO A CB  1 
ATOM   362  C CG  . PRO A 1 44  ? -8.707  -13.231 2.821   1.00 36.30 ? 44  PRO A CG  1 
ATOM   363  C CD  . PRO A 1 44  ? -9.485  -14.514 2.704   1.00 37.77 ? 44  PRO A CD  1 
ATOM   364  N N   . ASP A 1 45  ? -12.126 -10.701 2.369   1.00 35.35 ? 45  ASP A N   1 
ATOM   365  C CA  . ASP A 1 45  ? -12.675 -9.771  1.390   1.00 33.19 ? 45  ASP A CA  1 
ATOM   366  C C   . ASP A 1 45  ? -11.677 -8.712  0.945   1.00 33.47 ? 45  ASP A C   1 
ATOM   367  O O   . ASP A 1 45  ? -11.890 -8.065  -0.085  1.00 31.09 ? 45  ASP A O   1 
ATOM   368  C CB  . ASP A 1 45  ? -13.912 -9.085  1.972   1.00 34.74 ? 45  ASP A CB  1 
ATOM   369  C CG  . ASP A 1 45  ? -14.973 -10.079 2.370   1.00 39.04 ? 45  ASP A CG  1 
ATOM   370  O OD1 . ASP A 1 45  ? -15.095 -10.375 3.582   1.00 42.43 ? 45  ASP A OD1 1 
ATOM   371  O OD2 . ASP A 1 45  ? -15.656 -10.587 1.452   1.00 39.75 ? 45  ASP A OD2 1 
ATOM   372  N N   . HIS A 1 46  ? -10.601 -8.526  1.699   1.00 32.00 ? 46  HIS A N   1 
ATOM   373  C CA  . HIS A 1 46  ? -9.586  -7.536  1.400   1.00 29.23 ? 46  HIS A CA  1 
ATOM   374  C C   . HIS A 1 46  ? -8.305  -8.045  2.024   1.00 27.89 ? 46  HIS A C   1 
ATOM   375  O O   . HIS A 1 46  ? -8.352  -8.641  3.103   1.00 28.64 ? 46  HIS A O   1 
ATOM   376  C CB  . HIS A 1 46  ? -9.910  -6.159  1.999   1.00 29.52 ? 46  HIS A CB  1 
ATOM   377  C CG  . HIS A 1 46  ? -11.192 -5.566  1.509   1.00 34.53 ? 46  HIS A CG  1 
ATOM   378  N ND1 . HIS A 1 46  ? -12.356 -5.596  2.247   1.00 42.54 ? 46  HIS A ND1 1 
ATOM   379  C CD2 . HIS A 1 46  ? -11.489 -4.919  0.358   1.00 37.30 ? 46  HIS A CD2 1 
ATOM   380  C CE1 . HIS A 1 46  ? -13.313 -4.984  1.572   1.00 35.85 ? 46  HIS A CE1 1 
ATOM   381  N NE2 . HIS A 1 46  ? -12.816 -4.572  0.419   1.00 37.52 ? 46  HIS A NE2 1 
ATOM   382  N N   . LEU A 1 47  ? -7.184  -7.797  1.348   1.00 27.44 ? 47  LEU A N   1 
ATOM   383  C CA  . LEU A 1 47  ? -5.848  -7.998  1.903   1.00 24.18 ? 47  LEU A CA  1 
ATOM   384  C C   . LEU A 1 47  ? -5.180  -6.650  2.076   1.00 24.51 ? 47  LEU A C   1 
ATOM   385  O O   . LEU A 1 47  ? -5.209  -5.817  1.172   1.00 25.24 ? 47  LEU A O   1 
ATOM   386  C CB  . LEU A 1 47  ? -4.953  -8.834  0.986   1.00 27.85 ? 47  LEU A CB  1 
ATOM   387  C CG  . LEU A 1 47  ? -5.441  -10.211 0.574   1.00 34.40 ? 47  LEU A CG  1 
ATOM   388  C CD1 . LEU A 1 47  ? -4.482  -10.775 -0.442  1.00 31.51 ? 47  LEU A CD1 1 
ATOM   389  C CD2 . LEU A 1 47  ? -5.549  -11.126 1.777   1.00 37.68 ? 47  LEU A CD2 1 
ATOM   390  N N   . VAL A 1 48  ? -4.535  -6.461  3.222   1.00 26.17 ? 48  VAL A N   1 
ATOM   391  C CA  . VAL A 1 48  ? -3.667  -5.321  3.453   1.00 25.59 ? 48  VAL A CA  1 
ATOM   392  C C   . VAL A 1 48  ? -2.290  -5.908  3.706   1.00 25.12 ? 48  VAL A C   1 
ATOM   393  O O   . VAL A 1 48  ? -2.125  -6.705  4.633   1.00 27.77 ? 48  VAL A O   1 
ATOM   394  C CB  . VAL A 1 48  ? -4.163  -4.475  4.639   1.00 27.42 ? 48  VAL A CB  1 
ATOM   395  C CG1 . VAL A 1 48  ? -3.166  -3.407  4.995   1.00 27.12 ? 48  VAL A CG1 1 
ATOM   396  C CG2 . VAL A 1 48  ? -5.523  -3.841  4.292   1.00 28.93 ? 48  VAL A CG2 1 
ATOM   397  N N   . ILE A 1 49  ? -1.333  -5.587  2.836   1.00 26.78 ? 49  ILE A N   1 
ATOM   398  C CA  . ILE A 1 49  ? 0.048   -6.043  2.971   1.00 26.07 ? 49  ILE A CA  1 
ATOM   399  C C   . ILE A 1 49  ? 0.807   -4.847  3.515   1.00 24.60 ? 49  ILE A C   1 
ATOM   400  O O   . ILE A 1 49  ? 1.070   -3.891  2.780   1.00 23.53 ? 49  ILE A O   1 
ATOM   401  C CB  . ILE A 1 49  ? 0.633   -6.509  1.634   1.00 28.60 ? 49  ILE A CB  1 
ATOM   402  C CG1 . ILE A 1 49  ? -0.248  -7.589  0.985   1.00 33.23 ? 49  ILE A CG1 1 
ATOM   403  C CG2 . ILE A 1 49  ? 2.083   -6.957  1.795   1.00 31.28 ? 49  ILE A CG2 1 
ATOM   404  C CD1 . ILE A 1 49  ? -0.459  -8.790  1.841   1.00 36.44 ? 49  ILE A CD1 1 
ATOM   405  N N   . SER A 1 50  ? 1.139   -4.872  4.830   1.00 24.73 ? 50  SER A N   1 
ATOM   406  C CA  . SER A 1 50  ? 1.803   -3.704  5.378   1.00 29.21 ? 50  SER A CA  1 
ATOM   407  C C   . SER A 1 50  ? 2.970   -4.105  6.269   1.00 27.87 ? 50  SER A C   1 
ATOM   408  O O   . SER A 1 50  ? 3.126   -3.534  7.350   1.00 26.94 ? 50  SER A O   1 
ATOM   409  C CB  . SER A 1 50  ? 0.817   -2.852  6.170   1.00 30.59 ? 50  SER A CB  1 
ATOM   410  O OG  . SER A 1 50  ? 0.064   -3.697  7.021   1.00 39.02 ? 50  SER A OG  1 
ATOM   411  N N   . PRO A 1 51  ? 3.828   -5.027  5.837   1.00 25.50 ? 51  PRO A N   1 
ATOM   412  C CA  . PRO A 1 51  ? 4.946   -5.425  6.698   1.00 28.98 ? 51  PRO A CA  1 
ATOM   413  C C   . PRO A 1 51  ? 6.037   -4.366  6.734   1.00 30.26 ? 51  PRO A C   1 
ATOM   414  O O   . PRO A 1 51  ? 6.322   -3.691  5.737   1.00 30.13 ? 51  PRO A O   1 
ATOM   415  C CB  . PRO A 1 51  ? 5.440   -6.717  6.047   1.00 31.44 ? 51  PRO A CB  1 
ATOM   416  C CG  . PRO A 1 51  ? 5.204   -6.510  4.600   1.00 31.82 ? 51  PRO A CG  1 
ATOM   417  C CD  . PRO A 1 51  ? 3.959   -5.628  4.490   1.00 29.55 ? 51  PRO A CD  1 
ATOM   418  N N   . GLY A 1 52  ? 6.654   -4.228  7.911   1.00 29.76 ? 52  GLY A N   1 
ATOM   419  C CA  . GLY A 1 52  ? 7.775   -3.337  8.093   1.00 32.65 ? 52  GLY A CA  1 
ATOM   420  C C   . GLY A 1 52  ? 8.962   -4.083  8.682   1.00 32.02 ? 52  GLY A C   1 
ATOM   421  O O   . GLY A 1 52  ? 9.008   -5.320  8.653   1.00 31.75 ? 52  GLY A O   1 
ATOM   422  N N   . PRO A 1 53  ? 9.945   -3.353  9.226   1.00 34.92 ? 53  PRO A N   1 
ATOM   423  C CA  . PRO A 1 53  ? 10.003  -1.893  9.370   1.00 28.83 ? 53  PRO A CA  1 
ATOM   424  C C   . PRO A 1 53  ? 10.000  -1.152  8.041   1.00 30.61 ? 53  PRO A C   1 
ATOM   425  O O   . PRO A 1 53  ? 10.447  -1.694  7.038   1.00 30.75 ? 53  PRO A O   1 
ATOM   426  C CB  . PRO A 1 53  ? 11.344  -1.658  10.087  1.00 36.23 ? 53  PRO A CB  1 
ATOM   427  C CG  . PRO A 1 53  ? 11.590  -2.918  10.830  1.00 37.56 ? 53  PRO A CG  1 
ATOM   428  C CD  . PRO A 1 53  ? 11.053  -4.014  9.952   1.00 35.18 ? 53  PRO A CD  1 
ATOM   429  N N   . CYS A 1 54  ? 9.482   0.067   8.051   1.00 28.50 ? 54  CYS A N   1 
ATOM   430  C CA  . CYS A 1 54  ? 9.421   0.882   6.845   1.00 30.22 ? 54  CYS A CA  1 
ATOM   431  C C   . CYS A 1 54  ? 10.761  1.597   6.747   1.00 34.66 ? 54  CYS A C   1 
ATOM   432  O O   . CYS A 1 54  ? 10.946  2.688   7.285   1.00 36.73 ? 54  CYS A O   1 
ATOM   433  C CB  . CYS A 1 54  ? 8.257   1.859   6.910   1.00 32.09 ? 54  CYS A CB  1 
ATOM   434  S SG  . CYS A 1 54  ? 6.646   1.207   7.520   1.00 36.91 ? 54  CYS A SG  1 
ATOM   435  N N   . THR A 1 55  ? 11.716  0.946   6.083   1.00 33.68 ? 55  THR A N   1 
ATOM   436  C CA  . THR A 1 55  ? 13.098  1.403   5.971   1.00 36.16 ? 55  THR A CA  1 
ATOM   437  C C   . THR A 1 55  ? 13.613  1.022   4.591   1.00 38.12 ? 55  THR A C   1 
ATOM   438  O O   . THR A 1 55  ? 12.998  0.183   3.922   1.00 37.78 ? 55  THR A O   1 
ATOM   439  C CB  . THR A 1 55  ? 13.985  0.768   7.051   1.00 37.34 ? 55  THR A CB  1 
ATOM   440  O OG1 . THR A 1 55  ? 14.031  -0.654  6.852   1.00 41.03 ? 55  THR A OG1 1 
ATOM   441  C CG2 . THR A 1 55  ? 13.467  1.069   8.462   1.00 39.75 ? 55  THR A CG2 1 
ATOM   442  N N   . PRO A 1 56  ? 14.732  1.587   4.129   1.00 35.51 ? 56  PRO A N   1 
ATOM   443  C CA  . PRO A 1 56  ? 15.285  1.149   2.843   1.00 35.65 ? 56  PRO A CA  1 
ATOM   444  C C   . PRO A 1 56  ? 15.657  -0.324  2.908   1.00 39.29 ? 56  PRO A C   1 
ATOM   445  O O   . PRO A 1 56  ? 16.364  -0.767  3.819   1.00 41.33 ? 56  PRO A O   1 
ATOM   446  C CB  . PRO A 1 56  ? 16.514  2.049   2.654   1.00 32.81 ? 56  PRO A CB  1 
ATOM   447  C CG  . PRO A 1 56  ? 16.258  3.242   3.561   1.00 33.23 ? 56  PRO A CG  1 
ATOM   448  C CD  . PRO A 1 56  ? 15.515  2.684   4.730   1.00 38.19 ? 56  PRO A CD  1 
ATOM   449  N N   . ASN A 1 57  ? 15.157  -1.086  1.936   1.00 35.60 ? 57  ASN A N   1 
ATOM   450  C CA  . ASN A 1 57  ? 15.179  -2.547  1.995   1.00 37.39 ? 57  ASN A CA  1 
ATOM   451  C C   . ASN A 1 57  ? 14.896  -3.078  0.599   1.00 41.53 ? 57  ASN A C   1 
ATOM   452  O O   . ASN A 1 57  ? 13.827  -2.813  0.042   1.00 41.21 ? 57  ASN A O   1 
ATOM   453  C CB  . ASN A 1 57  ? 14.129  -3.044  2.999   1.00 36.38 ? 57  ASN A CB  1 
ATOM   454  C CG  . ASN A 1 57  ? 14.196  -4.544  3.245   1.00 44.02 ? 57  ASN A CG  1 
ATOM   455  O OD1 . ASN A 1 57  ? 14.903  -5.281  2.551   1.00 45.52 ? 57  ASN A OD1 1 
ATOM   456  N ND2 . ASN A 1 57  ? 13.444  -5.003  4.244   1.00 45.20 ? 57  ASN A ND2 1 
ATOM   457  N N   . GLU A 1 58  ? 15.831  -3.839  0.038   1.00 39.19 ? 58  GLU A N   1 
ATOM   458  C CA  . GLU A 1 58  ? 15.639  -4.387  -1.304  1.00 41.85 ? 58  GLU A CA  1 
ATOM   459  C C   . GLU A 1 58  ? 14.686  -5.577  -1.338  1.00 46.31 ? 58  GLU A C   1 
ATOM   460  O O   . GLU A 1 58  ? 14.263  -5.985  -2.428  1.00 49.57 ? 58  GLU A O   1 
ATOM   461  C CB  . GLU A 1 58  ? 16.991  -4.798  -1.900  1.00 42.17 ? 58  GLU A CB  1 
ATOM   462  N N   . ALA A 1 59  ? 14.344  -6.152  -0.189  1.00 47.43 ? 59  ALA A N   1 
ATOM   463  C CA  . ALA A 1 59  ? 13.535  -7.359  -0.189  1.00 47.17 ? 59  ALA A CA  1 
ATOM   464  C C   . ALA A 1 59  ? 12.098  -7.055  -0.604  1.00 44.51 ? 59  ALA A C   1 
ATOM   465  O O   . ALA A 1 59  ? 11.554  -5.984  -0.321  1.00 43.18 ? 59  ALA A O   1 
ATOM   466  C CB  . ALA A 1 59  ? 13.552  -8.014  1.191   1.00 49.38 ? 59  ALA A CB  1 
ATOM   467  N N   . GLY A 1 60  ? 11.492  -8.009  -1.309  1.00 47.91 ? 60  GLY A N   1 
ATOM   468  C CA  . GLY A 1 60  ? 10.062  -7.991  -1.566  1.00 43.22 ? 60  GLY A CA  1 
ATOM   469  C C   . GLY A 1 60  ? 9.389   -8.985  -0.637  1.00 39.96 ? 60  GLY A C   1 
ATOM   470  O O   . GLY A 1 60  ? 9.807   -10.138 -0.543  1.00 44.57 ? 60  GLY A O   1 
ATOM   471  N N   . ILE A 1 61  ? 8.352   -8.519  0.059   1.00 40.83 ? 61  ILE A N   1 
ATOM   472  C CA  . ILE A 1 61  ? 7.664   -9.331  1.061   1.00 38.98 ? 61  ILE A CA  1 
ATOM   473  C C   . ILE A 1 61  ? 6.343   -9.813  0.484   1.00 39.59 ? 61  ILE A C   1 
ATOM   474  O O   . ILE A 1 61  ? 5.690   -9.109  -0.297  1.00 40.19 ? 61  ILE A O   1 
ATOM   475  C CB  . ILE A 1 61  ? 7.432   -8.549  2.371   1.00 38.60 ? 61  ILE A CB  1 
ATOM   476  C CG1 . ILE A 1 61  ? 8.700   -7.814  2.793   1.00 39.36 ? 61  ILE A CG1 1 
ATOM   477  C CG2 . ILE A 1 61  ? 6.933   -9.478  3.473   1.00 41.89 ? 61  ILE A CG2 1 
ATOM   478  C CD1 . ILE A 1 61  ? 9.912   -8.701  2.794   1.00 45.48 ? 61  ILE A CD1 1 
ATOM   479  N N   . SER A 1 62  ? 5.935   -11.020 0.885   1.00 39.32 ? 62  SER A N   1 
ATOM   480  C CA  . SER A 1 62  ? 4.636   -11.576 0.506   1.00 42.42 ? 62  SER A CA  1 
ATOM   481  C C   . SER A 1 62  ? 4.438   -11.507 -1.008  1.00 39.69 ? 62  SER A C   1 
ATOM   482  O O   . SER A 1 62  ? 3.349   -11.218 -1.513  1.00 37.87 ? 62  SER A O   1 
ATOM   483  C CB  . SER A 1 62  ? 3.494   -10.864 1.254   1.00 39.40 ? 62  SER A CB  1 
ATOM   484  O OG  . SER A 1 62  ? 3.712   -10.835 2.664   1.00 41.11 ? 62  SER A OG  1 
ATOM   485  N N   . LEU A 1 63  ? 5.522   -11.757 -1.747  1.00 40.12 ? 63  LEU A N   1 
ATOM   486  C CA  . LEU A 1 63  ? 5.447   -11.667 -3.202  1.00 38.11 ? 63  LEU A CA  1 
ATOM   487  C C   . LEU A 1 63  ? 4.546   -12.749 -3.767  1.00 40.81 ? 63  LEU A C   1 
ATOM   488  O O   . LEU A 1 63  ? 3.758   -12.496 -4.685  1.00 36.87 ? 63  LEU A O   1 
ATOM   489  C CB  . LEU A 1 63  ? 6.838   -11.780 -3.812  1.00 35.71 ? 63  LEU A CB  1 
ATOM   490  C CG  . LEU A 1 63  ? 7.672   -10.516 -3.704  1.00 41.27 ? 63  LEU A CG  1 
ATOM   491  C CD1 . LEU A 1 63  ? 8.942   -10.671 -4.529  1.00 47.17 ? 63  LEU A CD1 1 
ATOM   492  C CD2 . LEU A 1 63  ? 6.865   -9.323  -4.157  1.00 33.48 ? 63  LEU A CD2 1 
ATOM   493  N N   . GLU A 1 64  ? 4.656   -13.962 -3.227  1.00 40.49 ? 64  GLU A N   1 
ATOM   494  C CA  . GLU A 1 64  ? 3.826   -15.051 -3.717  1.00 44.67 ? 64  GLU A CA  1 
ATOM   495  C C   . GLU A 1 64  ? 2.363   -14.813 -3.377  1.00 39.13 ? 64  GLU A C   1 
ATOM   496  O O   . GLU A 1 64  ? 1.482   -15.125 -4.182  1.00 37.00 ? 64  GLU A O   1 
ATOM   497  C CB  . GLU A 1 64  ? 4.316   -16.387 -3.150  1.00 45.97 ? 64  GLU A CB  1 
ATOM   498  C CG  . GLU A 1 64  ? 5.721   -16.758 -3.616  1.00 47.67 ? 64  GLU A CG  1 
ATOM   499  C CD  . GLU A 1 64  ? 5.896   -16.574 -5.120  1.00 52.88 ? 64  GLU A CD  1 
ATOM   500  O OE1 . GLU A 1 64  ? 5.044   -17.078 -5.883  1.00 52.74 ? 64  GLU A OE1 1 
ATOM   501  O OE2 . GLU A 1 64  ? 6.878   -15.923 -5.543  1.00 53.60 ? 64  GLU A OE2 1 
ATOM   502  N N   . VAL A 1 65  ? 2.088   -14.233 -2.205  1.00 37.23 ? 65  VAL A N   1 
ATOM   503  C CA  . VAL A 1 65  ? 0.706   -13.917 -1.839  1.00 34.90 ? 65  VAL A CA  1 
ATOM   504  C C   . VAL A 1 65  ? 0.118   -12.913 -2.827  1.00 32.68 ? 65  VAL A C   1 
ATOM   505  O O   . VAL A 1 65  ? -0.969  -13.117 -3.379  1.00 31.08 ? 65  VAL A O   1 
ATOM   506  C CB  . VAL A 1 65  ? 0.639   -13.403 -0.387  1.00 36.83 ? 65  VAL A CB  1 
ATOM   507  C CG1 . VAL A 1 65  ? -0.664  -12.674 -0.116  1.00 32.99 ? 65  VAL A CG1 1 
ATOM   508  C CG2 . VAL A 1 65  ? 0.818   -14.550 0.610   1.00 36.22 ? 65  VAL A CG2 1 
ATOM   509  N N   . ILE A 1 66  ? 0.847   -11.829 -3.092  1.00 31.63 ? 66  ILE A N   1 
ATOM   510  C CA  . ILE A 1 66  ? 0.346   -10.790 -3.989  1.00 31.73 ? 66  ILE A CA  1 
ATOM   511  C C   . ILE A 1 66  ? 0.108   -11.345 -5.385  1.00 37.00 ? 66  ILE A C   1 
ATOM   512  O O   . ILE A 1 66  ? -0.918  -11.057 -6.010  1.00 32.08 ? 66  ILE A O   1 
ATOM   513  C CB  . ILE A 1 66  ? 1.304   -9.585  -4.033  1.00 28.88 ? 66  ILE A CB  1 
ATOM   514  C CG1 . ILE A 1 66  ? 1.270   -8.824  -2.696  1.00 33.09 ? 66  ILE A CG1 1 
ATOM   515  C CG2 . ILE A 1 66  ? 0.948   -8.681  -5.214  1.00 29.05 ? 66  ILE A CG2 1 
ATOM   516  C CD1 . ILE A 1 66  ? 2.370   -7.758  -2.578  1.00 30.88 ? 66  ILE A CD1 1 
ATOM   517  N N   . LYS A 1 67  ? 1.054   -12.140 -5.904  1.00 37.45 ? 67  LYS A N   1 
ATOM   518  C CA  . LYS A 1 67  ? 0.882   -12.683 -7.249  1.00 37.77 ? 67  LYS A CA  1 
ATOM   519  C C   . LYS A 1 67  ? -0.294  -13.644 -7.301  1.00 36.81 ? 67  LYS A C   1 
ATOM   520  O O   . LYS A 1 67  ? -1.088  -13.618 -8.248  1.00 37.59 ? 67  LYS A O   1 
ATOM   521  C CB  . LYS A 1 67  ? 2.162   -13.382 -7.705  1.00 38.72 ? 67  LYS A CB  1 
ATOM   522  C CG  . LYS A 1 67  ? 3.293   -12.430 -8.099  1.00 42.68 ? 67  LYS A CG  1 
ATOM   523  C CD  . LYS A 1 67  ? 4.659   -13.091 -7.986  1.00 45.67 ? 67  LYS A CD  1 
ATOM   524  C CE  . LYS A 1 67  ? 5.426   -12.960 -9.295  1.00 50.15 ? 67  LYS A CE  1 
ATOM   525  N NZ  . LYS A 1 67  ? 6.915   -13.025 -9.121  1.00 57.45 ? 67  LYS A NZ  1 
ATOM   526  N N   . HIS A 1 68  ? -0.434  -14.480 -6.278  1.00 39.47 ? 68  HIS A N   1 
ATOM   527  C CA  . HIS A 1 68  ? -1.485  -15.488 -6.282  1.00 36.75 ? 68  HIS A CA  1 
ATOM   528  C C   . HIS A 1 68  ? -2.872  -14.862 -6.198  1.00 38.94 ? 68  HIS A C   1 
ATOM   529  O O   . HIS A 1 68  ? -3.799  -15.308 -6.879  1.00 40.53 ? 68  HIS A O   1 
ATOM   530  C CB  . HIS A 1 68  ? -1.279  -16.459 -5.129  1.00 37.90 ? 68  HIS A CB  1 
ATOM   531  C CG  . HIS A 1 68  ? -2.368  -17.475 -5.012  1.00 40.80 ? 68  HIS A CG  1 
ATOM   532  N ND1 . HIS A 1 68  ? -2.344  -18.671 -5.699  1.00 46.63 ? 68  HIS A ND1 1 
ATOM   533  C CD2 . HIS A 1 68  ? -3.529  -17.463 -4.317  1.00 43.12 ? 68  HIS A CD2 1 
ATOM   534  C CE1 . HIS A 1 68  ? -3.437  -19.356 -5.422  1.00 44.42 ? 68  HIS A CE1 1 
ATOM   535  N NE2 . HIS A 1 68  ? -4.171  -18.648 -4.582  1.00 46.77 ? 68  HIS A NE2 1 
ATOM   536  N N   . PHE A 1 69  ? -3.046  -13.846 -5.358  1.00 40.94 ? 69  PHE A N   1 
ATOM   537  C CA  . PHE A 1 69  ? -4.374  -13.293 -5.124  1.00 36.38 ? 69  PHE A CA  1 
ATOM   538  C C   . PHE A 1 69  ? -4.680  -12.076 -5.982  1.00 38.79 ? 69  PHE A C   1 
ATOM   539  O O   . PHE A 1 69  ? -5.782  -11.529 -5.874  1.00 34.09 ? 69  PHE A O   1 
ATOM   540  C CB  . PHE A 1 69  ? -4.554  -12.950 -3.641  1.00 34.84 ? 69  PHE A CB  1 
ATOM   541  C CG  . PHE A 1 69  ? -4.664  -14.151 -2.767  1.00 36.82 ? 69  PHE A CG  1 
ATOM   542  C CD1 . PHE A 1 69  ? -5.837  -14.894 -2.730  1.00 39.00 ? 69  PHE A CD1 1 
ATOM   543  C CD2 . PHE A 1 69  ? -3.595  -14.558 -1.994  1.00 35.88 ? 69  PHE A CD2 1 
ATOM   544  C CE1 . PHE A 1 69  ? -5.936  -16.014 -1.926  1.00 35.74 ? 69  PHE A CE1 1 
ATOM   545  C CE2 . PHE A 1 69  ? -3.688  -15.682 -1.196  1.00 37.87 ? 69  PHE A CE2 1 
ATOM   546  C CZ  . PHE A 1 69  ? -4.864  -16.409 -1.159  1.00 38.67 ? 69  PHE A CZ  1 
ATOM   547  N N   . ALA A 1 70  ? -3.732  -11.632 -6.809  1.00 36.11 ? 70  ALA A N   1 
ATOM   548  C CA  . ALA A 1 70  ? -4.016  -10.622 -7.821  1.00 35.64 ? 70  ALA A CA  1 
ATOM   549  C C   . ALA A 1 70  ? -5.169  -11.093 -8.694  1.00 40.33 ? 70  ALA A C   1 
ATOM   550  O O   . ALA A 1 70  ? -5.102  -12.167 -9.299  1.00 43.55 ? 70  ALA A O   1 
ATOM   551  C CB  . ALA A 1 70  ? -2.773  -10.367 -8.674  1.00 35.77 ? 70  ALA A CB  1 
ATOM   552  N N   . GLY A 1 71  ? -6.229  -10.297 -8.751  1.00 37.53 ? 71  GLY A N   1 
ATOM   553  C CA  . GLY A 1 71  ? -7.414  -10.706 -9.478  1.00 39.77 ? 71  GLY A CA  1 
ATOM   554  C C   . GLY A 1 71  ? -8.300  -11.688 -8.750  1.00 40.93 ? 71  GLY A C   1 
ATOM   555  O O   . GLY A 1 71  ? -9.218  -12.251 -9.361  1.00 43.92 ? 71  GLY A O   1 
ATOM   556  N N   . LYS A 1 72  ? -8.047  -11.939 -7.474  1.00 40.34 ? 72  LYS A N   1 
ATOM   557  C CA  . LYS A 1 72  ? -8.955  -12.723 -6.647  1.00 37.90 ? 72  LYS A CA  1 
ATOM   558  C C   . LYS A 1 72  ? -9.521  -11.898 -5.507  1.00 40.46 ? 72  LYS A C   1 
ATOM   559  O O   . LYS A 1 72  ? -10.730 -11.949 -5.245  1.00 38.92 ? 72  LYS A O   1 
ATOM   560  C CB  . LYS A 1 72  ? -8.234  -13.955 -6.078  1.00 40.23 ? 72  LYS A CB  1 
ATOM   561  C CG  . LYS A 1 72  ? -7.838  -15.005 -7.110  1.00 47.53 ? 72  LYS A CG  1 
ATOM   562  C CD  . LYS A 1 72  ? -7.762  -16.371 -6.444  1.00 52.92 ? 72  LYS A CD  1 
ATOM   563  C CE  . LYS A 1 72  ? -6.986  -17.387 -7.271  1.00 58.26 ? 72  LYS A CE  1 
ATOM   564  N NZ  . LYS A 1 72  ? -7.167  -18.765 -6.714  1.00 58.18 ? 72  LYS A NZ  1 
ATOM   565  N N   . ILE A 1 73  ? -8.671  -11.130 -4.832  1.00 33.53 ? 73  ILE A N   1 
ATOM   566  C CA  . ILE A 1 73  ? -9.015  -10.352 -3.646  1.00 32.48 ? 73  ILE A CA  1 
ATOM   567  C C   . ILE A 1 73  ? -8.394  -8.968  -3.810  1.00 34.23 ? 73  ILE A C   1 
ATOM   568  O O   . ILE A 1 73  ? -7.249  -8.869  -4.279  1.00 34.28 ? 73  ILE A O   1 
ATOM   569  C CB  . ILE A 1 73  ? -8.480  -11.021 -2.364  1.00 33.81 ? 73  ILE A CB  1 
ATOM   570  C CG1 . ILE A 1 73  ? -8.955  -12.467 -2.219  1.00 33.49 ? 73  ILE A CG1 1 
ATOM   571  C CG2 . ILE A 1 73  ? -8.847  -10.212 -1.139  1.00 31.29 ? 73  ILE A CG2 1 
ATOM   572  C CD1 . ILE A 1 73  ? -8.312  -13.164 -1.006  1.00 31.96 ? 73  ILE A CD1 1 
ATOM   573  N N   . PRO A 1 74  ? -9.104  -7.888  -3.478  1.00 32.26 ? 74  PRO A N   1 
ATOM   574  C CA  . PRO A 1 74  ? -8.488  -6.552  -3.523  1.00 29.44 ? 74  PRO A CA  1 
ATOM   575  C C   . PRO A 1 74  ? -7.311  -6.483  -2.564  1.00 26.78 ? 74  PRO A C   1 
ATOM   576  O O   . PRO A 1 74  ? -7.367  -7.045  -1.463  1.00 29.57 ? 74  PRO A O   1 
ATOM   577  C CB  . PRO A 1 74  ? -9.616  -5.618  -3.070  1.00 32.13 ? 74  PRO A CB  1 
ATOM   578  C CG  . PRO A 1 74  ? -10.898 -6.382  -3.376  1.00 33.29 ? 74  PRO A CG  1 
ATOM   579  C CD  . PRO A 1 74  ? -10.548 -7.839  -3.155  1.00 33.24 ? 74  PRO A CD  1 
ATOM   580  N N   . ILE A 1 75  ? -6.270  -5.759  -2.974  1.00 26.52 ? 75  ILE A N   1 
ATOM   581  C CA  . ILE A 1 75  ? -5.011  -5.697  -2.229  1.00 24.08 ? 75  ILE A CA  1 
ATOM   582  C C   . ILE A 1 75  ? -4.614  -4.239  -2.046  1.00 27.17 ? 75  ILE A C   1 
ATOM   583  O O   . ILE A 1 75  ? -4.561  -3.482  -3.020  1.00 27.08 ? 75  ILE A O   1 
ATOM   584  C CB  . ILE A 1 75  ? -3.885  -6.462  -2.961  1.00 23.85 ? 75  ILE A CB  1 
ATOM   585  C CG1 . ILE A 1 75  ? -4.209  -7.956  -3.073  1.00 27.29 ? 75  ILE A CG1 1 
ATOM   586  C CG2 . ILE A 1 75  ? -2.520  -6.223  -2.274  1.00 25.28 ? 75  ILE A CG2 1 
ATOM   587  C CD1 . ILE A 1 75  ? -3.271  -8.689  -4.034  1.00 28.21 ? 75  ILE A CD1 1 
ATOM   588  N N   . LEU A 1 76  ? -4.284  -3.858  -0.812  1.00 25.19 ? 76  LEU A N   1 
ATOM   589  C CA  . LEU A 1 76  ? -3.694  -2.558  -0.506  1.00 23.04 ? 76  LEU A CA  1 
ATOM   590  C C   . LEU A 1 76  ? -2.328  -2.789  0.119   1.00 23.19 ? 76  LEU A C   1 
ATOM   591  O O   . LEU A 1 76  ? -2.224  -3.517  1.107   1.00 24.84 ? 76  LEU A O   1 
ATOM   592  C CB  . LEU A 1 76  ? -4.573  -1.768  0.465   1.00 23.63 ? 76  LEU A CB  1 
ATOM   593  C CG  . LEU A 1 76  ? -4.004  -0.434  0.932   1.00 25.50 ? 76  LEU A CG  1 
ATOM   594  C CD1 . LEU A 1 76  ? -4.001  0.550   -0.213  1.00 26.70 ? 76  LEU A CD1 1 
ATOM   595  C CD2 . LEU A 1 76  ? -4.834  0.086   2.119   1.00 27.46 ? 76  LEU A CD2 1 
ATOM   596  N N   . GLY A 1 77  ? -1.283  -2.193  -0.449  1.00 24.33 ? 77  GLY A N   1 
ATOM   597  C CA  . GLY A 1 77  ? 0.064   -2.331  0.090   1.00 24.18 ? 77  GLY A CA  1 
ATOM   598  C C   . GLY A 1 77  ? 0.524   -1.024  0.709   1.00 27.14 ? 77  GLY A C   1 
ATOM   599  O O   . GLY A 1 77  ? 0.414   0.034   0.098   1.00 23.32 ? 77  GLY A O   1 
ATOM   600  N N   . VAL A 1 78  ? 1.012   -1.119  1.950   1.00 25.60 ? 78  VAL A N   1 
ATOM   601  C CA  . VAL A 1 78  ? 1.525   0.020   2.701   1.00 27.02 ? 78  VAL A CA  1 
ATOM   602  C C   . VAL A 1 78  ? 2.802   -0.448  3.380   1.00 27.01 ? 78  VAL A C   1 
ATOM   603  O O   . VAL A 1 78  ? 3.080   -1.646  3.474   1.00 26.21 ? 78  VAL A O   1 
ATOM   604  C CB  . VAL A 1 78  ? 0.528   0.555   3.762   1.00 29.69 ? 78  VAL A CB  1 
ATOM   605  C CG1 . VAL A 1 78  ? 0.867   1.981   4.188   1.00 27.55 ? 78  VAL A CG1 1 
ATOM   606  C CG2 . VAL A 1 78  ? -0.883  0.493   3.234   1.00 28.82 ? 78  VAL A CG2 1 
ATOM   607  N N   . CYS A 1 79  ? 3.594   0.511   3.843   1.00 25.85 ? 79  CYS A N   1 
ATOM   608  C CA  . CYS A 1 79  ? 4.935   0.190   4.353   1.00 28.88 ? 79  CYS A CA  1 
ATOM   609  C C   . CYS A 1 79  ? 5.648   -0.582  3.241   1.00 29.85 ? 79  CYS A C   1 
ATOM   610  O O   . CYS A 1 79  ? 5.590   -0.161  2.077   1.00 32.75 ? 79  CYS A O   1 
ATOM   611  C CB  . CYS A 1 79  ? 4.800   -0.533  5.684   1.00 28.56 ? 79  CYS A CB  1 
ATOM   612  S SG  . CYS A 1 79  ? 6.365   -0.629  6.652   1.00 31.42 ? 79  CYS A SG  1 
ATOM   613  N N   . LEU A 1 80  ? 6.287   -1.715  3.524   1.00 28.76 ? 80  LEU A N   1 
ATOM   614  C CA  . LEU A 1 80  ? 6.975   -2.393  2.424   1.00 30.32 ? 80  LEU A CA  1 
ATOM   615  C C   . LEU A 1 80  ? 6.030   -3.084  1.447   1.00 28.73 ? 80  LEU A C   1 
ATOM   616  O O   . LEU A 1 80  ? 6.492   -3.624  0.429   1.00 25.09 ? 80  LEU A O   1 
ATOM   617  C CB  . LEU A 1 80  ? 7.962   -3.411  2.978   1.00 29.49 ? 80  LEU A CB  1 
ATOM   618  C CG  . LEU A 1 80  ? 9.032   -2.814  3.913   1.00 34.88 ? 80  LEU A CG  1 
ATOM   619  C CD1 . LEU A 1 80  ? 9.915   -3.920  4.453   1.00 33.12 ? 80  LEU A CD1 1 
ATOM   620  C CD2 . LEU A 1 80  ? 9.887   -1.732  3.226   1.00 32.60 ? 80  LEU A CD2 1 
ATOM   621  N N   . GLY A 1 81  ? 4.725   -3.108  1.717   1.00 26.39 ? 81  GLY A N   1 
ATOM   622  C CA  . GLY A 1 81  ? 3.831   -3.729  0.764   1.00 24.51 ? 81  GLY A CA  1 
ATOM   623  C C   . GLY A 1 81  ? 3.678   -2.925  -0.503  1.00 26.32 ? 81  GLY A C   1 
ATOM   624  O O   . GLY A 1 81  ? 3.289   -3.475  -1.536  1.00 25.69 ? 81  GLY A O   1 
ATOM   625  N N   . HIS A 1 82  ? 3.993   -1.634  -0.450  1.00 26.35 ? 82  HIS A N   1 
ATOM   626  C CA  . HIS A 1 82  ? 3.952   -0.816  -1.654  1.00 23.76 ? 82  HIS A CA  1 
ATOM   627  C C   . HIS A 1 82  ? 5.043   -1.239  -2.630  1.00 24.61 ? 82  HIS A C   1 
ATOM   628  O O   . HIS A 1 82  ? 4.761   -1.545  -3.790  1.00 24.74 ? 82  HIS A O   1 
ATOM   629  C CB  . HIS A 1 82  ? 4.080   0.651   -1.260  1.00 27.67 ? 82  HIS A CB  1 
ATOM   630  C CG  . HIS A 1 82  ? 4.392   1.568   -2.396  1.00 26.58 ? 82  HIS A CG  1 
ATOM   631  N ND1 . HIS A 1 82  ? 3.436   1.993   -3.298  1.00 24.77 ? 82  HIS A ND1 1 
ATOM   632  C CD2 . HIS A 1 82  ? 5.553   2.169   -2.758  1.00 25.66 ? 82  HIS A CD2 1 
ATOM   633  C CE1 . HIS A 1 82  ? 4.005   2.807   -4.174  1.00 26.75 ? 82  HIS A CE1 1 
ATOM   634  N NE2 . HIS A 1 82  ? 5.289   2.918   -3.876  1.00 29.54 ? 82  HIS A NE2 1 
ATOM   635  N N   . GLN A 1 83  ? 6.292   -1.325  -2.169  1.00 22.90 ? 83  GLN A N   1 
ATOM   636  C CA  . GLN A 1 83  ? 7.344   -1.728  -3.100  1.00 25.90 ? 83  GLN A CA  1 
ATOM   637  C C   . GLN A 1 83  ? 7.165   -3.174  -3.534  1.00 28.92 ? 83  GLN A C   1 
ATOM   638  O O   . GLN A 1 83  ? 7.531   -3.533  -4.658  1.00 28.96 ? 83  GLN A O   1 
ATOM   639  C CB  . GLN A 1 83  ? 8.725   -1.512  -2.478  1.00 26.00 ? 83  GLN A CB  1 
ATOM   640  C CG  . GLN A 1 83  ? 9.048   -2.359  -1.271  1.00 31.62 ? 83  GLN A CG  1 
ATOM   641  C CD  . GLN A 1 83  ? 10.413  -1.974  -0.700  1.00 31.11 ? 83  GLN A CD  1 
ATOM   642  O OE1 . GLN A 1 83  ? 10.695  -0.795  -0.497  1.00 29.46 ? 83  GLN A OE1 1 
ATOM   643  N NE2 . GLN A 1 83  ? 11.256  -2.969  -0.446  1.00 35.99 ? 83  GLN A NE2 1 
ATOM   644  N N   . SER A 1 84  ? 6.598   -4.010  -2.658  1.00 25.11 ? 84  SER A N   1 
ATOM   645  C CA  . SER A 1 84  ? 6.341   -5.403  -3.002  1.00 25.36 ? 84  SER A CA  1 
ATOM   646  C C   . SER A 1 84  ? 5.308   -5.523  -4.126  1.00 28.51 ? 84  SER A C   1 
ATOM   647  O O   . SER A 1 84  ? 5.466   -6.359  -5.024  1.00 30.25 ? 84  SER A O   1 
ATOM   648  C CB  . SER A 1 84  ? 5.889   -6.172  -1.757  1.00 29.70 ? 84  SER A CB  1 
ATOM   649  O OG  . SER A 1 84  ? 6.911   -6.188  -0.764  1.00 32.80 ? 84  SER A OG  1 
ATOM   650  N N   . ILE A 1 85  ? 4.246   -4.702  -4.103  1.00 25.34 ? 85  ILE A N   1 
ATOM   651  C CA  . ILE A 1 85  ? 3.308   -4.687  -5.224  1.00 25.56 ? 85  ILE A CA  1 
ATOM   652  C C   . ILE A 1 85  ? 4.036   -4.294  -6.501  1.00 31.15 ? 85  ILE A C   1 
ATOM   653  O O   . ILE A 1 85  ? 3.873   -4.924  -7.553  1.00 29.98 ? 85  ILE A O   1 
ATOM   654  C CB  . ILE A 1 85  ? 2.132   -3.734  -4.947  1.00 25.19 ? 85  ILE A CB  1 
ATOM   655  C CG1 . ILE A 1 85  ? 1.102   -4.389  -4.029  1.00 25.52 ? 85  ILE A CG1 1 
ATOM   656  C CG2 . ILE A 1 85  ? 1.446   -3.326  -6.293  1.00 29.72 ? 85  ILE A CG2 1 
ATOM   657  C CD1 . ILE A 1 85  ? 0.148   -3.395  -3.353  1.00 25.54 ? 85  ILE A CD1 1 
ATOM   658  N N   . GLY A 1 86  ? 4.859   -3.248  -6.425  1.00 25.79 ? 86  GLY A N   1 
ATOM   659  C CA  . GLY A 1 86  ? 5.595   -2.817  -7.602  1.00 28.15 ? 86  GLY A CA  1 
ATOM   660  C C   . GLY A 1 86  ? 6.485   -3.911  -8.157  1.00 33.35 ? 86  GLY A C   1 
ATOM   661  O O   . GLY A 1 86  ? 6.546   -4.119  -9.371  1.00 31.60 ? 86  GLY A O   1 
ATOM   662  N N   . GLN A 1 87  ? 7.165   -4.647  -7.269  1.00 28.22 ? 87  GLN A N   1 
ATOM   663  C CA  . GLN A 1 87  ? 8.034   -5.734  -7.713  1.00 32.10 ? 87  GLN A CA  1 
ATOM   664  C C   . GLN A 1 87  ? 7.237   -6.888  -8.273  1.00 31.61 ? 87  GLN A C   1 
ATOM   665  O O   . GLN A 1 87  ? 7.682   -7.565  -9.210  1.00 29.94 ? 87  GLN A O   1 
ATOM   666  C CB  . GLN A 1 87  ? 8.875   -6.269  -6.560  1.00 33.01 ? 87  GLN A CB  1 
ATOM   667  C CG  . GLN A 1 87  ? 10.013  -5.437  -6.154  1.00 39.05 ? 87  GLN A CG  1 
ATOM   668  C CD  . GLN A 1 87  ? 10.623  -5.984  -4.880  1.00 45.10 ? 87  GLN A CD  1 
ATOM   669  O OE1 . GLN A 1 87  ? 10.922  -5.230  -3.949  1.00 49.85 ? 87  GLN A OE1 1 
ATOM   670  N NE2 . GLN A 1 87  ? 10.775  -7.316  -4.818  1.00 41.33 ? 87  GLN A NE2 1 
ATOM   671  N N   . ALA A 1 88  ? 6.076   -7.166  -7.681  1.00 29.10 ? 88  ALA A N   1 
ATOM   672  C CA  . ALA A 1 88  ? 5.354   -8.357  -8.076  1.00 27.35 ? 88  ALA A CA  1 
ATOM   673  C C   . ALA A 1 88  ? 4.893   -8.260  -9.516  1.00 29.37 ? 88  ALA A C   1 
ATOM   674  O O   . ALA A 1 88  ? 4.646   -9.289  -10.149 1.00 35.15 ? 88  ALA A O   1 
ATOM   675  C CB  . ALA A 1 88  ? 4.157   -8.582  -7.152  1.00 27.29 ? 88  ALA A CB  1 
ATOM   676  N N   . PHE A 1 89  ? 4.780   -7.045  -10.039 1.00 29.61 ? 89  PHE A N   1 
ATOM   677  C CA  . PHE A 1 89  ? 4.287   -6.828  -11.390 1.00 30.38 ? 89  PHE A CA  1 
ATOM   678  C C   . PHE A 1 89  ? 5.377   -6.343  -12.325 1.00 33.35 ? 89  PHE A C   1 
ATOM   679  O O   . PHE A 1 89  ? 5.075   -5.749  -13.365 1.00 33.52 ? 89  PHE A O   1 
ATOM   680  C CB  . PHE A 1 89  ? 3.113   -5.861  -11.354 1.00 29.57 ? 89  PHE A CB  1 
ATOM   681  C CG  . PHE A 1 89  ? 1.875   -6.477  -10.781 1.00 33.97 ? 89  PHE A CG  1 
ATOM   682  C CD1 . PHE A 1 89  ? 1.142   -7.405  -11.516 1.00 33.91 ? 89  PHE A CD1 1 
ATOM   683  C CD2 . PHE A 1 89  ? 1.475   -6.181  -9.489  1.00 28.96 ? 89  PHE A CD2 1 
ATOM   684  C CE1 . PHE A 1 89  ? 0.025   -7.992  -10.987 1.00 34.44 ? 89  PHE A CE1 1 
ATOM   685  C CE2 . PHE A 1 89  ? 0.342   -6.760  -8.960  1.00 34.17 ? 89  PHE A CE2 1 
ATOM   686  C CZ  . PHE A 1 89  ? -0.383  -7.672  -9.715  1.00 33.16 ? 89  PHE A CZ  1 
ATOM   687  N N   . GLY A 1 90  ? 6.636   -6.597  -11.982 1.00 35.36 ? 90  GLY A N   1 
ATOM   688  C CA  . GLY A 1 90  ? 7.757   -6.306  -12.855 1.00 35.88 ? 90  GLY A CA  1 
ATOM   689  C C   . GLY A 1 90  ? 8.481   -5.003  -12.594 1.00 36.38 ? 90  GLY A C   1 
ATOM   690  O O   . GLY A 1 90  ? 9.430   -4.687  -13.322 1.00 33.96 ? 90  GLY A O   1 
ATOM   691  N N   . GLY A 1 91  ? 8.067   -4.234  -11.594 1.00 33.97 ? 91  GLY A N   1 
ATOM   692  C CA  . GLY A 1 91  ? 8.707   -2.965  -11.335 1.00 31.40 ? 91  GLY A CA  1 
ATOM   693  C C   . GLY A 1 91  ? 10.055  -3.128  -10.661 1.00 33.22 ? 91  GLY A C   1 
ATOM   694  O O   . GLY A 1 91  ? 10.377  -4.161  -10.066 1.00 32.48 ? 91  GLY A O   1 
ATOM   695  N N   . LYS A 1 92  ? 10.855  -2.074  -10.762 1.00 33.45 ? 92  LYS A N   1 
ATOM   696  C CA  . LYS A 1 92  ? 12.186  -2.024  -10.179 1.00 35.23 ? 92  LYS A CA  1 
ATOM   697  C C   . LYS A 1 92  ? 12.165  -1.105  -8.971  1.00 32.62 ? 92  LYS A C   1 
ATOM   698  O O   . LYS A 1 92  ? 11.560  -0.029  -8.998  1.00 30.48 ? 92  LYS A O   1 
ATOM   699  C CB  . LYS A 1 92  ? 13.236  -1.534  -11.194 1.00 36.79 ? 92  LYS A CB  1 
ATOM   700  C CG  . LYS A 1 92  ? 13.373  -2.382  -12.459 1.00 40.57 ? 92  LYS A CG  1 
ATOM   701  C CD  . LYS A 1 92  ? 13.105  -3.856  -12.186 1.00 44.75 ? 92  LYS A CD  1 
ATOM   702  C CE  . LYS A 1 92  ? 14.233  -4.782  -12.638 1.00 48.94 ? 92  LYS A CE  1 
ATOM   703  N NZ  . LYS A 1 92  ? 13.913  -6.203  -12.264 1.00 49.71 ? 92  LYS A NZ  1 
ATOM   704  N N   . ILE A 1 93  ? 12.831  -1.536  -7.912  1.00 32.28 ? 93  ILE A N   1 
ATOM   705  C CA  . ILE A 1 93  ? 12.937  -0.774  -6.681  1.00 32.91 ? 93  ILE A CA  1 
ATOM   706  C C   . ILE A 1 93  ? 14.337  -0.183  -6.642  1.00 32.48 ? 93  ILE A C   1 
ATOM   707  O O   . ILE A 1 93  ? 15.326  -0.920  -6.743  1.00 35.17 ? 93  ILE A O   1 
ATOM   708  C CB  . ILE A 1 93  ? 12.656  -1.675  -5.468  1.00 36.09 ? 93  ILE A CB  1 
ATOM   709  C CG1 . ILE A 1 93  ? 11.279  -2.306  -5.620  1.00 36.92 ? 93  ILE A CG1 1 
ATOM   710  C CG2 . ILE A 1 93  ? 12.718  -0.917  -4.177  1.00 36.62 ? 93  ILE A CG2 1 
ATOM   711  C CD1 . ILE A 1 93  ? 10.219  -1.341  -6.135  1.00 37.66 ? 93  ILE A CD1 1 
ATOM   712  N N   . VAL A 1 94  ? 14.432  1.145   -6.523  1.00 26.84 ? 94  VAL A N   1 
ATOM   713  C CA  . VAL A 1 94  ? 15.706  1.850   -6.629  1.00 34.12 ? 94  VAL A CA  1 
ATOM   714  C C   . VAL A 1 94  ? 15.815  2.881   -5.512  1.00 35.22 ? 94  VAL A C   1 
ATOM   715  O O   . VAL A 1 94  ? 14.833  3.219   -4.847  1.00 35.26 ? 94  VAL A O   1 
ATOM   716  C CB  . VAL A 1 94  ? 15.868  2.524   -8.008  1.00 32.20 ? 94  VAL A CB  1 
ATOM   717  C CG1 . VAL A 1 94  ? 15.774  1.489   -9.111  1.00 31.55 ? 94  VAL A CG1 1 
ATOM   718  C CG2 . VAL A 1 94  ? 14.803  3.586   -8.206  1.00 33.35 ? 94  VAL A CG2 1 
ATOM   719  N N   . ARG A 1 95  ? 17.032  3.389   -5.303  1.00 35.87 ? 95  ARG A N   1 
ATOM   720  C CA  . ARG A 1 95  ? 17.194  4.473   -4.353  1.00 37.93 ? 95  ARG A CA  1 
ATOM   721  C C   . ARG A 1 95  ? 16.631  5.767   -4.932  1.00 37.82 ? 95  ARG A C   1 
ATOM   722  O O   . ARG A 1 95  ? 16.674  6.006   -6.142  1.00 37.49 ? 95  ARG A O   1 
ATOM   723  C CB  . ARG A 1 95  ? 18.668  4.654   -3.975  1.00 43.33 ? 95  ARG A CB  1 
ATOM   724  C CG  . ARG A 1 95  ? 19.579  4.831   -5.155  1.00 48.44 ? 95  ARG A CG  1 
ATOM   725  C CD  . ARG A 1 95  ? 20.974  5.256   -4.685  1.00 55.34 ? 95  ARG A CD  1 
ATOM   726  N NE  . ARG A 1 95  ? 20.918  6.454   -3.848  1.00 58.14 ? 95  ARG A NE  1 
ATOM   727  C CZ  . ARG A 1 95  ? 21.872  7.381   -3.797  1.00 60.57 ? 95  ARG A CZ  1 
ATOM   728  N NH1 . ARG A 1 95  ? 22.973  7.253   -4.532  1.00 62.45 ? 95  ARG A NH1 1 
ATOM   729  N NH2 . ARG A 1 95  ? 21.725  8.440   -3.008  1.00 60.36 ? 95  ARG A NH2 1 
ATOM   730  N N   . ALA A 1 96  ? 16.081  6.597   -4.048  1.00 34.91 ? 96  ALA A N   1 
ATOM   731  C CA  . ALA A 1 96  ? 15.507  7.867   -4.447  1.00 36.57 ? 96  ALA A CA  1 
ATOM   732  C C   . ALA A 1 96  ? 16.609  8.846   -4.850  1.00 38.83 ? 96  ALA A C   1 
ATOM   733  O O   . ALA A 1 96  ? 17.785  8.668   -4.534  1.00 38.15 ? 96  ALA A O   1 
ATOM   734  C CB  . ALA A 1 96  ? 14.668  8.467   -3.318  1.00 37.65 ? 96  ALA A CB  1 
ATOM   735  N N   . LYS A 1 97  ? 16.199  9.907   -5.541  1.00 42.69 ? 97  LYS A N   1 
ATOM   736  C CA  . LYS A 1 97  ? 17.155  10.890  -6.036  1.00 43.09 ? 97  LYS A CA  1 
ATOM   737  C C   . LYS A 1 97  ? 17.828  11.628  -4.886  1.00 44.11 ? 97  LYS A C   1 
ATOM   738  O O   . LYS A 1 97  ? 19.044  11.866  -4.911  1.00 43.11 ? 97  LYS A O   1 
ATOM   739  C CB  . LYS A 1 97  ? 16.442  11.868  -6.962  1.00 41.88 ? 97  LYS A CB  1 
ATOM   740  C CG  . LYS A 1 97  ? 15.519  11.200  -7.968  1.00 46.55 ? 97  LYS A CG  1 
ATOM   741  C CD  . LYS A 1 97  ? 14.606  12.231  -8.612  1.00 48.20 ? 97  LYS A CD  1 
ATOM   742  C CE  . LYS A 1 97  ? 13.596  11.606  -9.553  1.00 49.30 ? 97  LYS A CE  1 
ATOM   743  N NZ  . LYS A 1 97  ? 12.809  10.530  -8.897  1.00 51.55 ? 97  LYS A NZ  1 
ATOM   744  N N   . GLN A 1 98  ? 17.051  12.014  -3.872  1.00 37.39 ? 98  GLN A N   1 
ATOM   745  C CA  . GLN A 1 98  ? 17.577  12.728  -2.718  1.00 42.71 ? 98  GLN A CA  1 
ATOM   746  C C   . GLN A 1 98  ? 17.160  12.016  -1.441  1.00 42.58 ? 98  GLN A C   1 
ATOM   747  O O   . GLN A 1 98  ? 16.128  11.342  -1.398  1.00 41.55 ? 98  GLN A O   1 
ATOM   748  C CB  . GLN A 1 98  ? 17.082  14.177  -2.685  1.00 42.96 ? 98  GLN A CB  1 
ATOM   749  C CG  . GLN A 1 98  ? 17.836  15.078  -1.699  1.00 48.13 ? 98  GLN A CG  1 
ATOM   750  C CD  . GLN A 1 98  ? 19.340  15.095  -1.952  1.00 52.96 ? 98  GLN A CD  1 
ATOM   751  O OE1 . GLN A 1 98  ? 20.133  14.596  -1.136  1.00 45.65 ? 98  GLN A OE1 1 
ATOM   752  N NE2 . GLN A 1 98  ? 19.739  15.666  -3.086  1.00 52.21 ? 98  GLN A NE2 1 
ATOM   753  N N   . VAL A 1 99  ? 17.976  12.174  -0.402  1.00 40.69 ? 99  VAL A N   1 
ATOM   754  C CA  . VAL A 1 99  ? 17.549  11.814  0.939   1.00 39.50 ? 99  VAL A CA  1 
ATOM   755  C C   . VAL A 1 99  ? 16.516  12.825  1.400   1.00 37.24 ? 99  VAL A C   1 
ATOM   756  O O   . VAL A 1 99  ? 16.743  14.037  1.334   1.00 42.47 ? 99  VAL A O   1 
ATOM   757  C CB  . VAL A 1 99  ? 18.743  11.790  1.906   1.00 39.34 ? 99  VAL A CB  1 
ATOM   758  C CG1 . VAL A 1 99  ? 18.244  11.545  3.328   1.00 39.63 ? 99  VAL A CG1 1 
ATOM   759  C CG2 . VAL A 1 99  ? 19.742  10.731  1.485   1.00 45.85 ? 99  VAL A CG2 1 
ATOM   760  N N   . MET A 1 100 ? 15.375  12.345  1.867   1.00 39.90 ? 100 MET A N   1 
ATOM   761  C CA  . MET A 1 100 ? 14.350  13.272  2.313   1.00 40.12 ? 100 MET A CA  1 
ATOM   762  C C   . MET A 1 100 ? 14.702  13.848  3.675   1.00 40.55 ? 100 MET A C   1 
ATOM   763  O O   . MET A 1 100 ? 15.174  13.133  4.564   1.00 38.76 ? 100 MET A O   1 
ATOM   764  C CB  . MET A 1 100 ? 12.990  12.586  2.397   1.00 43.94 ? 100 MET A CB  1 
ATOM   765  C CG  . MET A 1 100 ? 11.891  13.582  2.723   1.00 46.66 ? 100 MET A CG  1 
ATOM   766  S SD  . MET A 1 100 ? 10.469  12.798  3.464   1.00 53.82 ? 100 MET A SD  1 
ATOM   767  C CE  . MET A 1 100 ? 11.280  11.448  4.299   1.00 39.38 ? 100 MET A CE  1 
ATOM   768  N N   . HIS A 1 101 ? 14.438  15.137  3.841   1.00 39.33 ? 101 HIS A N   1 
ATOM   769  C CA  . HIS A 1 101 ? 14.625  15.808  5.113   1.00 37.70 ? 101 HIS A CA  1 
ATOM   770  C C   . HIS A 1 101 ? 13.296  15.955  5.835   1.00 39.76 ? 101 HIS A C   1 
ATOM   771  O O   . HIS A 1 101 ? 12.242  16.102  5.212   1.00 41.07 ? 101 HIS A O   1 
ATOM   772  C CB  . HIS A 1 101 ? 15.283  17.173  4.905   1.00 38.32 ? 101 HIS A CB  1 
ATOM   773  C CG  . HIS A 1 101 ? 16.763  17.091  4.697   1.00 35.69 ? 101 HIS A CG  1 
ATOM   774  N ND1 . HIS A 1 101 ? 17.368  16.008  4.094   1.00 39.31 ? 101 HIS A ND1 1 
ATOM   775  C CD2 . HIS A 1 101 ? 17.762  17.938  5.042   1.00 32.81 ? 101 HIS A CD2 1 
ATOM   776  C CE1 . HIS A 1 101 ? 18.675  16.198  4.065   1.00 36.25 ? 101 HIS A CE1 1 
ATOM   777  N NE2 . HIS A 1 101 ? 18.938  17.365  4.623   1.00 38.42 ? 101 HIS A NE2 1 
ATOM   778  N N   . GLY A 1 102 ? 13.346  15.878  7.160   1.00 39.47 ? 102 GLY A N   1 
ATOM   779  C CA  . GLY A 1 102 ? 12.095  15.954  7.888   1.00 38.11 ? 102 GLY A CA  1 
ATOM   780  C C   . GLY A 1 102 ? 11.290  14.661  7.803   1.00 39.05 ? 102 GLY A C   1 
ATOM   781  O O   . GLY A 1 102 ? 11.792  13.588  7.443   1.00 38.70 ? 102 GLY A O   1 
ATOM   782  N N   . LYS A 1 103 ? 10.006  14.795  8.134   1.00 40.17 ? 103 LYS A N   1 
ATOM   783  C CA  . LYS A 1 103 ? 9.085   13.673  8.259   1.00 42.74 ? 103 LYS A CA  1 
ATOM   784  C C   . LYS A 1 103 ? 7.836   13.782  7.399   1.00 42.50 ? 103 LYS A C   1 
ATOM   785  O O   . LYS A 1 103 ? 7.082   12.806  7.325   1.00 40.46 ? 103 LYS A O   1 
ATOM   786  C CB  . LYS A 1 103 ? 8.628   13.519  9.722   1.00 44.58 ? 103 LYS A CB  1 
ATOM   787  C CG  . LYS A 1 103 ? 9.546   12.700  10.620  1.00 50.91 ? 103 LYS A CG  1 
ATOM   788  C CD  . LYS A 1 103 ? 8.966   12.608  12.035  1.00 53.99 ? 103 LYS A CD  1 
ATOM   789  C CE  . LYS A 1 103 ? 7.455   12.416  11.998  1.00 55.91 ? 103 LYS A CE  1 
ATOM   790  N NZ  . LYS A 1 103 ? 7.037   11.004  12.256  1.00 64.95 ? 103 LYS A NZ  1 
ATOM   791  N N   . THR A 1 104 ? 7.567   14.928  6.783   1.00 43.76 ? 104 THR A N   1 
ATOM   792  C CA  . THR A 1 104 ? 6.290   15.159  6.118   1.00 41.03 ? 104 THR A CA  1 
ATOM   793  C C   . THR A 1 104 ? 6.476   15.477  4.640   1.00 44.42 ? 104 THR A C   1 
ATOM   794  O O   . THR A 1 104 ? 7.519   15.983  4.213   1.00 41.13 ? 104 THR A O   1 
ATOM   795  C CB  . THR A 1 104 ? 5.513   16.301  6.780   1.00 41.56 ? 104 THR A CB  1 
ATOM   796  O OG1 . THR A 1 104 ? 6.314   17.491  6.779   1.00 44.06 ? 104 THR A OG1 1 
ATOM   797  C CG2 . THR A 1 104 ? 5.163   15.938  8.216   1.00 44.36 ? 104 THR A CG2 1 
ATOM   798  N N   . SER A 1 105 ? 5.436   15.175  3.867   1.00 37.07 ? 105 SER A N   1 
ATOM   799  C CA  . SER A 1 105 ? 5.418   15.437  2.440   1.00 39.04 ? 105 SER A CA  1 
ATOM   800  C C   . SER A 1 105 ? 4.024   15.896  2.047   1.00 41.07 ? 105 SER A C   1 
ATOM   801  O O   . SER A 1 105 ? 3.028   15.541  2.683   1.00 38.23 ? 105 SER A O   1 
ATOM   802  C CB  . SER A 1 105 ? 5.797   14.191  1.624   1.00 39.31 ? 105 SER A CB  1 
ATOM   803  O OG  . SER A 1 105 ? 7.191   14.110  1.416   1.00 45.64 ? 105 SER A OG  1 
ATOM   804  N N   . GLU A 1 106 ? 3.973   16.714  1.008   1.00 35.85 ? 106 GLU A N   1 
ATOM   805  C CA  . GLU A 1 106 ? 2.741   16.993  0.293   1.00 41.71 ? 106 GLU A CA  1 
ATOM   806  C C   . GLU A 1 106 ? 2.653   15.994  -0.851  1.00 38.15 ? 106 GLU A C   1 
ATOM   807  O O   . GLU A 1 106 ? 3.557   15.930  -1.690  1.00 37.51 ? 106 GLU A O   1 
ATOM   808  C CB  . GLU A 1 106 ? 2.732   18.426  -0.234  1.00 44.67 ? 106 GLU A CB  1 
ATOM   809  C CG  . GLU A 1 106 ? 2.485   19.493  0.814   1.00 48.37 ? 106 GLU A CG  1 
ATOM   810  C CD  . GLU A 1 106 ? 2.206   20.856  0.195   1.00 54.60 ? 106 GLU A CD  1 
ATOM   811  O OE1 . GLU A 1 106 ? 2.956   21.249  -0.724  1.00 50.48 ? 106 GLU A OE1 1 
ATOM   812  O OE2 . GLU A 1 106 ? 1.232   21.523  0.612   1.00 54.38 ? 106 GLU A OE2 1 
ATOM   813  N N   . ILE A 1 107 ? 1.581   15.211  -0.876  1.00 38.06 ? 107 ILE A N   1 
ATOM   814  C CA  . ILE A 1 107 ? 1.399   14.150  -1.859  1.00 35.71 ? 107 ILE A CA  1 
ATOM   815  C C   . ILE A 1 107 ? 0.301   14.598  -2.814  1.00 35.63 ? 107 ILE A C   1 
ATOM   816  O O   . ILE A 1 107 ? -0.873  14.679  -2.431  1.00 39.53 ? 107 ILE A O   1 
ATOM   817  C CB  . ILE A 1 107 ? 1.059   12.811  -1.188  1.00 36.71 ? 107 ILE A CB  1 
ATOM   818  C CG1 . ILE A 1 107 ? 2.297   12.253  -0.471  1.00 39.40 ? 107 ILE A CG1 1 
ATOM   819  C CG2 . ILE A 1 107 ? 0.627   11.793  -2.201  1.00 37.66 ? 107 ILE A CG2 1 
ATOM   820  C CD1 . ILE A 1 107 ? 2.431   12.732  0.897   1.00 43.91 ? 107 ILE A CD1 1 
ATOM   821  N N   . TYR A 1 108 ? 0.684   14.910  -4.049  1.00 39.36 ? 108 TYR A N   1 
ATOM   822  C CA  . TYR A 1 108 ? -0.260  15.286  -5.090  1.00 39.73 ? 108 TYR A CA  1 
ATOM   823  C C   . TYR A 1 108 ? -0.713  14.045  -5.837  1.00 38.33 ? 108 TYR A C   1 
ATOM   824  O O   . TYR A 1 108 ? 0.000   13.040  -5.897  1.00 34.72 ? 108 TYR A O   1 
ATOM   825  C CB  . TYR A 1 108 ? 0.371   16.291  -6.063  1.00 38.99 ? 108 TYR A CB  1 
ATOM   826  C CG  . TYR A 1 108 ? 0.662   17.618  -5.403  1.00 45.68 ? 108 TYR A CG  1 
ATOM   827  C CD1 . TYR A 1 108 ? -0.257  18.663  -5.455  1.00 45.48 ? 108 TYR A CD1 1 
ATOM   828  C CD2 . TYR A 1 108 ? 1.846   17.816  -4.696  1.00 44.01 ? 108 TYR A CD2 1 
ATOM   829  C CE1 . TYR A 1 108 ? 0.000   19.872  -4.831  1.00 48.75 ? 108 TYR A CE1 1 
ATOM   830  C CE2 . TYR A 1 108 ? 2.116   19.019  -4.075  1.00 45.70 ? 108 TYR A CE2 1 
ATOM   831  C CZ  . TYR A 1 108 ? 1.194   20.043  -4.143  1.00 51.24 ? 108 TYR A CZ  1 
ATOM   832  O OH  . TYR A 1 108 ? 1.475   21.240  -3.517  1.00 55.78 ? 108 TYR A OH  1 
ATOM   833  N N   . HIS A 1 109 ? -1.910  14.119  -6.415  1.00 38.27 ? 109 HIS A N   1 
ATOM   834  C CA  . HIS A 1 109 ? -2.509  12.926  -6.991  1.00 36.79 ? 109 HIS A CA  1 
ATOM   835  C C   . HIS A 1 109 ? -3.449  13.317  -8.124  1.00 41.58 ? 109 HIS A C   1 
ATOM   836  O O   . HIS A 1 109 ? -3.782  14.489  -8.306  1.00 42.47 ? 109 HIS A O   1 
ATOM   837  C CB  . HIS A 1 109 ? -3.240  12.117  -5.920  1.00 36.61 ? 109 HIS A CB  1 
ATOM   838  C CG  . HIS A 1 109 ? -4.355  12.863  -5.256  1.00 39.71 ? 109 HIS A CG  1 
ATOM   839  N ND1 . HIS A 1 109 ? -5.608  12.982  -5.821  1.00 42.11 ? 109 HIS A ND1 1 
ATOM   840  C CD2 . HIS A 1 109 ? -4.412  13.515  -4.070  1.00 41.07 ? 109 HIS A CD2 1 
ATOM   841  C CE1 . HIS A 1 109 ? -6.388  13.681  -5.010  1.00 43.60 ? 109 HIS A CE1 1 
ATOM   842  N NE2 . HIS A 1 109 ? -5.685  14.018  -3.942  1.00 44.01 ? 109 HIS A NE2 1 
ATOM   843  N N   . ASN A 1 110 ? -3.882  12.307  -8.879  1.00 40.33 ? 110 ASN A N   1 
ATOM   844  C CA  . ASN A 1 110 ? -4.740  12.506  -10.046 1.00 42.97 ? 110 ASN A CA  1 
ATOM   845  C C   . ASN A 1 110 ? -6.167  12.008  -9.821  1.00 41.88 ? 110 ASN A C   1 
ATOM   846  O O   . ASN A 1 110 ? -6.857  11.659  -10.781 1.00 44.21 ? 110 ASN A O   1 
ATOM   847  C CB  . ASN A 1 110 ? -4.137  11.822  -11.275 1.00 43.66 ? 110 ASN A CB  1 
ATOM   848  C CG  . ASN A 1 110 ? -3.892  10.323  -11.060 1.00 44.04 ? 110 ASN A CG  1 
ATOM   849  O OD1 . ASN A 1 110 ? -4.441  9.702   -10.140 1.00 41.65 ? 110 ASN A OD1 1 
ATOM   850  N ND2 . ASN A 1 110 ? -3.056  9.742   -11.915 1.00 38.87 ? 110 ASN A ND2 1 
ATOM   851  N N   . ASN A 1 111 ? -6.607  11.946  -8.562  1.00 40.09 ? 111 ASN A N   1 
ATOM   852  C CA  . ASN A 1 111 ? -7.965  11.553  -8.175  1.00 41.25 ? 111 ASN A CA  1 
ATOM   853  C C   . ASN A 1 111 ? -8.346  10.151  -8.646  1.00 45.72 ? 111 ASN A C   1 
ATOM   854  O O   . ASN A 1 111 ? -9.531  9.849   -8.827  1.00 40.35 ? 111 ASN A O   1 
ATOM   855  C CB  . ASN A 1 111 ? -9.005  12.567  -8.668  1.00 41.88 ? 111 ASN A CB  1 
ATOM   856  C CG  . ASN A 1 111 ? -10.101 12.804  -7.656  1.00 42.96 ? 111 ASN A CG  1 
ATOM   857  O OD1 . ASN A 1 111 ? -9.863  13.338  -6.574  1.00 46.49 ? 111 ASN A OD1 1 
ATOM   858  N ND2 . ASN A 1 111 ? -11.321 12.417  -8.009  1.00 54.59 ? 111 ASN A ND2 1 
ATOM   859  N N   . LYS A 1 112 ? -7.365  9.273   -8.820  1.00 41.78 ? 112 LYS A N   1 
ATOM   860  C CA  . LYS A 1 112 ? -7.612  7.903   -9.242  1.00 41.16 ? 112 LYS A CA  1 
ATOM   861  C C   . LYS A 1 112 ? -7.418  6.940   -8.074  1.00 42.79 ? 112 LYS A C   1 
ATOM   862  O O   . LYS A 1 112 ? -6.645  7.203   -7.146  1.00 38.18 ? 112 LYS A O   1 
ATOM   863  C CB  . LYS A 1 112 ? -6.692  7.517   -10.410 1.00 43.99 ? 112 LYS A CB  1 
ATOM   864  C CG  . LYS A 1 112 ? -6.942  8.355   -11.675 1.00 45.09 ? 112 LYS A CG  1 
ATOM   865  C CD  . LYS A 1 112 ? -6.415  7.695   -12.949 1.00 53.15 ? 112 LYS A CD  1 
ATOM   866  C CE  . LYS A 1 112 ? -7.556  7.235   -13.904 1.00 59.16 ? 112 LYS A CE  1 
ATOM   867  N NZ  . LYS A 1 112 ? -8.432  8.315   -14.441 1.00 58.39 ? 112 LYS A NZ  1 
ATOM   868  N N   . GLY A 1 113 ? -8.148  5.830   -8.119  1.00 39.03 ? 113 GLY A N   1 
ATOM   869  C CA  . GLY A 1 113 ? -7.938  4.782   -7.127  1.00 38.99 ? 113 GLY A CA  1 
ATOM   870  C C   . GLY A 1 113 ? -8.335  5.223   -5.735  1.00 41.71 ? 113 GLY A C   1 
ATOM   871  O O   . GLY A 1 113 ? -9.399  5.822   -5.529  1.00 35.49 ? 113 GLY A O   1 
ATOM   872  N N   . VAL A 1 114 ? -7.482  4.903   -4.754  1.00 33.66 ? 114 VAL A N   1 
ATOM   873  C CA  . VAL A 1 114 ? -7.757  5.258   -3.367  1.00 32.00 ? 114 VAL A CA  1 
ATOM   874  C C   . VAL A 1 114 ? -7.638  6.750   -3.090  1.00 35.52 ? 114 VAL A C   1 
ATOM   875  O O   . VAL A 1 114 ? -8.016  7.193   -2.003  1.00 37.02 ? 114 VAL A O   1 
ATOM   876  C CB  . VAL A 1 114 ? -6.831  4.503   -2.376  1.00 34.85 ? 114 VAL A CB  1 
ATOM   877  C CG1 . VAL A 1 114 ? -7.015  2.984   -2.472  1.00 30.19 ? 114 VAL A CG1 1 
ATOM   878  C CG2 . VAL A 1 114 ? -5.365  4.889   -2.565  1.00 33.10 ? 114 VAL A CG2 1 
ATOM   879  N N   . PHE A 1 115 ? -7.113  7.540   -4.021  1.00 37.36 ? 115 PHE A N   1 
ATOM   880  C CA  . PHE A 1 115 ? -7.055  8.986   -3.841  1.00 37.45 ? 115 PHE A CA  1 
ATOM   881  C C   . PHE A 1 115 ? -8.303  9.699   -4.360  1.00 39.88 ? 115 PHE A C   1 
ATOM   882  O O   . PHE A 1 115 ? -8.389  10.925  -4.244  1.00 39.28 ? 115 PHE A O   1 
ATOM   883  C CB  . PHE A 1 115 ? -5.805  9.549   -4.518  1.00 36.22 ? 115 PHE A CB  1 
ATOM   884  C CG  . PHE A 1 115 ? -4.511  9.064   -3.899  1.00 34.21 ? 115 PHE A CG  1 
ATOM   885  C CD1 . PHE A 1 115 ? -3.932  9.748   -2.844  1.00 36.33 ? 115 PHE A CD1 1 
ATOM   886  C CD2 . PHE A 1 115 ? -3.890  7.912   -4.374  1.00 35.30 ? 115 PHE A CD2 1 
ATOM   887  C CE1 . PHE A 1 115 ? -2.733  9.292   -2.258  1.00 36.68 ? 115 PHE A CE1 1 
ATOM   888  C CE2 . PHE A 1 115 ? -2.701  7.451   -3.799  1.00 36.47 ? 115 PHE A CE2 1 
ATOM   889  C CZ  . PHE A 1 115 ? -2.131  8.147   -2.737  1.00 34.17 ? 115 PHE A CZ  1 
ATOM   890  N N   . LYS A 1 116 ? -9.259  8.952   -4.909  1.00 39.92 ? 116 LYS A N   1 
ATOM   891  C CA  . LYS A 1 116 ? -10.508 9.504   -5.437  1.00 38.94 ? 116 LYS A CA  1 
ATOM   892  C C   . LYS A 1 116 ? -11.164 10.456  -4.450  1.00 39.08 ? 116 LYS A C   1 
ATOM   893  O O   . LYS A 1 116 ? -11.537 10.056  -3.340  1.00 40.30 ? 116 LYS A O   1 
ATOM   894  C CB  . LYS A 1 116 ? -11.466 8.361   -5.761  1.00 46.05 ? 116 LYS A CB  1 
ATOM   895  C CG  . LYS A 1 116 ? -12.774 8.829   -6.362  1.00 48.05 ? 116 LYS A CG  1 
ATOM   896  C CD  . LYS A 1 116 ? -12.521 9.358   -7.750  1.00 50.50 ? 116 LYS A CD  1 
ATOM   897  C CE  . LYS A 1 116 ? -12.920 8.335   -8.791  1.00 54.44 ? 116 LYS A CE  1 
ATOM   898  N NZ  . LYS A 1 116 ? -14.376 8.059   -8.706  1.00 57.76 ? 116 LYS A NZ  1 
ATOM   899  N N   . GLY A 1 117 ? -11.298 11.718  -4.857  1.00 46.47 ? 117 GLY A N   1 
ATOM   900  C CA  . GLY A 1 117 ? -11.990 12.718  -4.067  1.00 42.83 ? 117 GLY A CA  1 
ATOM   901  C C   . GLY A 1 117 ? -11.251 13.217  -2.847  1.00 46.77 ? 117 GLY A C   1 
ATOM   902  O O   . GLY A 1 117 ? -11.846 13.912  -2.016  1.00 42.28 ? 117 GLY A O   1 
ATOM   903  N N   . LEU A 1 118 ? -9.977  12.879  -2.699  1.00 41.80 ? 118 LEU A N   1 
ATOM   904  C CA  . LEU A 1 118 ? -9.203  13.370  -1.574  1.00 43.11 ? 118 LEU A CA  1 
ATOM   905  C C   . LEU A 1 118 ? -8.717  14.787  -1.863  1.00 42.28 ? 118 LEU A C   1 
ATOM   906  O O   . LEU A 1 118 ? -8.529  15.170  -3.021  1.00 43.33 ? 118 LEU A O   1 
ATOM   907  C CB  . LEU A 1 118 ? -8.014  12.439  -1.301  1.00 39.27 ? 118 LEU A CB  1 
ATOM   908  C CG  . LEU A 1 118 ? -8.168  11.429  -0.159  1.00 43.01 ? 118 LEU A CG  1 
ATOM   909  C CD1 . LEU A 1 118 ? -9.281  10.437  -0.426  1.00 42.05 ? 118 LEU A CD1 1 
ATOM   910  C CD2 . LEU A 1 118 ? -6.858  10.684  0.092   1.00 40.84 ? 118 LEU A CD2 1 
ATOM   911  N N   . ASN A 1 119 ? -8.519  15.569  -0.798  1.00 43.10 ? 119 ASN A N   1 
ATOM   912  C CA  . ASN A 1 119 ? -7.855  16.861  -0.945  1.00 48.33 ? 119 ASN A CA  1 
ATOM   913  C C   . ASN A 1 119 ? -6.563  16.704  -1.735  1.00 47.05 ? 119 ASN A C   1 
ATOM   914  O O   . ASN A 1 119 ? -5.781  15.778  -1.506  1.00 45.87 ? 119 ASN A O   1 
ATOM   915  C CB  . ASN A 1 119 ? -7.524  17.472  0.422   1.00 45.27 ? 119 ASN A CB  1 
ATOM   916  C CG  . ASN A 1 119 ? -8.744  17.917  1.181   1.00 48.12 ? 119 ASN A CG  1 
ATOM   917  O OD1 . ASN A 1 119 ? -9.849  17.908  0.657   1.00 49.34 ? 119 ASN A OD1 1 
ATOM   918  N ND2 . ASN A 1 119 ? -8.545  18.316  2.432   1.00 50.83 ? 119 ASN A ND2 1 
ATOM   919  N N   . ASN A 1 120 ? -6.329  17.623  -2.654  1.00 45.07 ? 120 ASN A N   1 
ATOM   920  C CA  . ASN A 1 120 ? -5.077  17.650  -3.407  1.00 45.96 ? 120 ASN A CA  1 
ATOM   921  C C   . ASN A 1 120 ? -4.339  18.923  -3.032  1.00 49.15 ? 120 ASN A C   1 
ATOM   922  O O   . ASN A 1 120 ? -4.842  20.025  -3.319  1.00 53.09 ? 120 ASN A O   1 
ATOM   923  C CB  . ASN A 1 120 ? -5.358  17.592  -4.907  1.00 45.98 ? 120 ASN A CB  1 
ATOM   924  C CG  . ASN A 1 120 ? -4.115  17.336  -5.731  1.00 48.79 ? 120 ASN A CG  1 
ATOM   925  O OD1 . ASN A 1 120 ? -3.216  16.622  -5.306  1.00 45.54 ? 120 ASN A OD1 1 
ATOM   926  N ND2 . ASN A 1 120 ? -4.070  17.911  -6.933  1.00 51.20 ? 120 ASN A ND2 1 
ATOM   927  N N   . PRO A 1 121 ? -3.162  18.845  -2.384  1.00 48.21 ? 121 PRO A N   1 
ATOM   928  C CA  . PRO A 1 121 ? -2.419  17.621  -2.072  1.00 44.79 ? 121 PRO A CA  1 
ATOM   929  C C   . PRO A 1 121 ? -2.866  16.908  -0.801  1.00 48.83 ? 121 PRO A C   1 
ATOM   930  O O   . PRO A 1 121 ? -3.590  17.468  0.019   1.00 49.52 ? 121 PRO A O   1 
ATOM   931  C CB  . PRO A 1 121 ? -1.000  18.135  -1.888  1.00 44.81 ? 121 PRO A CB  1 
ATOM   932  C CG  . PRO A 1 121 ? -1.217  19.446  -1.204  1.00 47.73 ? 121 PRO A CG  1 
ATOM   933  C CD  . PRO A 1 121 ? -2.470  20.030  -1.846  1.00 48.66 ? 121 PRO A CD  1 
ATOM   934  N N   . PHE A 1 122 ? -2.392  15.674  -0.660  1.00 43.67 ? 122 PHE A N   1 
ATOM   935  C CA  . PHE A 1 122 ? -2.582  14.863  0.533   1.00 46.26 ? 122 PHE A CA  1 
ATOM   936  C C   . PHE A 1 122 ? -1.372  15.083  1.442   1.00 43.73 ? 122 PHE A C   1 
ATOM   937  O O   . PHE A 1 122 ? -0.234  14.837  1.031   1.00 40.00 ? 122 PHE A O   1 
ATOM   938  C CB  . PHE A 1 122 ? -2.754  13.394  0.114   1.00 43.38 ? 122 PHE A CB  1 
ATOM   939  C CG  . PHE A 1 122 ? -2.755  12.405  1.250   1.00 47.51 ? 122 PHE A CG  1 
ATOM   940  C CD1 . PHE A 1 122 ? -1.630  11.643  1.524   1.00 43.43 ? 122 PHE A CD1 1 
ATOM   941  C CD2 . PHE A 1 122 ? -3.889  12.207  2.016   1.00 48.36 ? 122 PHE A CD2 1 
ATOM   942  C CE1 . PHE A 1 122 ? -1.626  10.721  2.562   1.00 43.01 ? 122 PHE A CE1 1 
ATOM   943  C CE2 . PHE A 1 122 ? -3.894  11.285  3.053   1.00 45.40 ? 122 PHE A CE2 1 
ATOM   944  C CZ  . PHE A 1 122 ? -2.756  10.542  3.329   1.00 45.03 ? 122 PHE A CZ  1 
ATOM   945  N N   . GLU A 1 123 ? -1.607  15.602  2.648   1.00 40.29 ? 123 GLU A N   1 
ATOM   946  C CA  . GLU A 1 123 ? -0.531  15.778  3.613   1.00 46.39 ? 123 GLU A CA  1 
ATOM   947  C C   . GLU A 1 123 ? -0.246  14.451  4.308   1.00 43.76 ? 123 GLU A C   1 
ATOM   948  O O   . GLU A 1 123 ? -1.138  13.875  4.940   1.00 44.14 ? 123 GLU A O   1 
ATOM   949  C CB  . GLU A 1 123 ? -0.896  16.851  4.633   1.00 49.10 ? 123 GLU A CB  1 
ATOM   950  C CG  . GLU A 1 123 ? 0.304   17.626  5.162   1.00 49.07 ? 123 GLU A CG  1 
ATOM   951  C CD  . GLU A 1 123 ? 0.734   18.757  4.225   1.00 55.55 ? 123 GLU A CD  1 
ATOM   952  O OE1 . GLU A 1 123 ? 0.002   19.028  3.245   1.00 57.11 ? 123 GLU A OE1 1 
ATOM   953  O OE2 . GLU A 1 123 ? 1.804   19.368  4.458   1.00 59.52 ? 123 GLU A OE2 1 
ATOM   954  N N   . ALA A 1 124 ? 0.990   13.954  4.206   1.00 38.15 ? 124 ALA A N   1 
ATOM   955  C CA  . ALA A 1 124 ? 1.306   12.685  4.851   1.00 41.16 ? 124 ALA A CA  1 
ATOM   956  C C   . ALA A 1 124 ? 2.653   12.752  5.543   1.00 39.62 ? 124 ALA A C   1 
ATOM   957  O O   . ALA A 1 124 ? 3.409   13.714  5.401   1.00 40.95 ? 124 ALA A O   1 
ATOM   958  C CB  . ALA A 1 124 ? 1.302   11.521  3.859   1.00 40.14 ? 124 ALA A CB  1 
ATOM   959  N N   . THR A 1 125 ? 2.948   11.704  6.303   1.00 38.15 ? 125 THR A N   1 
ATOM   960  C CA  . THR A 1 125 ? 4.258   11.520  6.894   1.00 39.27 ? 125 THR A CA  1 
ATOM   961  C C   . THR A 1 125 ? 4.999   10.438  6.125   1.00 38.46 ? 125 THR A C   1 
ATOM   962  O O   . THR A 1 125 ? 4.406   9.644   5.393   1.00 31.03 ? 125 THR A O   1 
ATOM   963  C CB  . THR A 1 125 ? 4.162   11.160  8.382   1.00 41.44 ? 125 THR A CB  1 
ATOM   964  O OG1 . THR A 1 125 ? 3.326   10.017  8.539   1.00 43.71 ? 125 THR A OG1 1 
ATOM   965  C CG2 . THR A 1 125 ? 3.558   12.303  9.166   1.00 45.56 ? 125 THR A CG2 1 
ATOM   966  N N   . ARG A 1 126 ? 6.316   10.424  6.282   1.00 39.62 ? 126 ARG A N   1 
ATOM   967  C CA  . ARG A 1 126 ? 7.157   9.618   5.423   1.00 37.69 ? 126 ARG A CA  1 
ATOM   968  C C   . ARG A 1 126 ? 8.171   8.841   6.242   1.00 40.29 ? 126 ARG A C   1 
ATOM   969  O O   . ARG A 1 126 ? 8.455   9.156   7.402   1.00 41.16 ? 126 ARG A O   1 
ATOM   970  C CB  . ARG A 1 126 ? 7.910   10.475  4.405   1.00 40.09 ? 126 ARG A CB  1 
ATOM   971  C CG  . ARG A 1 126 ? 7.044   11.384  3.579   1.00 41.89 ? 126 ARG A CG  1 
ATOM   972  C CD  . ARG A 1 126 ? 6.547   10.664  2.348   1.00 36.52 ? 126 ARG A CD  1 
ATOM   973  N NE  . ARG A 1 126 ? 7.586   9.820   1.771   1.00 39.06 ? 126 ARG A NE  1 
ATOM   974  C CZ  . ARG A 1 126 ? 8.532   10.253  0.939   1.00 40.91 ? 126 ARG A CZ  1 
ATOM   975  N NH1 . ARG A 1 126 ? 8.572   11.532  0.581   1.00 39.69 ? 126 ARG A NH1 1 
ATOM   976  N NH2 . ARG A 1 126 ? 9.440   9.402   0.462   1.00 36.90 ? 126 ARG A NH2 1 
ATOM   977  N N   . TYR A 1 127 ? 8.725   7.825   5.598   1.00 36.02 ? 127 TYR A N   1 
ATOM   978  C CA  . TYR A 1 127 ? 9.871   7.102   6.108   1.00 38.20 ? 127 TYR A CA  1 
ATOM   979  C C   . TYR A 1 127 ? 10.943  7.105   5.026   1.00 37.98 ? 127 TYR A C   1 
ATOM   980  O O   . TYR A 1 127 ? 10.692  7.470   3.876   1.00 33.35 ? 127 TYR A O   1 
ATOM   981  C CB  . TYR A 1 127 ? 9.477   5.677   6.531   1.00 36.34 ? 127 TYR A CB  1 
ATOM   982  C CG  . TYR A 1 127 ? 8.688   4.874   5.504   1.00 34.98 ? 127 TYR A CG  1 
ATOM   983  C CD1 . TYR A 1 127 ? 9.350   4.065   4.589   1.00 33.11 ? 127 TYR A CD1 1 
ATOM   984  C CD2 . TYR A 1 127 ? 7.287   4.897   5.466   1.00 33.20 ? 127 TYR A CD2 1 
ATOM   985  C CE1 . TYR A 1 127 ? 8.676   3.312   3.671   1.00 31.52 ? 127 TYR A CE1 1 
ATOM   986  C CE2 . TYR A 1 127 ? 6.580   4.119   4.520   1.00 30.27 ? 127 TYR A CE2 1 
ATOM   987  C CZ  . TYR A 1 127 ? 7.293   3.333   3.633   1.00 30.95 ? 127 TYR A CZ  1 
ATOM   988  O OH  . TYR A 1 127 ? 6.674   2.571   2.689   1.00 31.87 ? 127 TYR A OH  1 
ATOM   989  N N   . HIS A 1 128 ? 12.155  6.712   5.396   1.00 36.67 ? 128 HIS A N   1 
ATOM   990  C CA  . HIS A 1 128 ? 13.208  6.529   4.406   1.00 33.87 ? 128 HIS A CA  1 
ATOM   991  C C   . HIS A 1 128 ? 13.031  5.174   3.739   1.00 33.58 ? 128 HIS A C   1 
ATOM   992  O O   . HIS A 1 128 ? 12.774  4.174   4.414   1.00 32.84 ? 128 HIS A O   1 
ATOM   993  C CB  . HIS A 1 128 ? 14.580  6.633   5.067   1.00 35.81 ? 128 HIS A CB  1 
ATOM   994  C CG  . HIS A 1 128 ? 14.844  7.980   5.649   1.00 40.40 ? 128 HIS A CG  1 
ATOM   995  N ND1 . HIS A 1 128 ? 15.149  9.078   4.872   1.00 36.42 ? 128 HIS A ND1 1 
ATOM   996  C CD2 . HIS A 1 128 ? 14.803  8.419   6.927   1.00 39.85 ? 128 HIS A CD2 1 
ATOM   997  C CE1 . HIS A 1 128 ? 15.301  10.132  5.652   1.00 39.70 ? 128 HIS A CE1 1 
ATOM   998  N NE2 . HIS A 1 128 ? 15.103  9.759   6.904   1.00 41.01 ? 128 HIS A NE2 1 
ATOM   999  N N   . SER A 1 129 ? 13.146  5.140   2.414   1.00 33.01 ? 129 SER A N   1 
ATOM   1000 C CA  . SER A 1 129 ? 12.877  3.903   1.701   1.00 33.11 ? 129 SER A CA  1 
ATOM   1001 C C   . SER A 1 129 ? 13.462  3.987   0.306   1.00 28.49 ? 129 SER A C   1 
ATOM   1002 O O   . SER A 1 129 ? 13.767  5.071   -0.193  1.00 34.99 ? 129 SER A O   1 
ATOM   1003 C CB  . SER A 1 129 ? 11.377  3.638   1.589   1.00 33.72 ? 129 SER A CB  1 
ATOM   1004 O OG  . SER A 1 129 ? 10.821  4.486   0.597   1.00 35.20 ? 129 SER A OG  1 
ATOM   1005 N N   . LEU A 1 130 ? 13.588  2.826   -0.328  1.00 28.41 ? 130 LEU A N   1 
ATOM   1006 C CA  . LEU A 1 130 ? 13.692  2.812   -1.774  1.00 28.76 ? 130 LEU A CA  1 
ATOM   1007 C C   . LEU A 1 130 ? 12.329  3.134   -2.379  1.00 31.30 ? 130 LEU A C   1 
ATOM   1008 O O   . LEU A 1 130 ? 11.302  3.131   -1.694  1.00 28.97 ? 130 LEU A O   1 
ATOM   1009 C CB  . LEU A 1 130 ? 14.196  1.461   -2.256  1.00 30.07 ? 130 LEU A CB  1 
ATOM   1010 C CG  . LEU A 1 130 ? 15.376  0.923   -1.447  1.00 34.18 ? 130 LEU A CG  1 
ATOM   1011 C CD1 . LEU A 1 130 ? 15.681  -0.508  -1.865  1.00 36.58 ? 130 LEU A CD1 1 
ATOM   1012 C CD2 . LEU A 1 130 ? 16.587  1.829   -1.652  1.00 35.97 ? 130 LEU A CD2 1 
ATOM   1013 N N   . VAL A 1 131 ? 12.322  3.412   -3.683  1.00 27.20 ? 131 VAL A N   1 
ATOM   1014 C CA  . VAL A 1 131 ? 11.129  3.897   -4.362  1.00 29.31 ? 131 VAL A CA  1 
ATOM   1015 C C   . VAL A 1 131 ? 10.911  3.087   -5.630  1.00 31.40 ? 131 VAL A C   1 
ATOM   1016 O O   . VAL A 1 131 ? 11.828  2.459   -6.165  1.00 31.77 ? 131 VAL A O   1 
ATOM   1017 C CB  . VAL A 1 131 ? 11.221  5.406   -4.689  1.00 30.23 ? 131 VAL A CB  1 
ATOM   1018 C CG1 . VAL A 1 131 ? 11.253  6.233   -3.402  1.00 30.86 ? 131 VAL A CG1 1 
ATOM   1019 C CG2 . VAL A 1 131 ? 12.447  5.702   -5.550  1.00 31.08 ? 131 VAL A CG2 1 
ATOM   1020 N N   . VAL A 1 132 ? 9.666   3.091   -6.110  1.00 28.87 ? 132 VAL A N   1 
ATOM   1021 C CA  . VAL A 1 132 ? 9.388   2.444   -7.380  1.00 25.14 ? 132 VAL A CA  1 
ATOM   1022 C C   . VAL A 1 132 ? 9.973   3.310   -8.493  1.00 30.93 ? 132 VAL A C   1 
ATOM   1023 O O   . VAL A 1 132 ? 9.811   4.536   -8.501  1.00 30.24 ? 132 VAL A O   1 
ATOM   1024 C CB  . VAL A 1 132 ? 7.876   2.218   -7.544  1.00 27.35 ? 132 VAL A CB  1 
ATOM   1025 C CG1 . VAL A 1 132 ? 7.534   1.705   -8.949  1.00 32.05 ? 132 VAL A CG1 1 
ATOM   1026 C CG2 . VAL A 1 132 ? 7.374   1.248   -6.474  1.00 28.53 ? 132 VAL A CG2 1 
ATOM   1027 N N   . GLU A 1 133 ? 10.684  2.684   -9.424  1.00 29.70 ? 133 GLU A N   1 
ATOM   1028 C CA  . GLU A 1 133 ? 11.356  3.442   -10.482 1.00 28.34 ? 133 GLU A CA  1 
ATOM   1029 C C   . GLU A 1 133 ? 10.338  3.875   -11.534 1.00 33.00 ? 133 GLU A C   1 
ATOM   1030 O O   . GLU A 1 133 ? 9.634   3.040   -12.102 1.00 35.33 ? 133 GLU A O   1 
ATOM   1031 C CB  . GLU A 1 133 ? 12.465  2.600   -11.116 1.00 31.82 ? 133 GLU A CB  1 
ATOM   1032 C CG  . GLU A 1 133 ? 13.369  3.383   -12.078 1.00 38.36 ? 133 GLU A CG  1 
ATOM   1033 C CD  . GLU A 1 133 ? 14.506  2.540   -12.642 1.00 39.29 ? 133 GLU A CD  1 
ATOM   1034 O OE1 . GLU A 1 133 ? 14.268  1.368   -13.021 1.00 37.90 ? 133 GLU A OE1 1 
ATOM   1035 O OE2 . GLU A 1 133 ? 15.640  3.055   -12.712 1.00 41.00 ? 133 GLU A OE2 1 
ATOM   1036 N N   . ARG A 1 134 ? 10.274  5.184   -11.793 1.00 34.30 ? 134 ARG A N   1 
ATOM   1037 C CA  . ARG A 1 134 ? 9.295   5.723   -12.738 1.00 35.35 ? 134 ARG A CA  1 
ATOM   1038 C C   . ARG A 1 134 ? 9.616   5.324   -14.173 1.00 38.79 ? 134 ARG A C   1 
ATOM   1039 O O   . ARG A 1 134 ? 8.711   5.002   -14.953 1.00 36.48 ? 134 ARG A O   1 
ATOM   1040 C CB  . ARG A 1 134 ? 9.257   7.247   -12.604 1.00 36.05 ? 134 ARG A CB  1 
ATOM   1041 C CG  . ARG A 1 134 ? 8.421   7.985   -13.635 1.00 40.35 ? 134 ARG A CG  1 
ATOM   1042 C CD  . ARG A 1 134 ? 8.160   9.418   -13.164 1.00 42.99 ? 134 ARG A CD  1 
ATOM   1043 N NE  . ARG A 1 134 ? 6.849   9.886   -13.599 1.00 53.22 ? 134 ARG A NE  1 
ATOM   1044 C CZ  . ARG A 1 134 ? 6.006   10.564  -12.830 1.00 49.94 ? 134 ARG A CZ  1 
ATOM   1045 N NH1 . ARG A 1 134 ? 6.336   10.853  -11.580 1.00 43.59 ? 134 ARG A NH1 1 
ATOM   1046 N NH2 . ARG A 1 134 ? 4.828   10.947  -13.312 1.00 52.60 ? 134 ARG A NH2 1 
ATOM   1047 N N   . GLU A 1 135 ? 10.899  5.339   -14.542 1.00 38.26 ? 135 GLU A N   1 
ATOM   1048 C CA  . GLU A 1 135 ? 11.267  5.239   -15.950 1.00 40.68 ? 135 GLU A CA  1 
ATOM   1049 C C   . GLU A 1 135 ? 11.056  3.837   -16.512 1.00 43.24 ? 135 GLU A C   1 
ATOM   1050 O O   . GLU A 1 135 ? 10.936  3.686   -17.735 1.00 42.61 ? 135 GLU A O   1 
ATOM   1051 C CB  . GLU A 1 135 ? 12.720  5.671   -16.121 1.00 38.45 ? 135 GLU A CB  1 
ATOM   1052 C CG  . GLU A 1 135 ? 12.966  7.160   -15.854 1.00 42.79 ? 135 GLU A CG  1 
ATOM   1053 C CD  . GLU A 1 135 ? 13.079  7.541   -14.374 1.00 46.13 ? 135 GLU A CD  1 
ATOM   1054 O OE1 . GLU A 1 135 ? 13.157  6.646   -13.487 1.00 42.33 ? 135 GLU A OE1 1 
ATOM   1055 O OE2 . GLU A 1 135 ? 13.086  8.760   -14.095 1.00 49.41 ? 135 GLU A OE2 1 
ATOM   1056 N N   . THR A 1 136 ? 10.997  2.815   -15.650 1.00 38.26 ? 136 THR A N   1 
ATOM   1057 C CA  . THR A 1 136 ? 10.823  1.421   -16.053 1.00 36.33 ? 136 THR A CA  1 
ATOM   1058 C C   . THR A 1 136 ? 9.510   0.832   -15.543 1.00 37.42 ? 136 THR A C   1 
ATOM   1059 O O   . THR A 1 136 ? 9.384   -0.396  -15.432 1.00 39.83 ? 136 THR A O   1 
ATOM   1060 C CB  . THR A 1 136 ? 11.991  0.573   -15.551 1.00 40.26 ? 136 THR A CB  1 
ATOM   1061 O OG1 . THR A 1 136 ? 11.948  0.509   -14.118 1.00 40.83 ? 136 THR A OG1 1 
ATOM   1062 C CG2 . THR A 1 136 ? 13.327  1.167   -16.001 1.00 41.95 ? 136 THR A CG2 1 
ATOM   1063 N N   . LEU A 1 137 ? 8.543   1.679   -15.208 1.00 33.00 ? 137 LEU A N   1 
ATOM   1064 C CA  . LEU A 1 137 ? 7.310   1.184   -14.608 1.00 35.67 ? 137 LEU A CA  1 
ATOM   1065 C C   . LEU A 1 137 ? 6.580   0.260   -15.578 1.00 38.81 ? 137 LEU A C   1 
ATOM   1066 O O   . LEU A 1 137 ? 6.433   0.594   -16.766 1.00 40.06 ? 137 LEU A O   1 
ATOM   1067 C CB  . LEU A 1 137 ? 6.398   2.344   -14.216 1.00 32.11 ? 137 LEU A CB  1 
ATOM   1068 C CG  . LEU A 1 137 ? 5.213   1.982   -13.329 1.00 34.82 ? 137 LEU A CG  1 
ATOM   1069 C CD1 . LEU A 1 137 ? 5.703   1.792   -11.932 1.00 34.22 ? 137 LEU A CD1 1 
ATOM   1070 C CD2 . LEU A 1 137 ? 4.187   3.076   -13.385 1.00 36.10 ? 137 LEU A CD2 1 
ATOM   1071 N N   . PRO A 1 138 ? 6.101   -0.895  -15.106 1.00 35.80 ? 138 PRO A N   1 
ATOM   1072 C CA  . PRO A 1 138 ? 5.375   -1.818  -15.986 1.00 36.76 ? 138 PRO A CA  1 
ATOM   1073 C C   . PRO A 1 138 ? 4.139   -1.188  -16.615 1.00 36.49 ? 138 PRO A C   1 
ATOM   1074 O O   . PRO A 1 138 ? 3.474   -0.322  -16.036 1.00 32.24 ? 138 PRO A O   1 
ATOM   1075 C CB  . PRO A 1 138 ? 4.986   -2.969  -15.052 1.00 36.75 ? 138 PRO A CB  1 
ATOM   1076 C CG  . PRO A 1 138 ? 5.976   -2.887  -13.899 1.00 37.37 ? 138 PRO A CG  1 
ATOM   1077 C CD  . PRO A 1 138 ? 6.301   -1.442  -13.748 1.00 34.73 ? 138 PRO A CD  1 
ATOM   1078 N N   . ASP A 1 139 ? 3.827   -1.669  -17.822 1.00 35.81 ? 139 ASP A N   1 
ATOM   1079 C CA  . ASP A 1 139 ? 2.684   -1.159  -18.562 1.00 35.82 ? 139 ASP A CA  1 
ATOM   1080 C C   . ASP A 1 139 ? 1.378   -1.363  -17.810 1.00 35.00 ? 139 ASP A C   1 
ATOM   1081 O O   . ASP A 1 139 ? 0.421   -0.617  -18.032 1.00 35.67 ? 139 ASP A O   1 
ATOM   1082 C CB  . ASP A 1 139 ? 2.626   -1.836  -19.933 1.00 27.72 ? 139 ASP A CB  1 
ATOM   1083 C CG  . ASP A 1 139 ? 3.726   -1.368  -20.841 1.00 37.58 ? 139 ASP A CG  1 
ATOM   1084 O OD1 . ASP A 1 139 ? 4.063   -0.169  -20.755 1.00 38.83 ? 139 ASP A OD1 1 
ATOM   1085 O OD2 . ASP A 1 139 ? 4.261   -2.178  -21.634 1.00 41.13 ? 139 ASP A OD2 1 
ATOM   1086 N N   . CYS A 1 140 ? 1.305   -2.362  -16.931 1.00 37.18 ? 140 CYS A N   1 
ATOM   1087 C CA  . CYS A 1 140 ? 0.054   -2.644  -16.242 1.00 34.11 ? 140 CYS A CA  1 
ATOM   1088 C C   . CYS A 1 140 ? -0.120  -1.817  -14.977 1.00 35.67 ? 140 CYS A C   1 
ATOM   1089 O O   . CYS A 1 140 ? -1.179  -1.900  -14.341 1.00 32.82 ? 140 CYS A O   1 
ATOM   1090 C CB  . CYS A 1 140 ? -0.059  -4.138  -15.918 1.00 36.04 ? 140 CYS A CB  1 
ATOM   1091 S SG  . CYS A 1 140 ? 1.092   -4.695  -14.606 1.00 39.51 ? 140 CYS A SG  1 
ATOM   1092 N N   . LEU A 1 141 ? 0.872   -1.011  -14.612 1.00 31.54 ? 141 LEU A N   1 
ATOM   1093 C CA  . LEU A 1 141 ? 0.785   -0.146  -13.450 1.00 32.30 ? 141 LEU A CA  1 
ATOM   1094 C C   . LEU A 1 141 ? 0.618   1.303   -13.889 1.00 33.31 ? 141 LEU A C   1 
ATOM   1095 O O   . LEU A 1 141 ? 1.133   1.716   -14.930 1.00 35.13 ? 141 LEU A O   1 
ATOM   1096 C CB  . LEU A 1 141 ? 2.034   -0.283  -12.574 1.00 28.88 ? 141 LEU A CB  1 
ATOM   1097 C CG  . LEU A 1 141 ? 2.210   -1.646  -11.916 1.00 33.93 ? 141 LEU A CG  1 
ATOM   1098 C CD1 . LEU A 1 141 ? 3.486   -1.633  -11.106 1.00 32.44 ? 141 LEU A CD1 1 
ATOM   1099 C CD2 . LEU A 1 141 ? 1.027   -1.923  -11.020 1.00 30.95 ? 141 LEU A CD2 1 
ATOM   1100 N N   . GLU A 1 142 ? -0.113  2.069   -13.088 1.00 29.86 ? 142 GLU A N   1 
ATOM   1101 C CA  . GLU A 1 142 ? -0.339  3.482   -13.340 1.00 33.85 ? 142 GLU A CA  1 
ATOM   1102 C C   . GLU A 1 142 ? 0.023   4.284   -12.090 1.00 32.24 ? 142 GLU A C   1 
ATOM   1103 O O   . GLU A 1 142 ? -0.244  3.845   -10.969 1.00 32.24 ? 142 GLU A O   1 
ATOM   1104 C CB  . GLU A 1 142 ? -1.807  3.676   -13.756 1.00 34.18 ? 142 GLU A CB  1 
ATOM   1105 C CG  . GLU A 1 142 ? -2.395  5.046   -13.638 1.00 40.30 ? 142 GLU A CG  1 
ATOM   1106 C CD  . GLU A 1 142 ? -3.879  5.024   -14.027 1.00 44.20 ? 142 GLU A CD  1 
ATOM   1107 O OE1 . GLU A 1 142 ? -4.180  4.961   -15.234 1.00 52.54 ? 142 GLU A OE1 1 
ATOM   1108 O OE2 . GLU A 1 142 ? -4.739  5.037   -13.124 1.00 51.38 ? 142 GLU A OE2 1 
ATOM   1109 N N   . ILE A 1 143 ? 0.650   5.450   -12.276 1.00 31.78 ? 143 ILE A N   1 
ATOM   1110 C CA  . ILE A 1 143 ? 0.991   6.305   -11.139 1.00 31.93 ? 143 ILE A CA  1 
ATOM   1111 C C   . ILE A 1 143 ? -0.250  7.076   -10.713 1.00 37.08 ? 143 ILE A C   1 
ATOM   1112 O O   . ILE A 1 143 ? -0.894  7.731   -11.540 1.00 34.12 ? 143 ILE A O   1 
ATOM   1113 C CB  . ILE A 1 143 ? 2.146   7.259   -11.491 1.00 30.37 ? 143 ILE A CB  1 
ATOM   1114 C CG1 . ILE A 1 143 ? 3.393   6.463   -11.864 1.00 28.90 ? 143 ILE A CG1 1 
ATOM   1115 C CG2 . ILE A 1 143 ? 2.453   8.186   -10.327 1.00 34.22 ? 143 ILE A CG2 1 
ATOM   1116 C CD1 . ILE A 1 143 ? 4.483   7.278   -12.596 1.00 33.32 ? 143 ILE A CD1 1 
ATOM   1117 N N   . THR A 1 144 ? -0.591  6.993   -9.418  1.00 31.07 ? 144 THR A N   1 
ATOM   1118 C CA  . THR A 1 144 ? -1.716  7.716   -8.840  1.00 33.32 ? 144 THR A CA  1 
ATOM   1119 C C   . THR A 1 144 ? -1.316  8.868   -7.934  1.00 33.23 ? 144 THR A C   1 
ATOM   1120 O O   . THR A 1 144 ? -2.159  9.725   -7.645  1.00 29.98 ? 144 THR A O   1 
ATOM   1121 C CB  . THR A 1 144 ? -2.599  6.769   -8.021  1.00 36.16 ? 144 THR A CB  1 
ATOM   1122 O OG1 . THR A 1 144 ? -1.811  6.185   -6.970  1.00 29.79 ? 144 THR A OG1 1 
ATOM   1123 C CG2 . THR A 1 144 ? -3.165  5.681   -8.902  1.00 31.86 ? 144 THR A CG2 1 
ATOM   1124 N N   . ALA A 1 145 ? -0.076  8.904   -7.460  1.00 29.44 ? 145 ALA A N   1 
ATOM   1125 C CA  . ALA A 1 145 ? 0.315   9.939   -6.521  1.00 32.29 ? 145 ALA A CA  1 
ATOM   1126 C C   . ALA A 1 145 ? 1.820   10.124  -6.607  1.00 29.03 ? 145 ALA A C   1 
ATOM   1127 O O   . ALA A 1 145 ? 2.554   9.215   -7.004  1.00 28.60 ? 145 ALA A O   1 
ATOM   1128 C CB  . ALA A 1 145 ? -0.114  9.594   -5.083  1.00 31.17 ? 145 ALA A CB  1 
ATOM   1129 N N   . TRP A 1 146 ? 2.271   11.317  -6.242  1.00 32.06 ? 146 TRP A N   1 
ATOM   1130 C CA  . TRP A 1 146 ? 3.668   11.671  -6.438  1.00 32.38 ? 146 TRP A CA  1 
ATOM   1131 C C   . TRP A 1 146 ? 3.983   12.882  -5.580  1.00 35.77 ? 146 TRP A C   1 
ATOM   1132 O O   . TRP A 1 146 ? 3.079   13.608  -5.149  1.00 37.50 ? 146 TRP A O   1 
ATOM   1133 C CB  . TRP A 1 146 ? 3.972   11.967  -7.913  1.00 35.16 ? 146 TRP A CB  1 
ATOM   1134 C CG  . TRP A 1 146 ? 3.134   13.088  -8.467  1.00 36.06 ? 146 TRP A CG  1 
ATOM   1135 C CD1 . TRP A 1 146 ? 3.443   14.424  -8.491  1.00 38.09 ? 146 TRP A CD1 1 
ATOM   1136 C CD2 . TRP A 1 146 ? 1.838   12.966  -9.054  1.00 39.67 ? 146 TRP A CD2 1 
ATOM   1137 N NE1 . TRP A 1 146 ? 2.412   15.137  -9.066  1.00 39.18 ? 146 TRP A NE1 1 
ATOM   1138 C CE2 . TRP A 1 146 ? 1.418   14.264  -9.419  1.00 38.04 ? 146 TRP A CE2 1 
ATOM   1139 C CE3 . TRP A 1 146 ? 0.988   11.886  -9.305  1.00 36.08 ? 146 TRP A CE3 1 
ATOM   1140 C CZ2 . TRP A 1 146 ? 0.181   14.503  -10.023 1.00 40.62 ? 146 TRP A CZ2 1 
ATOM   1141 C CZ3 . TRP A 1 146 ? -0.235  12.127  -9.908  1.00 39.51 ? 146 TRP A CZ3 1 
ATOM   1142 C CH2 . TRP A 1 146 ? -0.624  13.424  -10.261 1.00 39.56 ? 146 TRP A CH2 1 
ATOM   1143 N N   . THR A 1 147 ? 5.274   13.083  -5.318  1.00 36.88 ? 147 THR A N   1 
ATOM   1144 C CA  . THR A 1 147 ? 5.727   14.324  -4.705  1.00 35.67 ? 147 THR A CA  1 
ATOM   1145 C C   . THR A 1 147 ? 6.281   15.252  -5.775  1.00 39.05 ? 147 THR A C   1 
ATOM   1146 O O   . THR A 1 147 ? 6.704   14.822  -6.851  1.00 39.17 ? 147 THR A O   1 
ATOM   1147 C CB  . THR A 1 147 ? 6.802   14.081  -3.644  1.00 37.86 ? 147 THR A CB  1 
ATOM   1148 O OG1 . THR A 1 147 ? 7.861   13.304  -4.218  1.00 38.63 ? 147 THR A OG1 1 
ATOM   1149 C CG2 . THR A 1 147 ? 6.205   13.368  -2.420  1.00 34.19 ? 147 THR A CG2 1 
ATOM   1150 N N   . GLU A 1 148 ? 6.259   16.544  -5.465  1.00 40.99 ? 148 GLU A N   1 
ATOM   1151 C CA  . GLU A 1 148 ? 6.900   17.542  -6.310  1.00 44.83 ? 148 GLU A CA  1 
ATOM   1152 C C   . GLU A 1 148 ? 8.245   17.997  -5.759  1.00 52.82 ? 148 GLU A C   1 
ATOM   1153 O O   . GLU A 1 148 ? 9.134   18.357  -6.538  1.00 55.20 ? 148 GLU A O   1 
ATOM   1154 C CB  . GLU A 1 148 ? 5.968   18.742  -6.484  1.00 45.35 ? 148 GLU A CB  1 
ATOM   1155 C CG  . GLU A 1 148 ? 4.570   18.324  -6.885  1.00 45.79 ? 148 GLU A CG  1 
ATOM   1156 C CD  . GLU A 1 148 ? 3.718   19.479  -7.356  1.00 50.46 ? 148 GLU A CD  1 
ATOM   1157 O OE1 . GLU A 1 148 ? 3.951   20.624  -6.916  1.00 54.94 ? 148 GLU A OE1 1 
ATOM   1158 O OE2 . GLU A 1 148 ? 2.803   19.229  -8.157  1.00 51.47 ? 148 GLU A OE2 1 
ATOM   1159 N N   . THR A 1 149 ? 8.418   17.948  -4.441  1.00 52.41 ? 149 THR A N   1 
ATOM   1160 C CA  . THR A 1 149 ? 9.677   18.331  -3.812  1.00 56.89 ? 149 THR A CA  1 
ATOM   1161 C C   . THR A 1 149 ? 10.782  17.322  -4.125  1.00 59.19 ? 149 THR A C   1 
ATOM   1162 O O   . THR A 1 149 ? 10.531  16.123  -4.292  1.00 56.80 ? 149 THR A O   1 
ATOM   1163 C CB  . THR A 1 149 ? 9.497   18.456  -2.302  1.00 56.76 ? 149 THR A CB  1 
ATOM   1164 O OG1 . THR A 1 149 ? 8.690   17.368  -1.826  1.00 54.35 ? 149 THR A OG1 1 
ATOM   1165 C CG2 . THR A 1 149 ? 8.822   19.778  -1.959  1.00 60.01 ? 149 THR A CG2 1 
ATOM   1166 N N   . ASP A 1 150 ? 12.018  17.819  -4.146  1.00 63.23 ? 150 ASP A N   1 
ATOM   1167 C CA  . ASP A 1 150 ? 13.168  17.164  -4.818  1.00 64.34 ? 150 ASP A CA  1 
ATOM   1168 C C   . ASP A 1 150 ? 12.816  17.159  -6.308  1.00 61.36 ? 150 ASP A C   1 
ATOM   1169 O O   . ASP A 1 150 ? 12.175  18.107  -6.794  1.00 63.69 ? 150 ASP A O   1 
ATOM   1170 C CB  . ASP A 1 150 ? 13.483  15.803  -4.224  1.00 64.29 ? 150 ASP A CB  1 
ATOM   1171 N N   . GLU A 1 151 ? 13.223  16.147  -7.060  1.00 58.18 ? 151 GLU A N   1 
ATOM   1172 C CA  . GLU A 1 151 ? 12.733  15.990  -8.419  1.00 60.17 ? 151 GLU A CA  1 
ATOM   1173 C C   . GLU A 1 151 ? 11.527  15.061  -8.468  1.00 54.81 ? 151 GLU A C   1 
ATOM   1174 O O   . GLU A 1 151 ? 11.119  14.626  -9.555  1.00 51.06 ? 151 GLU A O   1 
ATOM   1175 C CB  . GLU A 1 151 ? 13.867  15.494  -9.303  1.00 59.14 ? 151 GLU A CB  1 
ATOM   1176 C CG  . GLU A 1 151 ? 15.189  16.064  -8.790  1.00 64.43 ? 151 GLU A CG  1 
ATOM   1177 C CD  . GLU A 1 151 ? 16.372  15.798  -9.687  1.00 71.60 ? 151 GLU A CD  1 
ATOM   1178 O OE1 . GLU A 1 151 ? 17.381  15.234  -9.191  1.00 70.42 ? 151 GLU A OE1 1 
ATOM   1179 O OE2 . GLU A 1 151 ? 16.287  16.167  -10.881 1.00 75.83 ? 151 GLU A OE2 1 
ATOM   1180 N N   . GLY A 1 152 ? 10.961  14.750  -7.306  1.00 51.77 ? 152 GLY A N   1 
ATOM   1181 C CA  . GLY A 1 152 ? 9.717   14.006  -7.171  1.00 44.06 ? 152 GLY A CA  1 
ATOM   1182 C C   . GLY A 1 152 ? 9.931   12.508  -7.185  1.00 42.99 ? 152 GLY A C   1 
ATOM   1183 O O   . GLY A 1 152 ? 10.881  11.993  -7.765  1.00 42.06 ? 152 GLY A O   1 
ATOM   1184 N N   . GLU A 1 153 ? 9.012   11.793  -6.524  1.00 36.59 ? 153 GLU A N   1 
ATOM   1185 C CA  . GLU A 1 153 ? 9.015   10.335  -6.486  1.00 35.58 ? 153 GLU A CA  1 
ATOM   1186 C C   . GLU A 1 153 ? 7.575   9.835   -6.533  1.00 33.11 ? 153 GLU A C   1 
ATOM   1187 O O   . GLU A 1 153 ? 6.637   10.545  -6.163  1.00 31.91 ? 153 GLU A O   1 
ATOM   1188 C CB  . GLU A 1 153 ? 9.703   9.787   -5.214  1.00 31.72 ? 153 GLU A CB  1 
ATOM   1189 C CG  . GLU A 1 153 ? 11.125  10.307  -4.951  1.00 33.17 ? 153 GLU A CG  1 
ATOM   1190 C CD  . GLU A 1 153 ? 12.163  9.727   -5.899  1.00 41.07 ? 153 GLU A CD  1 
ATOM   1191 O OE1 . GLU A 1 153 ? 13.335  10.177  -5.857  1.00 45.17 ? 153 GLU A OE1 1 
ATOM   1192 O OE2 . GLU A 1 153 ? 11.824  8.824   -6.688  1.00 38.58 ? 153 GLU A OE2 1 
ATOM   1193 N N   . ILE A 1 154 ? 7.425   8.580   -6.968  1.00 35.40 ? 154 ILE A N   1 
ATOM   1194 C CA  . ILE A 1 154 ? 6.125   7.916   -6.958  1.00 27.53 ? 154 ILE A CA  1 
ATOM   1195 C C   . ILE A 1 154 ? 5.688   7.687   -5.519  1.00 29.82 ? 154 ILE A C   1 
ATOM   1196 O O   . ILE A 1 154 ? 6.460   7.180   -4.696  1.00 28.86 ? 154 ILE A O   1 
ATOM   1197 C CB  . ILE A 1 154 ? 6.216   6.594   -7.742  1.00 30.76 ? 154 ILE A CB  1 
ATOM   1198 C CG1 . ILE A 1 154 ? 6.365   6.879   -9.238  1.00 30.81 ? 154 ILE A CG1 1 
ATOM   1199 C CG2 . ILE A 1 154 ? 5.001   5.698   -7.475  1.00 28.66 ? 154 ILE A CG2 1 
ATOM   1200 C CD1 . ILE A 1 154 ? 6.794   5.677   -10.066 1.00 31.11 ? 154 ILE A CD1 1 
ATOM   1201 N N   . MET A 1 155 ? 4.453   8.077   -5.199  1.00 29.48 ? 155 MET A N   1 
ATOM   1202 C CA  . MET A 1 155 ? 3.882   7.848   -3.877  1.00 30.92 ? 155 MET A CA  1 
ATOM   1203 C C   . MET A 1 155 ? 2.657   6.948   -3.890  1.00 28.40 ? 155 MET A C   1 
ATOM   1204 O O   . MET A 1 155 ? 2.214   6.528   -2.820  1.00 30.33 ? 155 MET A O   1 
ATOM   1205 C CB  . MET A 1 155 ? 3.501   9.189   -3.235  1.00 34.18 ? 155 MET A CB  1 
ATOM   1206 C CG  . MET A 1 155 ? 4.679   10.101  -3.040  1.00 31.73 ? 155 MET A CG  1 
ATOM   1207 S SD  . MET A 1 155 ? 5.600   9.554   -1.609  1.00 33.78 ? 155 MET A SD  1 
ATOM   1208 C CE  . MET A 1 155 ? 7.245   9.413   -2.261  1.00 29.71 ? 155 MET A CE  1 
ATOM   1209 N N   . GLY A 1 156 ? 2.085   6.666   -5.057  1.00 29.02 ? 156 GLY A N   1 
ATOM   1210 C CA  . GLY A 1 156 ? 0.968   5.756   -5.167  1.00 28.88 ? 156 GLY A CA  1 
ATOM   1211 C C   . GLY A 1 156 ? 0.971   5.091   -6.527  1.00 29.44 ? 156 GLY A C   1 
ATOM   1212 O O   . GLY A 1 156 ? 1.231   5.750   -7.544  1.00 28.81 ? 156 GLY A O   1 
ATOM   1213 N N   . ILE A 1 157 ? 0.701   3.787   -6.562  1.00 23.82 ? 157 ILE A N   1 
ATOM   1214 C CA  . ILE A 1 157 ? 0.541   3.048   -7.809  1.00 25.84 ? 157 ILE A CA  1 
ATOM   1215 C C   . ILE A 1 157 ? -0.784  2.307   -7.748  1.00 26.90 ? 157 ILE A C   1 
ATOM   1216 O O   . ILE A 1 157 ? -1.328  2.050   -6.675  1.00 26.47 ? 157 ILE A O   1 
ATOM   1217 C CB  . ILE A 1 157 ? 1.691   2.050   -8.076  1.00 26.53 ? 157 ILE A CB  1 
ATOM   1218 C CG1 . ILE A 1 157 ? 1.876   1.108   -6.871  1.00 29.34 ? 157 ILE A CG1 1 
ATOM   1219 C CG2 . ILE A 1 157 ? 2.978   2.807   -8.401  1.00 26.85 ? 157 ILE A CG2 1 
ATOM   1220 C CD1 . ILE A 1 157 ? 3.053   0.135   -7.019  1.00 28.06 ? 157 ILE A CD1 1 
ATOM   1221 N N   . ARG A 1 158 ? -1.320  1.990   -8.922  1.00 27.84 ? 158 ARG A N   1 
ATOM   1222 C CA  . ARG A 1 158 ? -2.435  1.058   -8.971  1.00 28.50 ? 158 ARG A CA  1 
ATOM   1223 C C   . ARG A 1 158 ? -2.336  0.219   -10.235 1.00 28.32 ? 158 ARG A C   1 
ATOM   1224 O O   . ARG A 1 158 ? -1.783  0.652   -11.250 1.00 31.56 ? 158 ARG A O   1 
ATOM   1225 C CB  . ARG A 1 158 ? -3.778  1.787   -8.869  1.00 31.63 ? 158 ARG A CB  1 
ATOM   1226 C CG  . ARG A 1 158 ? -4.166  2.472   -10.118 1.00 38.25 ? 158 ARG A CG  1 
ATOM   1227 C CD  . ARG A 1 158 ? -5.663  2.676   -10.127 1.00 40.21 ? 158 ARG A CD  1 
ATOM   1228 N NE  . ARG A 1 158 ? -6.018  3.324   -11.367 1.00 44.20 ? 158 ARG A NE  1 
ATOM   1229 C CZ  . ARG A 1 158 ? -7.219  3.812   -11.631 1.00 51.29 ? 158 ARG A CZ  1 
ATOM   1230 N NH1 . ARG A 1 158 ? -8.193  3.734   -10.734 1.00 47.77 ? 158 ARG A NH1 1 
ATOM   1231 N NH2 . ARG A 1 158 ? -7.439  4.377   -12.802 1.00 45.78 ? 158 ARG A NH2 1 
ATOM   1232 N N   . HIS A 1 159 ? -2.820  -1.017  -10.136 1.00 30.82 ? 159 HIS A N   1 
ATOM   1233 C CA  . HIS A 1 159 ? -2.952  -1.877  -11.303 1.00 30.63 ? 159 HIS A CA  1 
ATOM   1234 C C   . HIS A 1 159 ? -4.032  -1.326  -12.231 1.00 30.89 ? 159 HIS A C   1 
ATOM   1235 O O   . HIS A 1 159 ? -5.088  -0.871  -11.786 1.00 30.20 ? 159 HIS A O   1 
ATOM   1236 C CB  . HIS A 1 159 ? -3.294  -3.304  -10.866 1.00 28.93 ? 159 HIS A CB  1 
ATOM   1237 C CG  . HIS A 1 159 ? -2.943  -4.343  -11.883 1.00 32.46 ? 159 HIS A CG  1 
ATOM   1238 N ND1 . HIS A 1 159 ? -3.725  -4.590  -12.992 1.00 34.42 ? 159 HIS A ND1 1 
ATOM   1239 C CD2 . HIS A 1 159 ? -1.885  -5.181  -11.973 1.00 32.02 ? 159 HIS A CD2 1 
ATOM   1240 C CE1 . HIS A 1 159 ? -3.169  -5.547  -13.711 1.00 35.69 ? 159 HIS A CE1 1 
ATOM   1241 N NE2 . HIS A 1 159 ? -2.053  -5.922  -13.118 1.00 34.85 ? 159 HIS A NE2 1 
ATOM   1242 N N   . LYS A 1 160 ? -3.764  -1.352  -13.532 1.00 32.21 ? 160 LYS A N   1 
ATOM   1243 C CA  . LYS A 1 160 ? -4.688  -0.693  -14.452 1.00 33.51 ? 160 LYS A CA  1 
ATOM   1244 C C   . LYS A 1 160 ? -6.013  -1.435  -14.575 1.00 36.27 ? 160 LYS A C   1 
ATOM   1245 O O   . LYS A 1 160 ? -7.041  -0.817  -14.872 1.00 34.88 ? 160 LYS A O   1 
ATOM   1246 C CB  . LYS A 1 160 ? -4.026  -0.543  -15.815 1.00 35.07 ? 160 LYS A CB  1 
ATOM   1247 C CG  . LYS A 1 160 ? -3.118  0.664   -15.919 1.00 33.30 ? 160 LYS A CG  1 
ATOM   1248 C CD  . LYS A 1 160 ? -2.442  0.680   -17.274 1.00 32.57 ? 160 LYS A CD  1 
ATOM   1249 C CE  . LYS A 1 160 ? -1.440  1.799   -17.394 1.00 35.21 ? 160 LYS A CE  1 
ATOM   1250 N NZ  . LYS A 1 160 ? -0.699  1.707   -18.685 1.00 40.51 ? 160 LYS A NZ  1 
ATOM   1251 N N   . THR A 1 161 ? -6.022  -2.746  -14.361 1.00 34.03 ? 161 THR A N   1 
ATOM   1252 C CA  . THR A 1 161 ? -7.252  -3.510  -14.507 1.00 36.27 ? 161 THR A CA  1 
ATOM   1253 C C   . THR A 1 161 ? -7.642  -4.324  -13.279 1.00 39.15 ? 161 THR A C   1 
ATOM   1254 O O   . THR A 1 161 ? -8.748  -4.875  -13.261 1.00 37.58 ? 161 THR A O   1 
ATOM   1255 C CB  . THR A 1 161 ? -7.150  -4.449  -15.719 1.00 37.18 ? 161 THR A CB  1 
ATOM   1256 O OG1 . THR A 1 161 ? -6.190  -5.468  -15.442 1.00 36.66 ? 161 THR A OG1 1 
ATOM   1257 C CG2 . THR A 1 161 ? -6.720  -3.683  -16.970 1.00 37.77 ? 161 THR A CG2 1 
ATOM   1258 N N   . LEU A 1 162 ? -6.791  -4.409  -12.247 1.00 33.35 ? 162 LEU A N   1 
ATOM   1259 C CA  . LEU A 1 162 ? -7.103  -5.199  -11.065 1.00 34.16 ? 162 LEU A CA  1 
ATOM   1260 C C   . LEU A 1 162 ? -7.114  -4.303  -9.829  1.00 32.73 ? 162 LEU A C   1 
ATOM   1261 O O   . LEU A 1 162 ? -6.414  -3.287  -9.799  1.00 29.94 ? 162 LEU A O   1 
ATOM   1262 C CB  . LEU A 1 162 ? -6.089  -6.338  -10.870 1.00 35.76 ? 162 LEU A CB  1 
ATOM   1263 C CG  . LEU A 1 162 ? -5.954  -7.339  -12.021 1.00 33.95 ? 162 LEU A CG  1 
ATOM   1264 C CD1 . LEU A 1 162 ? -4.767  -8.274  -11.782 1.00 36.45 ? 162 LEU A CD1 1 
ATOM   1265 C CD2 . LEU A 1 162 ? -7.263  -8.117  -12.215 1.00 32.72 ? 162 LEU A CD2 1 
ATOM   1266 N N   . PRO A 1 163 ? -7.924  -4.634  -8.805  1.00 30.76 ? 163 PRO A N   1 
ATOM   1267 C CA  . PRO A 1 163 ? -8.051  -3.804  -7.587  1.00 29.88 ? 163 PRO A CA  1 
ATOM   1268 C C   . PRO A 1 163 ? -6.865  -3.967  -6.643  1.00 27.01 ? 163 PRO A C   1 
ATOM   1269 O O   . PRO A 1 163 ? -6.970  -4.556  -5.555  1.00 26.90 ? 163 PRO A O   1 
ATOM   1270 C CB  . PRO A 1 163 ? -9.345  -4.333  -6.964  1.00 35.19 ? 163 PRO A CB  1 
ATOM   1271 C CG  . PRO A 1 163 ? -9.405  -5.748  -7.374  1.00 37.30 ? 163 PRO A CG  1 
ATOM   1272 C CD  . PRO A 1 163 ? -8.885  -5.760  -8.791  1.00 34.60 ? 163 PRO A CD  1 
ATOM   1273 N N   . ILE A 1 164 ? -5.718  -3.461  -7.081  1.00 28.88 ? 164 ILE A N   1 
ATOM   1274 C CA  . ILE A 1 164 ? -4.445  -3.581  -6.359  1.00 24.53 ? 164 ILE A CA  1 
ATOM   1275 C C   . ILE A 1 164 ? -3.806  -2.194  -6.341  1.00 27.03 ? 164 ILE A C   1 
ATOM   1276 O O   . ILE A 1 164 ? -3.582  -1.605  -7.402  1.00 28.33 ? 164 ILE A O   1 
ATOM   1277 C CB  . ILE A 1 164 ? -3.513  -4.606  -7.036  1.00 26.13 ? 164 ILE A CB  1 
ATOM   1278 C CG1 . ILE A 1 164 ? -4.233  -5.945  -7.211  1.00 27.17 ? 164 ILE A CG1 1 
ATOM   1279 C CG2 . ILE A 1 164 ? -2.205  -4.765  -6.279  1.00 24.97 ? 164 ILE A CG2 1 
ATOM   1280 C CD1 . ILE A 1 164 ? -3.514  -6.917  -8.104  1.00 27.93 ? 164 ILE A CD1 1 
ATOM   1281 N N   . GLU A 1 165 ? -3.552  -1.655  -5.142  1.00 28.95 ? 165 GLU A N   1 
ATOM   1282 C CA  . GLU A 1 165 ? -2.969  -0.326  -5.000  1.00 26.25 ? 165 GLU A CA  1 
ATOM   1283 C C   . GLU A 1 165 ? -1.872  -0.326  -3.943  1.00 26.81 ? 165 GLU A C   1 
ATOM   1284 O O   . GLU A 1 165 ? -2.001  -0.979  -2.903  1.00 25.48 ? 165 GLU A O   1 
ATOM   1285 C CB  . GLU A 1 165 ? -4.027  0.718   -4.632  1.00 28.38 ? 165 GLU A CB  1 
ATOM   1286 C CG  . GLU A 1 165 ? -5.259  0.629   -5.539  1.00 29.23 ? 165 GLU A CG  1 
ATOM   1287 C CD  . GLU A 1 165 ? -6.007  1.935   -5.695  1.00 34.03 ? 165 GLU A CD  1 
ATOM   1288 O OE1 . GLU A 1 165 ? -7.246  1.880   -5.865  1.00 37.73 ? 165 GLU A OE1 1 
ATOM   1289 O OE2 . GLU A 1 165 ? -5.372  3.004   -5.661  1.00 30.90 ? 165 GLU A OE2 1 
ATOM   1290 N N   . GLY A 1 166 ? -0.827  0.443   -4.201  1.00 27.37 ? 166 GLY A N   1 
ATOM   1291 C CA  . GLY A 1 166 ? 0.236   0.671   -3.226  1.00 26.60 ? 166 GLY A CA  1 
ATOM   1292 C C   . GLY A 1 166 ? 0.406   2.157   -2.972  1.00 24.90 ? 166 GLY A C   1 
ATOM   1293 O O   . GLY A 1 166 ? 0.281   2.971   -3.896  1.00 26.80 ? 166 GLY A O   1 
ATOM   1294 N N   . VAL A 1 167 ? 0.675   2.510   -1.716  1.00 24.23 ? 167 VAL A N   1 
ATOM   1295 C CA  . VAL A 1 167 ? 0.979   3.882   -1.335  1.00 25.70 ? 167 VAL A CA  1 
ATOM   1296 C C   . VAL A 1 167 ? 2.289   3.884   -0.565  1.00 27.34 ? 167 VAL A C   1 
ATOM   1297 O O   . VAL A 1 167 ? 2.534   3.008   0.273   1.00 25.18 ? 167 VAL A O   1 
ATOM   1298 C CB  . VAL A 1 167 ? -0.143  4.519   -0.498  1.00 27.29 ? 167 VAL A CB  1 
ATOM   1299 C CG1 . VAL A 1 167 ? -1.379  4.744   -1.379  1.00 26.06 ? 167 VAL A CG1 1 
ATOM   1300 C CG2 . VAL A 1 167 ? -0.458  3.651   0.726   1.00 27.13 ? 167 VAL A CG2 1 
ATOM   1301 N N   . GLN A 1 168 ? 3.116   4.878   -0.839  1.00 26.46 ? 168 GLN A N   1 
ATOM   1302 C CA  . GLN A 1 168 ? 4.487   4.921   -0.334  1.00 28.31 ? 168 GLN A CA  1 
ATOM   1303 C C   . GLN A 1 168 ? 4.623   5.581   1.035   1.00 33.01 ? 168 GLN A C   1 
ATOM   1304 O O   . GLN A 1 168 ? 5.661   5.414   1.687   1.00 30.53 ? 168 GLN A O   1 
ATOM   1305 C CB  . GLN A 1 168 ? 5.344   5.659   -1.379  1.00 28.47 ? 168 GLN A CB  1 
ATOM   1306 C CG  . GLN A 1 168 ? 6.818   5.821   -1.080  1.00 29.47 ? 168 GLN A CG  1 
ATOM   1307 C CD  . GLN A 1 168 ? 7.565   4.512   -1.029  1.00 26.95 ? 168 GLN A CD  1 
ATOM   1308 O OE1 . GLN A 1 168 ? 7.650   3.864   0.031   1.00 33.98 ? 168 GLN A OE1 1 
ATOM   1309 N NE2 . GLN A 1 168 ? 8.133   4.116   -2.151  1.00 24.38 ? 168 GLN A NE2 1 
ATOM   1310 N N   . PHE A 1 169 ? 3.615   6.318   1.496   1.00 30.38 ? 169 PHE A N   1 
ATOM   1311 C CA  . PHE A 1 169 ? 3.787   7.102   2.708   1.00 32.40 ? 169 PHE A CA  1 
ATOM   1312 C C   . PHE A 1 169 ? 3.648   6.220   3.957   1.00 34.15 ? 169 PHE A C   1 
ATOM   1313 O O   . PHE A 1 169 ? 3.215   5.067   3.891   1.00 31.39 ? 169 PHE A O   1 
ATOM   1314 C CB  . PHE A 1 169 ? 2.802   8.274   2.734   1.00 32.06 ? 169 PHE A CB  1 
ATOM   1315 C CG  . PHE A 1 169 ? 1.395   7.916   2.338   1.00 38.11 ? 169 PHE A CG  1 
ATOM   1316 C CD1 . PHE A 1 169 ? 0.877   8.315   1.113   1.00 41.62 ? 169 PHE A CD1 1 
ATOM   1317 C CD2 . PHE A 1 169 ? 0.577   7.221   3.203   1.00 36.68 ? 169 PHE A CD2 1 
ATOM   1318 C CE1 . PHE A 1 169 ? -0.439  8.004   0.757   1.00 32.81 ? 169 PHE A CE1 1 
ATOM   1319 C CE2 . PHE A 1 169 ? -0.736  6.902   2.852   1.00 37.91 ? 169 PHE A CE2 1 
ATOM   1320 C CZ  . PHE A 1 169 ? -1.238  7.303   1.633   1.00 34.93 ? 169 PHE A CZ  1 
ATOM   1321 N N   . HIS A 1 170 ? 4.054   6.780   5.101   1.00 30.69 ? 170 HIS A N   1 
ATOM   1322 C CA  . HIS A 1 170 ? 4.081   6.026   6.353   1.00 29.80 ? 170 HIS A CA  1 
ATOM   1323 C C   . HIS A 1 170 ? 2.666   5.611   6.752   1.00 32.61 ? 170 HIS A C   1 
ATOM   1324 O O   . HIS A 1 170 ? 1.728   6.409   6.636   1.00 33.87 ? 170 HIS A O   1 
ATOM   1325 C CB  . HIS A 1 170 ? 4.714   6.871   7.464   1.00 35.21 ? 170 HIS A CB  1 
ATOM   1326 C CG  . HIS A 1 170 ? 4.985   6.112   8.726   1.00 35.74 ? 170 HIS A CG  1 
ATOM   1327 N ND1 . HIS A 1 170 ? 3.980   5.695   9.574   1.00 38.04 ? 170 HIS A ND1 1 
ATOM   1328 C CD2 . HIS A 1 170 ? 6.146   5.698   9.285   1.00 40.27 ? 170 HIS A CD2 1 
ATOM   1329 C CE1 . HIS A 1 170 ? 4.510   5.050   10.600  1.00 41.86 ? 170 HIS A CE1 1 
ATOM   1330 N NE2 . HIS A 1 170 ? 5.824   5.040   10.450  1.00 42.17 ? 170 HIS A NE2 1 
ATOM   1331 N N   . PRO A 1 171 ? 2.472   4.372   7.219   1.00 30.51 ? 171 PRO A N   1 
ATOM   1332 C CA  . PRO A 1 171 ? 1.105   3.912   7.538   1.00 35.08 ? 171 PRO A CA  1 
ATOM   1333 C C   . PRO A 1 171 ? 0.350   4.805   8.504   1.00 32.76 ? 171 PRO A C   1 
ATOM   1334 O O   . PRO A 1 171 ? -0.886  4.808   8.483   1.00 32.84 ? 171 PRO A O   1 
ATOM   1335 C CB  . PRO A 1 171 ? 1.341   2.521   8.138   1.00 33.85 ? 171 PRO A CB  1 
ATOM   1336 C CG  . PRO A 1 171 ? 2.594   2.051   7.486   1.00 34.50 ? 171 PRO A CG  1 
ATOM   1337 C CD  . PRO A 1 171 ? 3.454   3.276   7.294   1.00 32.54 ? 171 PRO A CD  1 
ATOM   1338 N N   . GLU A 1 172 ? 1.040   5.568   9.352   1.00 36.38 ? 172 GLU A N   1 
ATOM   1339 C CA  . GLU A 1 172 ? 0.313   6.431   10.277  1.00 41.30 ? 172 GLU A CA  1 
ATOM   1340 C C   . GLU A 1 172 ? -0.468  7.510   9.539   1.00 41.45 ? 172 GLU A C   1 
ATOM   1341 O O   . GLU A 1 172 ? -1.409  8.074   10.105  1.00 40.86 ? 172 GLU A O   1 
ATOM   1342 C CB  . GLU A 1 172 ? 1.273   7.057   11.300  1.00 42.19 ? 172 GLU A CB  1 
ATOM   1343 C CG  . GLU A 1 172 ? 2.224   8.058   10.686  1.00 44.53 ? 172 GLU A CG  1 
ATOM   1344 C CD  . GLU A 1 172 ? 3.133   8.742   11.694  1.00 53.10 ? 172 GLU A CD  1 
ATOM   1345 O OE1 . GLU A 1 172 ? 2.719   9.788   12.238  1.00 58.10 ? 172 GLU A OE1 1 
ATOM   1346 O OE2 . GLU A 1 172 ? 4.259   8.244   11.931  1.00 56.17 ? 172 GLU A OE2 1 
ATOM   1347 N N   . SER A 1 173 ? -0.126  7.782   8.272   1.00 35.98 ? 173 SER A N   1 
ATOM   1348 C CA  . SER A 1 173 ? -0.889  8.735   7.481   1.00 38.13 ? 173 SER A CA  1 
ATOM   1349 C C   . SER A 1 173 ? -2.311  8.262   7.217   1.00 37.99 ? 173 SER A C   1 
ATOM   1350 O O   . SER A 1 173 ? -3.146  9.065   6.803   1.00 39.88 ? 173 SER A O   1 
ATOM   1351 C CB  . SER A 1 173 ? -0.216  8.985   6.129   1.00 38.41 ? 173 SER A CB  1 
ATOM   1352 O OG  . SER A 1 173 ? 1.195   9.089   6.236   1.00 39.00 ? 173 SER A OG  1 
ATOM   1353 N N   . ILE A 1 174 ? -2.586  6.969   7.397   1.00 35.99 ? 174 ILE A N   1 
ATOM   1354 C CA  . ILE A 1 174 ? -3.930  6.455   7.168   1.00 40.27 ? 174 ILE A CA  1 
ATOM   1355 C C   . ILE A 1 174 ? -4.876  6.911   8.267   1.00 40.01 ? 174 ILE A C   1 
ATOM   1356 O O   . ILE A 1 174 ? -6.098  6.920   8.079   1.00 42.76 ? 174 ILE A O   1 
ATOM   1357 C CB  . ILE A 1 174 ? -3.891  4.917   7.039   1.00 33.92 ? 174 ILE A CB  1 
ATOM   1358 C CG1 . ILE A 1 174 ? -3.092  4.506   5.801   1.00 36.43 ? 174 ILE A CG1 1 
ATOM   1359 C CG2 . ILE A 1 174 ? -5.301  4.318   6.931   1.00 38.58 ? 174 ILE A CG2 1 
ATOM   1360 C CD1 . ILE A 1 174 ? -2.744  3.043   5.794   1.00 39.60 ? 174 ILE A CD1 1 
ATOM   1361 N N   . LEU A 1 175 ? -4.345  7.324   9.404   1.00 42.21 ? 175 LEU A N   1 
ATOM   1362 C CA  . LEU A 1 175 ? -5.179  7.663   10.544  1.00 44.77 ? 175 LEU A CA  1 
ATOM   1363 C C   . LEU A 1 175 ? -5.542  9.134   10.595  1.00 47.02 ? 175 LEU A C   1 
ATOM   1364 O O   . LEU A 1 175 ? -6.309  9.530   11.474  1.00 49.71 ? 175 LEU A O   1 
ATOM   1365 C CB  . LEU A 1 175 ? -4.489  7.263   11.840  1.00 44.23 ? 175 LEU A CB  1 
ATOM   1366 C CG  . LEU A 1 175 ? -3.831  5.895   11.762  1.00 47.45 ? 175 LEU A CG  1 
ATOM   1367 C CD1 . LEU A 1 175 ? -2.668  5.832   12.743  1.00 45.77 ? 175 LEU A CD1 1 
ATOM   1368 C CD2 . LEU A 1 175 ? -4.845  4.799   12.018  1.00 43.69 ? 175 LEU A CD2 1 
ATOM   1369 N N   . THR A 1 176 ? -5.017  9.949   9.687   1.00 44.28 ? 176 THR A N   1 
ATOM   1370 C CA  . THR A 1 176 ? -5.540  11.294  9.559   1.00 45.05 ? 176 THR A CA  1 
ATOM   1371 C C   . THR A 1 176 ? -6.960  11.239  9.000   1.00 45.37 ? 176 THR A C   1 
ATOM   1372 O O   . THR A 1 176 ? -7.465  10.179  8.607   1.00 46.32 ? 176 THR A O   1 
ATOM   1373 C CB  . THR A 1 176 ? -4.624  12.139  8.674   1.00 43.12 ? 176 THR A CB  1 
ATOM   1374 O OG1 . THR A 1 176 ? -4.672  11.655  7.322   1.00 39.00 ? 176 THR A OG1 1 
ATOM   1375 C CG2 . THR A 1 176 ? -3.181  12.066  9.193   1.00 40.91 ? 176 THR A CG2 1 
ATOM   1376 N N   . GLU A 1 177 ? -7.617  12.400  8.979   1.00 50.03 ? 177 GLU A N   1 
ATOM   1377 C CA  . GLU A 1 177 ? -8.985  12.447  8.471   1.00 48.04 ? 177 GLU A CA  1 
ATOM   1378 C C   . GLU A 1 177 ? -9.034  12.177  6.974   1.00 45.13 ? 177 GLU A C   1 
ATOM   1379 O O   . GLU A 1 177 ? -9.942  11.500  6.488   1.00 42.93 ? 177 GLU A O   1 
ATOM   1380 C CB  . GLU A 1 177 ? -9.615  13.805  8.805   1.00 52.23 ? 177 GLU A CB  1 
ATOM   1381 C CG  . GLU A 1 177 ? -9.909  14.018  10.291  1.00 57.59 ? 177 GLU A CG  1 
ATOM   1382 C CD  . GLU A 1 177 ? -8.659  14.290  11.130  1.00 65.38 ? 177 GLU A CD  1 
ATOM   1383 O OE1 . GLU A 1 177 ? -8.818  14.576  12.336  1.00 71.25 ? 177 GLU A OE1 1 
ATOM   1384 O OE2 . GLU A 1 177 ? -7.523  14.224  10.588  1.00 63.77 ? 177 GLU A OE2 1 
ATOM   1385 N N   . GLN A 1 178 ? -8.065  12.691  6.228   1.00 45.61 ? 178 GLN A N   1 
ATOM   1386 C CA  . GLN A 1 178 ? -7.998  12.368  4.813   1.00 44.98 ? 178 GLN A CA  1 
ATOM   1387 C C   . GLN A 1 178 ? -7.479  10.952  4.593   1.00 39.56 ? 178 GLN A C   1 
ATOM   1388 O O   . GLN A 1 178 ? -7.896  10.280  3.641   1.00 40.22 ? 178 GLN A O   1 
ATOM   1389 C CB  . GLN A 1 178 ? -7.131  13.399  4.077   1.00 43.56 ? 178 GLN A CB  1 
ATOM   1390 C CG  . GLN A 1 178 ? -7.888  14.697  3.793   1.00 45.71 ? 178 GLN A CG  1 
ATOM   1391 C CD  . GLN A 1 178 ? -8.910  14.540  2.687   1.00 46.52 ? 178 GLN A CD  1 
ATOM   1392 O OE1 . GLN A 1 178 ? -8.562  14.381  1.513   1.00 47.75 ? 178 GLN A OE1 1 
ATOM   1393 N NE2 . GLN A 1 178 ? -10.185 14.584  3.054   1.00 48.28 ? 178 GLN A NE2 1 
ATOM   1394 N N   . GLY A 1 179 ? -6.596  10.478  5.472   1.00 42.60 ? 179 GLY A N   1 
ATOM   1395 C CA  . GLY A 1 179 ? -6.219  9.076   5.439   1.00 38.97 ? 179 GLY A CA  1 
ATOM   1396 C C   . GLY A 1 179 ? -7.405  8.158   5.657   1.00 41.41 ? 179 GLY A C   1 
ATOM   1397 O O   . GLY A 1 179 ? -7.499  7.095   5.037   1.00 38.89 ? 179 GLY A O   1 
ATOM   1398 N N   . HIS A 1 180 ? -8.329  8.556   6.539   1.00 40.95 ? 180 HIS A N   1 
ATOM   1399 C CA  . HIS A 1 180 ? -9.554  7.782   6.730   1.00 43.05 ? 180 HIS A CA  1 
ATOM   1400 C C   . HIS A 1 180 ? -10.304 7.613   5.419   1.00 39.76 ? 180 HIS A C   1 
ATOM   1401 O O   . HIS A 1 180 ? -10.828 6.531   5.129   1.00 41.58 ? 180 HIS A O   1 
ATOM   1402 C CB  . HIS A 1 180 ? -10.459 8.462   7.759   1.00 42.42 ? 180 HIS A CB  1 
ATOM   1403 C CG  . HIS A 1 180 ? -10.033 8.269   9.182   1.00 44.30 ? 180 HIS A CG  1 
ATOM   1404 N ND1 . HIS A 1 180 ? -10.747 8.784   10.243  1.00 45.78 ? 180 HIS A ND1 1 
ATOM   1405 C CD2 . HIS A 1 180 ? -8.974  7.622   9.723   1.00 43.71 ? 180 HIS A CD2 1 
ATOM   1406 C CE1 . HIS A 1 180 ? -10.147 8.466   11.375  1.00 47.25 ? 180 HIS A CE1 1 
ATOM   1407 N NE2 . HIS A 1 180 ? -9.068  7.760   11.089  1.00 49.28 ? 180 HIS A NE2 1 
ATOM   1408 N N   . GLU A 1 181 ? -10.371 8.681   4.615   1.00 40.19 ? 181 GLU A N   1 
ATOM   1409 C CA  . GLU A 1 181 ? -11.080 8.627   3.338   1.00 39.41 ? 181 GLU A CA  1 
ATOM   1410 C C   . GLU A 1 181 ? -10.360 7.737   2.338   1.00 40.63 ? 181 GLU A C   1 
ATOM   1411 O O   . GLU A 1 181 ? -11.007 7.031   1.554   1.00 38.43 ? 181 GLU A O   1 
ATOM   1412 C CB  . GLU A 1 181 ? -11.237 10.036  2.766   1.00 42.32 ? 181 GLU A CB  1 
ATOM   1413 C CG  . GLU A 1 181 ? -12.000 10.970  3.682   1.00 44.73 ? 181 GLU A CG  1 
ATOM   1414 C CD  . GLU A 1 181 ? -13.382 10.441  3.979   1.00 47.14 ? 181 GLU A CD  1 
ATOM   1415 O OE1 . GLU A 1 181 ? -14.136 10.221  3.012   1.00 48.13 ? 181 GLU A OE1 1 
ATOM   1416 O OE2 . GLU A 1 181 ? -13.702 10.233  5.172   1.00 47.49 ? 181 GLU A OE2 1 
ATOM   1417 N N   . LEU A 1 182 ? -9.021  7.784   2.332   1.00 39.01 ? 182 LEU A N   1 
ATOM   1418 C CA  . LEU A 1 182 ? -8.241  6.918   1.457   1.00 34.73 ? 182 LEU A CA  1 
ATOM   1419 C C   . LEU A 1 182 ? -8.561  5.450   1.715   1.00 35.91 ? 182 LEU A C   1 
ATOM   1420 O O   . LEU A 1 182 ? -8.776  4.679   0.773   1.00 36.63 ? 182 LEU A O   1 
ATOM   1421 C CB  . LEU A 1 182 ? -6.742  7.194   1.648   1.00 37.53 ? 182 LEU A CB  1 
ATOM   1422 C CG  . LEU A 1 182 ? -5.795  6.514   0.652   1.00 35.44 ? 182 LEU A CG  1 
ATOM   1423 C CD1 . LEU A 1 182 ? -4.570  7.374   0.395   1.00 37.18 ? 182 LEU A CD1 1 
ATOM   1424 C CD2 . LEU A 1 182 ? -5.358  5.141   1.137   1.00 38.05 ? 182 LEU A CD2 1 
ATOM   1425 N N   . LEU A 1 183 ? -8.605  5.053   2.991   1.00 36.66 ? 183 LEU A N   1 
ATOM   1426 C CA  . LEU A 1 183 ? -8.856  3.659   3.337   1.00 34.00 ? 183 LEU A CA  1 
ATOM   1427 C C   . LEU A 1 183 ? -10.282 3.257   2.985   1.00 39.53 ? 183 LEU A C   1 
ATOM   1428 O O   . LEU A 1 183 ? -10.513 2.164   2.449   1.00 37.15 ? 183 LEU A O   1 
ATOM   1429 C CB  . LEU A 1 183 ? -8.583  3.434   4.823   1.00 37.73 ? 183 LEU A CB  1 
ATOM   1430 C CG  . LEU A 1 183 ? -8.773  2.013   5.344   1.00 39.71 ? 183 LEU A CG  1 
ATOM   1431 C CD1 . LEU A 1 183 ? -7.832  1.053   4.641   1.00 37.15 ? 183 LEU A CD1 1 
ATOM   1432 C CD2 . LEU A 1 183 ? -8.579  1.953   6.870   1.00 38.32 ? 183 LEU A CD2 1 
ATOM   1433 N N   . LYS A 1 184 ? -11.249 4.127   3.294   1.00 39.94 ? 184 LYS A N   1 
ATOM   1434 C CA  . LYS A 1 184 ? -12.629 3.906   2.875   1.00 40.89 ? 184 LYS A CA  1 
ATOM   1435 C C   . LYS A 1 184 ? -12.717 3.617   1.385   1.00 40.20 ? 184 LYS A C   1 
ATOM   1436 O O   . LYS A 1 184 ? -13.443 2.709   0.959   1.00 39.21 ? 184 LYS A O   1 
ATOM   1437 C CB  . LYS A 1 184 ? -13.474 5.128   3.224   1.00 41.75 ? 184 LYS A CB  1 
ATOM   1438 C CG  . LYS A 1 184 ? -13.811 5.277   4.697   1.00 44.31 ? 184 LYS A CG  1 
ATOM   1439 C CD  . LYS A 1 184 ? -14.537 6.606   4.895   1.00 48.13 ? 184 LYS A CD  1 
ATOM   1440 C CE  . LYS A 1 184 ? -14.765 6.915   6.350   1.00 50.22 ? 184 LYS A CE  1 
ATOM   1441 N NZ  . LYS A 1 184 ? -15.129 8.354   6.543   1.00 52.83 ? 184 LYS A NZ  1 
ATOM   1442 N N   . ASN A 1 185 ? -12.000 4.393   0.576   1.00 37.49 ? 185 ASN A N   1 
ATOM   1443 C CA  . ASN A 1 185 ? -11.967 4.152   -0.863  1.00 36.44 ? 185 ASN A CA  1 
ATOM   1444 C C   . ASN A 1 185 ? -11.513 2.735   -1.176  1.00 41.47 ? 185 ASN A C   1 
ATOM   1445 O O   . ASN A 1 185 ? -12.066 2.076   -2.070  1.00 37.00 ? 185 ASN A O   1 
ATOM   1446 C CB  . ASN A 1 185 ? -11.032 5.152   -1.540  1.00 39.61 ? 185 ASN A CB  1 
ATOM   1447 C CG  . ASN A 1 185 ? -11.706 6.472   -1.845  1.00 43.38 ? 185 ASN A CG  1 
ATOM   1448 O OD1 . ASN A 1 185 ? -12.917 6.616   -1.689  1.00 43.15 ? 185 ASN A OD1 1 
ATOM   1449 N ND2 . ASN A 1 185 ? -10.921 7.445   -2.271  1.00 39.00 ? 185 ASN A ND2 1 
ATOM   1450 N N   . PHE A 1 186 ? -10.485 2.254   -0.467  1.00 35.83 ? 186 PHE A N   1 
ATOM   1451 C CA  . PHE A 1 186 ? -9.991  0.913   -0.748  1.00 36.37 ? 186 PHE A CA  1 
ATOM   1452 C C   . PHE A 1 186 ? -11.058 -0.129  -0.441  1.00 35.23 ? 186 PHE A C   1 
ATOM   1453 O O   . PHE A 1 186 ? -11.272 -1.064  -1.223  1.00 36.78 ? 186 PHE A O   1 
ATOM   1454 C CB  . PHE A 1 186 ? -8.720  0.627   0.059   1.00 29.53 ? 186 PHE A CB  1 
ATOM   1455 C CG  . PHE A 1 186 ? -8.368  -0.820  0.096   1.00 30.38 ? 186 PHE A CG  1 
ATOM   1456 C CD1 . PHE A 1 186 ? -8.399  -1.528  1.288   1.00 32.28 ? 186 PHE A CD1 1 
ATOM   1457 C CD2 . PHE A 1 186 ? -8.036  -1.489  -1.073  1.00 32.91 ? 186 PHE A CD2 1 
ATOM   1458 C CE1 . PHE A 1 186 ? -8.105  -2.873  1.298   1.00 33.79 ? 186 PHE A CE1 1 
ATOM   1459 C CE2 . PHE A 1 186 ? -7.742  -2.842  -1.055  1.00 28.93 ? 186 PHE A CE2 1 
ATOM   1460 C CZ  . PHE A 1 186 ? -7.774  -3.520  0.121   1.00 27.10 ? 186 PHE A CZ  1 
ATOM   1461 N N   . LEU A 1 187 ? -11.742 0.028   0.689   1.00 32.80 ? 187 LEU A N   1 
ATOM   1462 C CA  . LEU A 1 187 ? -12.698 -0.973  1.124   1.00 34.10 ? 187 LEU A CA  1 
ATOM   1463 C C   . LEU A 1 187 ? -13.900 -1.068  0.186   1.00 36.67 ? 187 LEU A C   1 
ATOM   1464 O O   . LEU A 1 187 ? -14.579 -2.099  0.188   1.00 36.41 ? 187 LEU A O   1 
ATOM   1465 C CB  . LEU A 1 187 ? -13.130 -0.674  2.560   1.00 38.58 ? 187 LEU A CB  1 
ATOM   1466 C CG  . LEU A 1 187 ? -11.980 -0.759  3.559   1.00 39.25 ? 187 LEU A CG  1 
ATOM   1467 C CD1 . LEU A 1 187 ? -12.393 -0.259  4.922   1.00 42.36 ? 187 LEU A CD1 1 
ATOM   1468 C CD2 . LEU A 1 187 ? -11.448 -2.186  3.644   1.00 39.29 ? 187 LEU A CD2 1 
ATOM   1469 N N   . LYS A 1 188 ? -14.138 -0.043  -0.649  1.00 36.78 ? 188 LYS A N   1 
ATOM   1470 C CA  . LYS A 1 188 ? -15.212 -0.120  -1.644  1.00 40.66 ? 188 LYS A CA  1 
ATOM   1471 C C   . LYS A 1 188 ? -14.882 -1.114  -2.747  1.00 43.11 ? 188 LYS A C   1 
ATOM   1472 O O   . LYS A 1 188 ? -15.789 -1.697  -3.349  1.00 42.36 ? 188 LYS A O   1 
ATOM   1473 C CB  . LYS A 1 188 ? -15.462 1.247   -2.295  1.00 43.92 ? 188 LYS A CB  1 
ATOM   1474 C CG  . LYS A 1 188 ? -15.990 2.370   -1.419  1.00 45.27 ? 188 LYS A CG  1 
ATOM   1475 C CD  . LYS A 1 188 ? -16.193 3.617   -2.292  1.00 46.46 ? 188 LYS A CD  1 
ATOM   1476 C CE  . LYS A 1 188 ? -15.758 4.904   -1.611  1.00 44.99 ? 188 LYS A CE  1 
ATOM   1477 N NZ  . LYS A 1 188 ? -16.463 5.117   -0.325  1.00 50.71 ? 188 LYS A NZ  1 
ATOM   1478 N N   . GLU A 1 189 ? -13.597 -1.301  -3.043  1.00 40.40 ? 189 GLU A N   1 
ATOM   1479 C CA  . GLU A 1 189 ? -13.211 -2.053  -4.227  1.00 39.08 ? 189 GLU A CA  1 
ATOM   1480 C C   . GLU A 1 189 ? -13.607 -3.524  -4.090  1.00 41.73 ? 189 GLU A C   1 
ATOM   1481 O O   . GLU A 1 189 ? -13.526 -4.114  -3.007  1.00 39.89 ? 189 GLU A O   1 
ATOM   1482 C CB  . GLU A 1 189 ? -11.705 -1.898  -4.475  1.00 43.34 ? 189 GLU A CB  1 
ATOM   1483 C CG  . GLU A 1 189 ? -11.349 -0.622  -5.274  1.00 45.85 ? 189 GLU A CG  1 
ATOM   1484 C CD  . GLU A 1 189 ? -9.868  -0.246  -5.207  1.00 47.59 ? 189 GLU A CD  1 
ATOM   1485 O OE1 . GLU A 1 189 ? -9.020  -1.092  -5.564  1.00 50.51 ? 189 GLU A OE1 1 
ATOM   1486 O OE2 . GLU A 1 189 ? -9.547  0.904   -4.817  1.00 45.64 ? 189 GLU A OE2 1 
ATOM   1487 N N   . LEU A 1 190 ? -14.073 -4.101  -5.196  1.00 40.50 ? 190 LEU A N   1 
ATOM   1488 C CA  . LEU A 1 190 ? -14.436 -5.510  -5.281  1.00 41.19 ? 190 LEU A CA  1 
ATOM   1489 C C   . LEU A 1 190 ? -13.701 -6.128  -6.464  1.00 43.63 ? 190 LEU A C   1 
ATOM   1490 O O   . LEU A 1 190 ? -13.421 -5.450  -7.462  1.00 46.15 ? 190 LEU A O   1 
ATOM   1491 C CB  . LEU A 1 190 ? -15.972 -5.697  -5.461  1.00 44.47 ? 190 LEU A CB  1 
ATOM   1492 C CG  . LEU A 1 190 ? -16.886 -4.955  -4.481  1.00 42.33 ? 190 LEU A CG  1 
ATOM   1493 C CD1 . LEU A 1 190 ? -18.304 -4.773  -5.034  1.00 47.54 ? 190 LEU A CD1 1 
ATOM   1494 C CD2 . LEU A 1 190 ? -16.919 -5.693  -3.146  1.00 46.61 ? 190 LEU A CD2 1 
ATOM   1495 N N   . GLU A 1 191 ? -13.391 -7.417  -6.356  1.00 40.52 ? 191 GLU A N   1 
ATOM   1496 C CA  . GLU A 1 191 ? -12.750 -8.103  -7.473  1.00 43.67 ? 191 GLU A CA  1 
ATOM   1497 C C   . GLU A 1 191 ? -13.770 -8.352  -8.578  1.00 49.46 ? 191 GLU A C   1 
ATOM   1498 O O   . GLU A 1 191 ? -14.934 -8.638  -8.300  1.00 47.11 ? 191 GLU A O   1 
ATOM   1499 C CB  . GLU A 1 191 ? -12.137 -9.427  -7.012  1.00 42.12 ? 191 GLU A CB  1 
ATOM   1500 N N   . HIS A 1 192 ? -13.331 -8.228  -9.834  1.00 50.78 ? 192 HIS A N   1 
ATOM   1501 C CA  . HIS A 1 192 ? -14.203 -8.506  -10.973 1.00 53.79 ? 192 HIS A CA  1 
ATOM   1502 C C   . HIS A 1 192 ? -14.423 -10.014 -11.119 1.00 55.94 ? 192 HIS A C   1 
ATOM   1503 O O   . HIS A 1 192 ? -13.839 -10.831 -10.403 1.00 56.58 ? 192 HIS A O   1 
ATOM   1504 C CB  . HIS A 1 192 ? -13.614 -7.937  -12.261 1.00 56.72 ? 192 HIS A CB  1 
ATOM   1505 C CG  . HIS A 1 192 ? -13.872 -6.475  -12.460 1.00 54.63 ? 192 HIS A CG  1 
ATOM   1506 N ND1 . HIS A 1 192 ? -14.599 -5.714  -11.568 1.00 54.68 ? 192 HIS A ND1 1 
ATOM   1507 C CD2 . HIS A 1 192 ? -13.496 -5.632  -13.452 1.00 53.56 ? 192 HIS A CD2 1 
ATOM   1508 C CE1 . HIS A 1 192 ? -14.656 -4.466  -11.999 1.00 56.44 ? 192 HIS A CE1 1 
ATOM   1509 N NE2 . HIS A 1 192 ? -13.997 -4.391  -13.143 1.00 57.56 ? 192 HIS A NE2 1 
ATOM   1510 N N   . HIS A 1 193 ? -15.275 -10.386 -12.073 1.00 59.55 ? 193 HIS A N   1 
ATOM   1511 C CA  . HIS A 1 193 ? -15.583 -11.795 -12.330 1.00 57.82 ? 193 HIS A CA  1 
ATOM   1512 C C   . HIS A 1 193 ? -15.057 -12.247 -13.690 1.00 59.58 ? 193 HIS A C   1 
ATOM   1513 O O   . HIS A 1 193 ? -14.338 -11.517 -14.372 1.00 62.82 ? 193 HIS A O   1 
ATOM   1514 C CB  . HIS A 1 193 ? -17.093 -12.042 -12.249 1.00 57.40 ? 193 HIS A CB  1 
ATOM   1515 C CG  . HIS A 1 193 ? -17.668 -11.878 -10.874 1.00 57.63 ? 193 HIS A CG  1 
ATOM   1516 N ND1 . HIS A 1 193 ? -18.226 -12.923 -10.169 1.00 61.14 ? 193 HIS A ND1 1 
ATOM   1517 C CD2 . HIS A 1 193 ? -17.789 -10.785 -10.082 1.00 57.33 ? 193 HIS A CD2 1 
ATOM   1518 C CE1 . HIS A 1 193 ? -18.664 -12.482 -9.002  1.00 60.02 ? 193 HIS A CE1 1 
ATOM   1519 N NE2 . HIS A 1 193 ? -18.413 -11.188 -8.925  1.00 60.67 ? 193 HIS A NE2 1 
HETATM 1520 O O   . HOH B 2 .   ? 6.224   8.967   11.855  1.00 53.24 ? 201 HOH A O   1 
HETATM 1521 O O   . HOH B 2 .   ? -3.236  14.142  5.837   1.00 49.74 ? 202 HOH A O   1 
HETATM 1522 O O   . HOH B 2 .   ? -2.734  -14.421 -9.795  1.00 47.45 ? 203 HOH A O   1 
HETATM 1523 O O   . HOH B 2 .   ? -2.925  5.699   -17.145 1.00 47.95 ? 204 HOH A O   1 
HETATM 1524 O O   . HOH B 2 .   ? 13.798  8.324   -8.577  1.00 42.37 ? 205 HOH A O   1 
HETATM 1525 O O   . HOH B 2 .   ? -11.492 -10.335 -9.957  1.00 58.50 ? 206 HOH A O   1 
HETATM 1526 O O   . HOH B 2 .   ? -14.092 -6.680  4.510   1.00 47.28 ? 207 HOH A O   1 
HETATM 1527 O O   . HOH B 2 .   ? 1.021   -19.862 11.991  1.00 46.99 ? 208 HOH A O   1 
HETATM 1528 O O   . HOH B 2 .   ? -11.789 -14.322 -0.444  1.00 44.50 ? 209 HOH A O   1 
HETATM 1529 O O   . HOH B 2 .   ? 9.477   1.411   -0.621  1.00 31.48 ? 210 HOH A O   1 
HETATM 1530 O O   . HOH B 2 .   ? 7.593   4.597   -4.587  1.00 29.21 ? 211 HOH A O   1 
HETATM 1531 O O   . HOH B 2 .   ? 21.513  10.732  -1.892  1.00 48.52 ? 212 HOH A O   1 
HETATM 1532 O O   . HOH B 2 .   ? -0.414  1.391   16.327  1.00 50.51 ? 213 HOH A O   1 
HETATM 1533 O O   . HOH B 2 .   ? 5.212   -10.272 7.146   1.00 41.79 ? 214 HOH A O   1 
HETATM 1534 O O   . HOH B 2 .   ? 10.837  -3.484  -15.112 1.00 46.52 ? 215 HOH A O   1 
HETATM 1535 O O   . HOH B 2 .   ? 9.912   -14.135 11.110  1.00 51.55 ? 216 HOH A O   1 
HETATM 1536 O O   . HOH B 2 .   ? 8.575   -10.220 13.330  1.00 41.73 ? 217 HOH A O   1 
HETATM 1537 O O   . HOH B 2 .   ? -16.574 10.151  3.895   1.00 51.62 ? 218 HOH A O   1 
HETATM 1538 O O   . HOH B 2 .   ? 9.789   6.996   1.475   1.00 32.85 ? 219 HOH A O   1 
HETATM 1539 O O   . HOH B 2 .   ? -10.015 -11.079 14.428  1.00 44.46 ? 220 HOH A O   1 
HETATM 1540 O O   . HOH B 2 .   ? 7.183   0.197   0.018   1.00 31.48 ? 221 HOH A O   1 
HETATM 1541 O O   . HOH B 2 .   ? -6.280  18.168  3.756   1.00 55.27 ? 222 HOH A O   1 
HETATM 1542 O O   . HOH B 2 .   ? 3.938   2.822   2.500   1.00 30.53 ? 223 HOH A O   1 
HETATM 1543 O O   . HOH B 2 .   ? -16.271 -6.469  -8.994  1.00 58.35 ? 224 HOH A O   1 
HETATM 1544 O O   . HOH B 2 .   ? 2.183   -15.863 3.839   1.00 49.21 ? 225 HOH A O   1 
HETATM 1545 O O   . HOH B 2 .   ? 3.256   -4.614  -21.934 1.00 46.27 ? 226 HOH A O   1 
HETATM 1546 O O   . HOH B 2 .   ? 14.286  12.693  7.172   1.00 36.63 ? 227 HOH A O   1 
HETATM 1547 O O   . HOH B 2 .   ? 2.684   2.586   -16.921 1.00 39.67 ? 228 HOH A O   1 
HETATM 1548 O O   . HOH B 2 .   ? 4.845   1.579   -18.674 1.00 36.00 ? 229 HOH A O   1 
HETATM 1549 O O   . HOH B 2 .   ? -12.163 -14.032 -6.103  1.00 45.40 ? 230 HOH A O   1 
HETATM 1550 O O   . HOH B 2 .   ? -6.837  -8.353  -6.873  1.00 36.10 ? 231 HOH A O   1 
HETATM 1551 O O   . HOH B 2 .   ? 1.059   -2.433  16.797  1.00 42.58 ? 232 HOH A O   1 
HETATM 1552 O O   . HOH B 2 .   ? 9.948   7.242   -7.768  1.00 35.67 ? 233 HOH A O   1 
HETATM 1553 O O   . HOH B 2 .   ? 0.933   -22.061 8.370   1.00 49.00 ? 234 HOH A O   1 
HETATM 1554 O O   . HOH B 2 .   ? -0.300  -22.600 0.567   1.00 43.62 ? 235 HOH A O   1 
HETATM 1555 O O   . HOH B 2 .   ? 9.432   -13.023 -10.143 1.00 52.77 ? 236 HOH A O   1 
HETATM 1556 O O   . HOH B 2 .   ? 16.149  5.867   -1.429  1.00 38.00 ? 237 HOH A O   1 
HETATM 1557 O O   . HOH B 2 .   ? -5.803  14.821  1.045   1.00 50.49 ? 238 HOH A O   1 
HETATM 1558 O O   . HOH B 2 .   ? -14.452 7.583   9.360   1.00 51.76 ? 239 HOH A O   1 
HETATM 1559 O O   . HOH B 2 .   ? -2.818  4.101   -5.524  1.00 32.72 ? 240 HOH A O   1 
HETATM 1560 O O   . HOH B 2 .   ? -6.348  14.639  7.075   1.00 51.46 ? 241 HOH A O   1 
HETATM 1561 O O   . HOH B 2 .   ? 12.693  0.295   1.018   1.00 32.32 ? 242 HOH A O   1 
HETATM 1562 O O   . HOH B 2 .   ? -14.911 -7.254  8.111   1.00 47.05 ? 243 HOH A O   1 
HETATM 1563 O O   . HOH B 2 .   ? 6.753   -10.727 -11.175 1.00 47.65 ? 244 HOH A O   1 
HETATM 1564 O O   . HOH B 2 .   ? 7.675   -12.877 1.928   1.00 42.05 ? 245 HOH A O   1 
HETATM 1565 O O   . HOH B 2 .   ? 9.521   17.086  5.748   1.00 43.99 ? 246 HOH A O   1 
HETATM 1566 O O   . HOH B 2 .   ? -14.020 -8.203  -1.825  1.00 43.35 ? 247 HOH A O   1 
HETATM 1567 O O   . HOH B 2 .   ? 2.307   -17.230 -6.139  1.00 43.42 ? 248 HOH A O   1 
HETATM 1568 O O   . HOH B 2 .   ? 3.086   -20.725 7.308   1.00 41.65 ? 249 HOH A O   1 
HETATM 1569 O O   . HOH B 2 .   ? -1.849  9.406   12.484  1.00 51.58 ? 250 HOH A O   1 
HETATM 1570 O O   . HOH B 2 .   ? 11.716  9.445   -1.127  1.00 42.54 ? 251 HOH A O   1 
HETATM 1571 O O   . HOH B 2 .   ? 1.392   6.174   -14.859 1.00 37.43 ? 252 HOH A O   1 
HETATM 1572 O O   . HOH B 2 .   ? 8.201   -6.167  16.316  1.00 45.00 ? 253 HOH A O   1 
HETATM 1573 O O   . HOH B 2 .   ? -0.506  23.008  -2.653  1.00 56.27 ? 254 HOH A O   1 
HETATM 1574 O O   . HOH B 2 .   ? 9.842   0.258   -12.261 1.00 36.47 ? 255 HOH A O   1 
HETATM 1575 O O   . HOH B 2 .   ? -0.521  -2.682  9.938   1.00 34.42 ? 256 HOH A O   1 
HETATM 1576 O O   . HOH B 2 .   ? -16.074 -12.818 4.549   1.00 49.87 ? 257 HOH A O   1 
HETATM 1577 O O   . HOH B 2 .   ? -7.622  7.621   13.488  1.00 53.76 ? 258 HOH A O   1 
HETATM 1578 O O   . HOH B 2 .   ? 2.407   17.847  -10.569 1.00 56.37 ? 259 HOH A O   1 
HETATM 1579 O O   . HOH B 2 .   ? -11.406 -4.604  13.804  1.00 51.08 ? 260 HOH A O   1 
HETATM 1580 O O   . HOH B 2 .   ? 8.515   -4.782  12.236  1.00 35.73 ? 261 HOH A O   1 
HETATM 1581 O O   . HOH B 2 .   ? -12.491 -11.084 -3.202  1.00 41.98 ? 262 HOH A O   1 
HETATM 1582 O O   . HOH B 2 .   ? 7.565   7.140   2.887   1.00 34.97 ? 263 HOH A O   1 
HETATM 1583 O O   . HOH B 2 .   ? -13.529 10.374  -1.317  1.00 48.06 ? 264 HOH A O   1 
HETATM 1584 O O   . HOH B 2 .   ? 1.686   1.331   -21.282 1.00 43.37 ? 265 HOH A O   1 
HETATM 1585 O O   . HOH B 2 .   ? -7.416  -0.449  -10.166 1.00 46.27 ? 266 HOH A O   1 
HETATM 1586 O O   . HOH B 2 .   ? -11.710 -10.613 -13.659 1.00 69.97 ? 267 HOH A O   1 
HETATM 1587 O O   . HOH B 2 .   ? 19.578  14.830  -7.384  1.00 65.64 ? 268 HOH A O   1 
HETATM 1588 O O   . HOH B 2 .   ? -13.582 8.104   0.860   1.00 48.34 ? 269 HOH A O   1 
HETATM 1589 O O   . HOH B 2 .   ? 10.262  -7.315  -10.476 1.00 41.86 ? 270 HOH A O   1 
HETATM 1590 O O   . HOH B 2 .   ? 14.034  -4.162  -7.966  1.00 44.42 ? 271 HOH A O   1 
HETATM 1591 O O   . HOH B 2 .   ? 10.760  -16.406 9.395   1.00 50.27 ? 272 HOH A O   1 
HETATM 1592 O O   . HOH B 2 .   ? 16.764  2.483   -15.330 1.00 56.57 ? 273 HOH A O   1 
HETATM 1593 O O   . HOH B 2 .   ? 11.064  10.450  7.230   1.00 44.58 ? 274 HOH A O   1 
HETATM 1594 O O   . HOH B 2 .   ? 3.185   -6.735  -15.393 1.00 42.78 ? 275 HOH A O   1 
HETATM 1595 O O   . HOH B 2 .   ? 2.309   12.392  -12.806 1.00 51.03 ? 276 HOH A O   1 
HETATM 1596 O O   . HOH B 2 .   ? -11.019 -4.121  -14.982 1.00 54.02 ? 277 HOH A O   1 
HETATM 1597 O O   . HOH B 2 .   ? 7.650   3.170   11.839  1.00 49.00 ? 278 HOH A O   1 
HETATM 1598 O O   . HOH B 2 .   ? 1.123   4.028   -18.369 1.00 48.79 ? 279 HOH A O   1 
HETATM 1599 O O   . HOH B 2 .   ? 12.574  6.179   8.301   1.00 41.01 ? 280 HOH A O   1 
HETATM 1600 O O   . HOH B 2 .   ? 8.562   -15.134 -10.454 1.00 57.66 ? 281 HOH A O   1 
HETATM 1601 O O   . HOH B 2 .   ? 11.145  -7.033  -14.052 1.00 44.93 ? 282 HOH A O   1 
HETATM 1602 O O   . HOH B 2 .   ? -10.919 -6.773  14.273  1.00 44.36 ? 283 HOH A O   1 
HETATM 1603 O O   . HOH B 2 .   ? -9.594  5.747   14.955  1.00 48.61 ? 284 HOH A O   1 
HETATM 1604 O O   . HOH B 2 .   ? -15.909 -21.475 5.136   1.00 56.21 ? 285 HOH A O   1 
HETATM 1605 O O   . HOH B 2 .   ? 14.927  9.362   1.839   1.00 45.04 ? 286 HOH A O   1 
HETATM 1606 O O   . HOH B 2 .   ? -12.934 -12.505 -1.719  1.00 48.42 ? 287 HOH A O   1 
HETATM 1607 O O   . HOH B 2 .   ? 5.614   -4.037  -18.407 1.00 37.54 ? 288 HOH A O   1 
HETATM 1608 O O   . HOH B 2 .   ? 3.075   -4.763  -17.478 1.00 33.35 ? 289 HOH A O   1 
HETATM 1609 O O   . HOH B 2 .   ? -8.082  20.082  -3.070  1.00 48.61 ? 290 HOH A O   1 
HETATM 1610 O O   . HOH B 2 .   ? -8.328  1.454   -8.706  1.00 46.51 ? 291 HOH A O   1 
HETATM 1611 O O   . HOH B 2 .   ? 16.314  7.712   -8.651  1.00 53.72 ? 292 HOH A O   1 
HETATM 1612 O O   . HOH B 2 .   ? -2.780  1.824   -20.921 1.00 44.05 ? 293 HOH A O   1 
HETATM 1613 O O   . HOH B 2 .   ? 0.589   11.291  9.033   1.00 48.79 ? 294 HOH A O   1 
HETATM 1614 O O   . HOH B 2 .   ? -0.157  10.994  11.823  1.00 51.79 ? 295 HOH A O   1 
HETATM 1615 O O   . HOH B 2 .   ? -11.318 19.157  3.669   1.00 56.16 ? 296 HOH A O   1 
HETATM 1616 O O   . HOH B 2 .   ? -7.782  -23.925 0.382   1.00 51.77 ? 297 HOH A O   1 
HETATM 1617 O O   . HOH B 2 .   ? 13.366  8.101   0.992   1.00 45.42 ? 298 HOH A O   1 
HETATM 1618 O O   . HOH B 2 .   ? 2.227   9.289   -14.650 1.00 43.23 ? 299 HOH A O   1 
HETATM 1619 O O   . HOH B 2 .   ? -14.314 -18.950 6.026   1.00 57.16 ? 300 HOH A O   1 
HETATM 1620 O O   . HOH B 2 .   ? -16.871 0.075   -6.055  1.00 51.72 ? 301 HOH A O   1 
HETATM 1621 O O   . HOH B 2 .   ? -15.221 -14.757 -15.167 1.00 66.22 ? 302 HOH A O   1 
HETATM 1622 O O   . HOH B 2 .   ? -10.430 -10.181 -11.856 1.00 58.43 ? 303 HOH A O   1 
HETATM 1623 O O   . HOH B 2 .   ? 21.892  15.963  -5.819  1.00 62.17 ? 304 HOH A O   1 
HETATM 1624 O O   . HOH B 2 .   ? 0.155   13.283  8.313   1.00 48.87 ? 305 HOH A O   1 
HETATM 1625 O O   . HOH B 2 .   ? 17.434  7.786   -0.616  1.00 47.78 ? 306 HOH A O   1 
HETATM 1626 O O   . HOH B 2 .   ? -3.000  -16.577 -10.468 1.00 56.03 ? 307 HOH A O   1 
HETATM 1627 O O   . HOH B 2 .   ? -16.246 -13.326 -17.290 1.00 59.32 ? 308 HOH A O   1 
HETATM 1628 O O   . HOH B 2 .   ? 0.067   -22.317 11.529  1.00 58.04 ? 309 HOH A O   1 
HETATM 1629 O O   . HOH B 2 .   ? -0.288  5.492   -17.052 1.00 43.41 ? 310 HOH A O   1 
HETATM 1630 O O   . HOH B 2 .   ? 7.813   -10.117 6.797   1.00 43.59 ? 311 HOH A O   1 
HETATM 1631 O O   . HOH B 2 .   ? 9.678   -16.695 6.399   1.00 43.52 ? 312 HOH A O   1 
HETATM 1632 O O   . HOH B 2 .   ? -16.246 -16.217 -16.712 1.00 59.37 ? 313 HOH A O   1 
# 
